data_4AR3
# 
_entry.id   4AR3 
# 
_audit_conform.dict_name       mmcif_pdbx.dic 
_audit_conform.dict_version    5.391 
_audit_conform.dict_location   http://mmcif.pdb.org/dictionaries/ascii/mmcif_pdbx.dic 
# 
loop_
_database_2.database_id 
_database_2.database_code 
_database_2.pdbx_database_accession 
_database_2.pdbx_DOI 
PDB   4AR3         pdb_00004ar3 10.2210/pdb4ar3/pdb 
PDBE  EBI-52056    ?            ?                   
WWPDB D_1290052056 ?            ?                   
# 
loop_
_pdbx_audit_revision_history.ordinal 
_pdbx_audit_revision_history.data_content_type 
_pdbx_audit_revision_history.major_revision 
_pdbx_audit_revision_history.minor_revision 
_pdbx_audit_revision_history.revision_date 
1 'Structure model' 1 0 2013-01-16 
2 'Structure model' 1 1 2013-03-06 
3 'Structure model' 1 2 2013-08-14 
4 'Structure model' 1 3 2017-03-22 
5 'Structure model' 1 4 2019-08-28 
6 'Structure model' 2 0 2021-06-09 
7 'Structure model' 2 1 2024-05-08 
# 
_pdbx_audit_revision_details.ordinal             1 
_pdbx_audit_revision_details.revision_ordinal    1 
_pdbx_audit_revision_details.data_content_type   'Structure model' 
_pdbx_audit_revision_details.provider            repository 
_pdbx_audit_revision_details.type                'Initial release' 
_pdbx_audit_revision_details.description         ? 
_pdbx_audit_revision_details.details             ? 
# 
loop_
_pdbx_audit_revision_group.ordinal 
_pdbx_audit_revision_group.revision_ordinal 
_pdbx_audit_revision_group.data_content_type 
_pdbx_audit_revision_group.group 
1  2 'Structure model' 'Database references'     
2  3 'Structure model' 'Atomic model'            
3  4 'Structure model' 'Data collection'         
4  5 'Structure model' 'Data collection'         
5  6 'Structure model' 'Data collection'         
6  6 'Structure model' 'Database references'     
7  6 'Structure model' 'Derived calculations'    
8  6 'Structure model' 'Non-polymer description' 
9  6 'Structure model' Other                     
10 6 'Structure model' 'Source and taxonomy'     
11 6 'Structure model' 'Structure summary'       
12 7 'Structure model' 'Data collection'         
13 7 'Structure model' 'Database references'     
# 
loop_
_pdbx_audit_revision_category.ordinal 
_pdbx_audit_revision_category.revision_ordinal 
_pdbx_audit_revision_category.data_content_type 
_pdbx_audit_revision_category.category 
1  5 'Structure model' reflns                    
2  6 'Structure model' chem_comp                 
3  6 'Structure model' citation                  
4  6 'Structure model' entity                    
5  6 'Structure model' entity_name_com           
6  6 'Structure model' entity_src_gen            
7  6 'Structure model' pdbx_database_status      
8  6 'Structure model' pdbx_struct_assembly_prop 
9  6 'Structure model' reflns                    
10 6 'Structure model' struct_conn               
11 6 'Structure model' struct_ref                
12 6 'Structure model' struct_site               
13 7 'Structure model' chem_comp_atom            
14 7 'Structure model' chem_comp_bond            
15 7 'Structure model' database_2                
# 
loop_
_pdbx_audit_revision_item.ordinal 
_pdbx_audit_revision_item.revision_ordinal 
_pdbx_audit_revision_item.data_content_type 
_pdbx_audit_revision_item.item 
1  5 'Structure model' '_reflns.pdbx_Rrim_I_all'                        
2  5 'Structure model' '_reflns.pdbx_Rsym_value'                        
3  5 'Structure model' '_reflns.pdbx_netI_over_sigmaI'                  
4  6 'Structure model' '_chem_comp.formula'                             
5  6 'Structure model' '_citation.journal_id_ASTM'                      
6  6 'Structure model' '_citation.journal_id_CSD'                       
7  6 'Structure model' '_citation.journal_id_ISSN'                      
8  6 'Structure model' '_entity.pdbx_description'                       
9  6 'Structure model' '_entity_name_com.name'                          
10 6 'Structure model' '_entity_src_gen.gene_src_strain'                
11 6 'Structure model' '_entity_src_gen.pdbx_beg_seq_num'               
12 6 'Structure model' '_entity_src_gen.pdbx_end_seq_num'               
13 6 'Structure model' '_entity_src_gen.pdbx_gene_src_gene'             
14 6 'Structure model' '_entity_src_gen.pdbx_gene_src_ncbi_taxonomy_id' 
15 6 'Structure model' '_entity_src_gen.pdbx_gene_src_scientific_name'  
16 6 'Structure model' '_entity_src_gen.pdbx_host_org_scientific_name'  
17 6 'Structure model' '_entity_src_gen.pdbx_host_org_vector'           
18 6 'Structure model' '_entity_src_gen.pdbx_seq_type'                  
19 6 'Structure model' '_pdbx_database_status.status_code_sf'           
20 6 'Structure model' '_reflns.d_resolution_high'                      
21 6 'Structure model' '_struct_conn.ptnr1_auth_comp_id'                
22 6 'Structure model' '_struct_conn.ptnr1_auth_seq_id'                 
23 6 'Structure model' '_struct_conn.ptnr1_label_asym_id'               
24 6 'Structure model' '_struct_conn.ptnr1_label_atom_id'               
25 6 'Structure model' '_struct_conn.ptnr1_label_comp_id'               
26 6 'Structure model' '_struct_conn.ptnr1_label_seq_id'                
27 6 'Structure model' '_struct_conn.ptnr2_auth_comp_id'                
28 6 'Structure model' '_struct_conn.ptnr2_auth_seq_id'                 
29 6 'Structure model' '_struct_conn.ptnr2_label_asym_id'               
30 6 'Structure model' '_struct_conn.ptnr2_label_atom_id'               
31 6 'Structure model' '_struct_conn.ptnr2_label_comp_id'               
32 6 'Structure model' '_struct_conn.ptnr2_label_seq_id'                
33 6 'Structure model' '_struct_ref.pdbx_align_begin'                   
34 6 'Structure model' '_struct_ref.pdbx_seq_one_letter_code'           
35 6 'Structure model' '_struct_site.pdbx_auth_asym_id'                 
36 6 'Structure model' '_struct_site.pdbx_auth_comp_id'                 
37 6 'Structure model' '_struct_site.pdbx_auth_seq_id'                  
38 7 'Structure model' '_database_2.pdbx_DOI'                           
39 7 'Structure model' '_database_2.pdbx_database_accession'            
# 
_pdbx_database_status.status_code                     REL 
_pdbx_database_status.entry_id                        4AR3 
_pdbx_database_status.deposit_site                    PDBE 
_pdbx_database_status.process_site                    PDBE 
_pdbx_database_status.SG_entry                        . 
_pdbx_database_status.recvd_initial_deposition_date   2012-04-20 
_pdbx_database_status.pdb_format_compatible           Y 
_pdbx_database_status.status_code_sf                  REL 
_pdbx_database_status.status_code_mr                  ? 
_pdbx_database_status.status_code_cs                  ? 
_pdbx_database_status.methods_development_category    ? 
_pdbx_database_status.status_code_nmr_data            ? 
# 
loop_
_pdbx_database_related.db_name 
_pdbx_database_related.db_id 
_pdbx_database_related.content_type 
_pdbx_database_related.details 
PDB 1BQ8 unspecified 'RUBREDOXIN (METHIONINE MUTANT) FROM PYROCOCCUS FURIOSUS' 
PDB 1BQ9 unspecified 'RUBREDOXIN (FORMYL METHIONINE MUTANT) FROM PYROCOCCUS FURIOSUS' 
PDB 1BRF unspecified 'RUBREDOXIN (WILD TYPE) FROM PYROCOCCUS FURIOSUS' 
PDB 1CAA unspecified 'RUBREDOXIN (OXIDIZED)' 
PDB 1CAD unspecified 'RUBREDOXIN (REDUCED)' 
PDB 1IU5 unspecified 'X-RAY CRYSTAL STRUCTURE OF THE RUBREDOXIN MUTANT FROMPYROCOCCUS FURIOSUS' 
PDB 1IU6 unspecified 'NEUTRON CRYSTAL STRUCTURE OF THE RUBREDOXIN MUTANT FROMPYROCOCCUS FURIOSUS' 
PDB 1QCV unspecified 'RUBREDOXIN VARIANT (PFRD-XC4) FOLDS WITHOUT IRON' 
PDB 1RWD unspecified 'BACKBONE NMR STRUCTURE OF A MUTANT P. FURIOSUS RUBREDOXINUSING RESIDUAL DIPOLAR COUPLINGS' 
PDB 1VCX unspecified 'NEUTRON CRYSTAL STRUCTURE OF THE WILD TYPE RUBREDOXIN FROMPYROCOCCUS FURIOSUS AT 1.5A RESOLUTION' 
PDB 1ZRP unspecified 'RUBREDOXIN (ZN-SUBSTITUTED) (NMR, 40 STRUCTURES)' 
PDB 4AR6 unspecified 
;X-RAY CRYSTALLOGRAPHIC STRUCTURE OF THE REDUCED FORM PERDEUTERATED PYROCOCCUS FURIOSUS RUBREDOXIN AT 295 K ( IN QUARTZ CAPILLARY) TO 0.92 ANGSTROMS RESOLUTION.
;
PDB 4AR4 unspecified 
'NEUTRON CRYSTALLOGRAPHIC STRUCTURE OF THE REDUCED FORM PERDEUTERATED PYROCOCCUS FURIOSUS RUBREDOXIN TO 1.38 ANGSTROMS RESOLUTION.' 
PDB 4AR5 unspecified 
;X-RAY CRYSTALLOGRAPHIC STRUCTURE OF THE OXIDISED FORM PERDEUTERATED PYROCOCCUS FURIOSUS RUBREDOXIN IN D2O AT 295K (IN QUARTZ CAPILLARY) TO 1.00 ANGSTROM RESOLUTION.
;
# 
loop_
_audit_author.name 
_audit_author.pdbx_ordinal 
_audit_author.identifier_ORCID 
'Cuypers, M.G.'  1 ? 
'Mason, S.A.'    2 ? 
'Blakeley, M.P.' 3 ? 
'Mitchell, E.P.' 4 ? 
'Haertlein, M.'  5 ? 
'Forsyth, V.T.'  6 ? 
# 
_citation.id                        primary 
_citation.title                     
;Near-Atomic Resolution Neutron Crystallography on Perdeuterated Pyrococcus Furiosus Rubredoxin: Implication of Hydronium Ions and Protonation State Equilibria in Redox Changes.
;
_citation.journal_abbrev            Angew.Chem.Int.Ed.Engl. 
_citation.journal_volume            52 
_citation.page_first                1022 
_citation.page_last                 ? 
_citation.year                      2013 
_citation.journal_id_ASTM           ACIEAY 
_citation.country                   GE 
_citation.journal_id_ISSN           1521-3773 
_citation.journal_id_CSD            0179 
_citation.book_publisher            ? 
_citation.pdbx_database_id_PubMed   23225503 
_citation.pdbx_database_id_DOI      10.1002/ANIE.201207071 
# 
loop_
_citation_author.citation_id 
_citation_author.name 
_citation_author.ordinal 
_citation_author.identifier_ORCID 
primary 'Cuypers, M.G.'  1 ? 
primary 'Mason, S.A.'    2 ? 
primary 'Blakeley, M.P.' 3 ? 
primary 'Mitchell, E.P.' 4 ? 
primary 'Haertlein, M.'  5 ? 
primary 'Forsyth, V.T.'  6 ? 
# 
loop_
_entity.id 
_entity.type 
_entity.src_method 
_entity.pdbx_description 
_entity.formula_weight 
_entity.pdbx_number_of_molecules 
_entity.pdbx_ec 
_entity.pdbx_mutation 
_entity.pdbx_fragment 
_entity.details 
1 polymer     man Rubredoxin           6031.728 1   ? ? ? 'OXIDISED, FE (III) STATE, HYDRONIUM IONS, CARBOXYLIC DEUTERONS' 
2 non-polymer syn 'FE (III) ION'       55.845   1   ? ? ? ?                                                                
3 non-polymer syn 'deuterium(1+)'      2.014    4   ? ? ? ?                                                                
4 non-polymer syn trideuteriooxidanium 22.042   4   ? ? ? ?                                                                
5 water       nat water                18.015   149 ? ? ? ?                                                                
# 
_entity_name_com.entity_id   1 
_entity_name_com.name        Rd 
# 
_entity_poly.entity_id                      1 
_entity_poly.type                           'polypeptide(L)' 
_entity_poly.nstd_linkage                   no 
_entity_poly.nstd_monomer                   no 
_entity_poly.pdbx_seq_one_letter_code       MAKWVCKICGYIYDEDAGDPDNGISPGTKFEELPDDWVCPICGAPKSEFEKLED 
_entity_poly.pdbx_seq_one_letter_code_can   MAKWVCKICGYIYDEDAGDPDNGISPGTKFEELPDDWVCPICGAPKSEFEKLED 
_entity_poly.pdbx_strand_id                 A 
_entity_poly.pdbx_target_identifier         ? 
# 
loop_
_pdbx_entity_nonpoly.entity_id 
_pdbx_entity_nonpoly.name 
_pdbx_entity_nonpoly.comp_id 
2 'FE (III) ION'       FE  
3 'deuterium(1+)'      D8U 
4 trideuteriooxidanium D3O 
5 water                DOD 
# 
loop_
_entity_poly_seq.entity_id 
_entity_poly_seq.num 
_entity_poly_seq.mon_id 
_entity_poly_seq.hetero 
1 1  MET n 
1 2  ALA n 
1 3  LYS n 
1 4  TRP n 
1 5  VAL n 
1 6  CYS n 
1 7  LYS n 
1 8  ILE n 
1 9  CYS n 
1 10 GLY n 
1 11 TYR n 
1 12 ILE n 
1 13 TYR n 
1 14 ASP n 
1 15 GLU n 
1 16 ASP n 
1 17 ALA n 
1 18 GLY n 
1 19 ASP n 
1 20 PRO n 
1 21 ASP n 
1 22 ASN n 
1 23 GLY n 
1 24 ILE n 
1 25 SER n 
1 26 PRO n 
1 27 GLY n 
1 28 THR n 
1 29 LYS n 
1 30 PHE n 
1 31 GLU n 
1 32 GLU n 
1 33 LEU n 
1 34 PRO n 
1 35 ASP n 
1 36 ASP n 
1 37 TRP n 
1 38 VAL n 
1 39 CYS n 
1 40 PRO n 
1 41 ILE n 
1 42 CYS n 
1 43 GLY n 
1 44 ALA n 
1 45 PRO n 
1 46 LYS n 
1 47 SER n 
1 48 GLU n 
1 49 PHE n 
1 50 GLU n 
1 51 LYS n 
1 52 LEU n 
1 53 GLU n 
1 54 ASP n 
# 
_entity_src_gen.entity_id                          1 
_entity_src_gen.pdbx_src_id                        1 
_entity_src_gen.pdbx_alt_source_flag               sample 
_entity_src_gen.pdbx_seq_type                      'Biological sequence' 
_entity_src_gen.pdbx_beg_seq_num                   1 
_entity_src_gen.pdbx_end_seq_num                   54 
_entity_src_gen.gene_src_common_name               ? 
_entity_src_gen.gene_src_genus                     ? 
_entity_src_gen.pdbx_gene_src_gene                 'rub, PF1282' 
_entity_src_gen.gene_src_species                   ? 
_entity_src_gen.gene_src_strain                    'ATCC 43587 / DSM 3638 / JCM 8422 / Vc1' 
_entity_src_gen.gene_src_tissue                    ? 
_entity_src_gen.gene_src_tissue_fraction           ? 
_entity_src_gen.gene_src_details                   ? 
_entity_src_gen.pdbx_gene_src_fragment             ? 
_entity_src_gen.pdbx_gene_src_scientific_name      'Pyrococcus furiosus (strain ATCC 43587 / DSM 3638 / JCM 8422 / Vc1)' 
_entity_src_gen.pdbx_gene_src_ncbi_taxonomy_id     186497 
_entity_src_gen.pdbx_gene_src_variant              ? 
_entity_src_gen.pdbx_gene_src_cell_line            ? 
_entity_src_gen.pdbx_gene_src_atcc                 ? 
_entity_src_gen.pdbx_gene_src_organ                ? 
_entity_src_gen.pdbx_gene_src_organelle            ? 
_entity_src_gen.pdbx_gene_src_cell                 ? 
_entity_src_gen.pdbx_gene_src_cellular_location    ? 
_entity_src_gen.host_org_common_name               ? 
_entity_src_gen.pdbx_host_org_scientific_name      'Escherichia coli' 
_entity_src_gen.pdbx_host_org_ncbi_taxonomy_id     562 
_entity_src_gen.host_org_genus                     ? 
_entity_src_gen.pdbx_host_org_gene                 ? 
_entity_src_gen.pdbx_host_org_organ                ? 
_entity_src_gen.host_org_species                   ? 
_entity_src_gen.pdbx_host_org_tissue               ? 
_entity_src_gen.pdbx_host_org_tissue_fraction      ? 
_entity_src_gen.pdbx_host_org_strain               ? 
_entity_src_gen.pdbx_host_org_variant              ? 
_entity_src_gen.pdbx_host_org_cell_line            ? 
_entity_src_gen.pdbx_host_org_atcc                 ? 
_entity_src_gen.pdbx_host_org_culture_collection   ? 
_entity_src_gen.pdbx_host_org_cell                 ? 
_entity_src_gen.pdbx_host_org_organelle            ? 
_entity_src_gen.pdbx_host_org_cellular_location    ? 
_entity_src_gen.pdbx_host_org_vector_type          PLASMID 
_entity_src_gen.pdbx_host_org_vector               pET28A 
_entity_src_gen.host_org_details                   ? 
_entity_src_gen.expression_system_id               ? 
_entity_src_gen.plasmid_name                       ? 
_entity_src_gen.plasmid_details                    ? 
_entity_src_gen.pdbx_description                   ? 
# 
loop_
_chem_comp.id 
_chem_comp.type 
_chem_comp.mon_nstd_flag 
_chem_comp.name 
_chem_comp.pdbx_synonyms 
_chem_comp.formula 
_chem_comp.formula_weight 
ALA 'L-peptide linking' y ALANINE              ?                       'C3 H7 N O2'     89.093  
ASN 'L-peptide linking' y ASPARAGINE           ?                       'C4 H8 N2 O3'    132.118 
ASP 'L-peptide linking' y 'ASPARTIC ACID'      ?                       'C4 H7 N O4'     133.103 
CYS 'L-peptide linking' y CYSTEINE             ?                       'C3 H7 N O2 S'   121.158 
D3O non-polymer         . trideuteriooxidanium 'perdeuterated oxonium' 'D3 O 1'         22.042  
D8U non-polymer         . 'deuterium(1+)'      ?                       'D 1'            2.014   
DOD non-polymer         . 'DEUTERATED WATER'   ?                       'D2 O'           20.028  
FE  non-polymer         . 'FE (III) ION'       ?                       'Fe 3'           55.845  
GLU 'L-peptide linking' y 'GLUTAMIC ACID'      ?                       'C5 H9 N O4'     147.129 
GLY 'peptide linking'   y GLYCINE              ?                       'C2 H5 N O2'     75.067  
ILE 'L-peptide linking' y ISOLEUCINE           ?                       'C6 H13 N O2'    131.173 
LEU 'L-peptide linking' y LEUCINE              ?                       'C6 H13 N O2'    131.173 
LYS 'L-peptide linking' y LYSINE               ?                       'C6 H15 N2 O2 1' 147.195 
MET 'L-peptide linking' y METHIONINE           ?                       'C5 H11 N O2 S'  149.211 
PHE 'L-peptide linking' y PHENYLALANINE        ?                       'C9 H11 N O2'    165.189 
PRO 'L-peptide linking' y PROLINE              ?                       'C5 H9 N O2'     115.130 
SER 'L-peptide linking' y SERINE               ?                       'C3 H7 N O3'     105.093 
THR 'L-peptide linking' y THREONINE            ?                       'C4 H9 N O3'     119.119 
TRP 'L-peptide linking' y TRYPTOPHAN           ?                       'C11 H12 N2 O2'  204.225 
TYR 'L-peptide linking' y TYROSINE             ?                       'C9 H11 N O3'    181.189 
VAL 'L-peptide linking' y VALINE               ?                       'C5 H11 N O2'    117.146 
# 
loop_
_pdbx_poly_seq_scheme.asym_id 
_pdbx_poly_seq_scheme.entity_id 
_pdbx_poly_seq_scheme.seq_id 
_pdbx_poly_seq_scheme.mon_id 
_pdbx_poly_seq_scheme.ndb_seq_num 
_pdbx_poly_seq_scheme.pdb_seq_num 
_pdbx_poly_seq_scheme.auth_seq_num 
_pdbx_poly_seq_scheme.pdb_mon_id 
_pdbx_poly_seq_scheme.auth_mon_id 
_pdbx_poly_seq_scheme.pdb_strand_id 
_pdbx_poly_seq_scheme.pdb_ins_code 
_pdbx_poly_seq_scheme.hetero 
A 1 1  MET 1  0  0  MET MET A . n 
A 1 2  ALA 2  1  1  ALA ALA A . n 
A 1 3  LYS 3  2  2  LYS LYS A . n 
A 1 4  TRP 4  3  3  TRP TRP A . n 
A 1 5  VAL 5  4  4  VAL VAL A . n 
A 1 6  CYS 6  5  5  CYS CYS A . n 
A 1 7  LYS 7  6  6  LYS LYS A . n 
A 1 8  ILE 8  7  7  ILE ILE A . n 
A 1 9  CYS 9  8  8  CYS CYS A . n 
A 1 10 GLY 10 9  9  GLY GLY A . n 
A 1 11 TYR 11 10 10 TYR TYR A . n 
A 1 12 ILE 12 11 11 ILE ILE A . n 
A 1 13 TYR 13 12 12 TYR TYR A . n 
A 1 14 ASP 14 13 13 ASP ASP A . n 
A 1 15 GLU 15 14 14 GLU GLU A . n 
A 1 16 ASP 16 15 15 ASP ASP A . n 
A 1 17 ALA 17 16 16 ALA ALA A . n 
A 1 18 GLY 18 17 17 GLY GLY A . n 
A 1 19 ASP 19 18 18 ASP ASP A . n 
A 1 20 PRO 20 19 19 PRO PRO A . n 
A 1 21 ASP 21 20 20 ASP ASP A . n 
A 1 22 ASN 22 21 21 ASN ASN A . n 
A 1 23 GLY 23 22 22 GLY GLY A . n 
A 1 24 ILE 24 23 23 ILE ILE A . n 
A 1 25 SER 25 24 24 SER SER A . n 
A 1 26 PRO 26 25 25 PRO PRO A . n 
A 1 27 GLY 27 26 26 GLY GLY A . n 
A 1 28 THR 28 27 27 THR THR A . n 
A 1 29 LYS 29 28 28 LYS LYS A . n 
A 1 30 PHE 30 29 29 PHE PHE A . n 
A 1 31 GLU 31 30 30 GLU GLU A . n 
A 1 32 GLU 32 31 31 GLU GLU A . n 
A 1 33 LEU 33 32 32 LEU LEU A . n 
A 1 34 PRO 34 33 33 PRO PRO A . n 
A 1 35 ASP 35 34 34 ASP ASP A . n 
A 1 36 ASP 36 35 35 ASP ASP A . n 
A 1 37 TRP 37 36 36 TRP TRP A . n 
A 1 38 VAL 38 37 37 VAL VAL A . n 
A 1 39 CYS 39 38 38 CYS CYS A . n 
A 1 40 PRO 40 39 39 PRO PRO A . n 
A 1 41 ILE 41 40 40 ILE ILE A . n 
A 1 42 CYS 42 41 41 CYS CYS A . n 
A 1 43 GLY 43 42 42 GLY GLY A . n 
A 1 44 ALA 44 43 43 ALA ALA A . n 
A 1 45 PRO 45 44 44 PRO PRO A . n 
A 1 46 LYS 46 45 45 LYS LYS A . n 
A 1 47 SER 47 46 46 SER SER A . n 
A 1 48 GLU 48 47 47 GLU GLU A . n 
A 1 49 PHE 49 48 48 PHE PHE A . n 
A 1 50 GLU 50 49 49 GLU GLU A . n 
A 1 51 LYS 51 50 50 LYS LYS A . n 
A 1 52 LEU 52 51 51 LEU LEU A . n 
A 1 53 GLU 53 52 52 GLU GLU A . n 
A 1 54 ASP 54 53 53 ASP ASP A . n 
# 
loop_
_pdbx_nonpoly_scheme.asym_id 
_pdbx_nonpoly_scheme.entity_id 
_pdbx_nonpoly_scheme.mon_id 
_pdbx_nonpoly_scheme.ndb_seq_num 
_pdbx_nonpoly_scheme.pdb_seq_num 
_pdbx_nonpoly_scheme.auth_seq_num 
_pdbx_nonpoly_scheme.pdb_mon_id 
_pdbx_nonpoly_scheme.auth_mon_id 
_pdbx_nonpoly_scheme.pdb_strand_id 
_pdbx_nonpoly_scheme.pdb_ins_code 
B 2 FE  1   1054 1054 FE  FE  A . 
C 3 D8U 1   1055 1055 D8U D8U A . 
D 3 D8U 1   1056 1056 D8U D8U A . 
E 3 D8U 1   1057 1057 D8U D8U A . 
F 3 D8U 1   1058 1058 D8U D8U A . 
G 4 D3O 1   1059 1059 D3O D3O A . 
H 4 D3O 1   1060 1060 D3O D3O A . 
I 4 D3O 1   1061 1061 D3O D3O A . 
J 4 D3O 1   1062 1062 D3O D3O A . 
K 5 DOD 1   2001 2001 DOD DOD A . 
K 5 DOD 2   2002 2002 DOD DOD A . 
K 5 DOD 3   2003 2003 DOD DOD A . 
K 5 DOD 4   2005 2005 DOD DOD A . 
K 5 DOD 5   2006 2006 DOD DOD A . 
K 5 DOD 6   2007 2007 DOD DOD A . 
K 5 DOD 7   2009 2009 DOD DOD A . 
K 5 DOD 8   2010 2010 DOD DOD A . 
K 5 DOD 9   2011 2011 DOD DOD A . 
K 5 DOD 10  2012 2012 DOD DOD A . 
K 5 DOD 11  2013 2013 DOD DOD A . 
K 5 DOD 12  2014 2014 DOD DOD A . 
K 5 DOD 13  2015 2015 DOD DOD A . 
K 5 DOD 14  2016 2016 DOD DOD A . 
K 5 DOD 15  2017 2017 DOD DOD A . 
K 5 DOD 16  2018 2018 DOD DOD A . 
K 5 DOD 17  2021 2021 DOD DOD A . 
K 5 DOD 18  2022 2022 DOD DOD A . 
K 5 DOD 19  2023 2023 DOD DOD A . 
K 5 DOD 20  2024 2024 DOD DOD A . 
K 5 DOD 21  2026 2026 DOD DOD A . 
K 5 DOD 22  2027 2027 DOD DOD A . 
K 5 DOD 23  2028 2028 DOD DOD A . 
K 5 DOD 24  2029 2029 DOD DOD A . 
K 5 DOD 25  2030 2030 DOD DOD A . 
K 5 DOD 26  2031 2031 DOD DOD A . 
K 5 DOD 27  2032 2032 DOD DOD A . 
K 5 DOD 28  2033 2033 DOD DOD A . 
K 5 DOD 29  2034 2034 DOD DOD A . 
K 5 DOD 30  2035 2035 DOD DOD A . 
K 5 DOD 31  2037 2037 DOD DOD A . 
K 5 DOD 32  2038 2038 DOD DOD A . 
K 5 DOD 33  2039 2039 DOD DOD A . 
K 5 DOD 34  2040 2040 DOD DOD A . 
K 5 DOD 35  2041 2041 DOD DOD A . 
K 5 DOD 36  2042 2042 DOD DOD A . 
K 5 DOD 37  2043 2043 DOD DOD A . 
K 5 DOD 38  2044 2044 DOD DOD A . 
K 5 DOD 39  2046 2046 DOD DOD A . 
K 5 DOD 40  2047 2047 DOD DOD A . 
K 5 DOD 41  2048 2048 DOD DOD A . 
K 5 DOD 42  2049 2049 DOD DOD A . 
K 5 DOD 43  2050 2050 DOD DOD A . 
K 5 DOD 44  2051 2051 DOD DOD A . 
K 5 DOD 45  2052 2052 DOD DOD A . 
K 5 DOD 46  2053 2053 DOD DOD A . 
K 5 DOD 47  2054 2054 DOD DOD A . 
K 5 DOD 48  2055 2055 DOD DOD A . 
K 5 DOD 49  2056 2056 DOD DOD A . 
K 5 DOD 50  2057 2057 DOD DOD A . 
K 5 DOD 51  2058 2058 DOD DOD A . 
K 5 DOD 52  2059 2059 DOD DOD A . 
K 5 DOD 53  2060 2060 DOD DOD A . 
K 5 DOD 54  2062 2062 DOD DOD A . 
K 5 DOD 55  2064 2064 DOD DOD A . 
K 5 DOD 56  2065 2065 DOD DOD A . 
K 5 DOD 57  2067 2067 DOD DOD A . 
K 5 DOD 58  2068 2068 DOD DOD A . 
K 5 DOD 59  2069 2069 DOD DOD A . 
K 5 DOD 60  2070 2070 DOD DOD A . 
K 5 DOD 61  2071 2071 DOD DOD A . 
K 5 DOD 62  2072 2072 DOD DOD A . 
K 5 DOD 63  2073 2073 DOD DOD A . 
K 5 DOD 64  2074 2074 DOD DOD A . 
K 5 DOD 65  2075 2075 DOD DOD A . 
K 5 DOD 66  2076 2076 DOD DOD A . 
K 5 DOD 67  2077 2077 DOD DOD A . 
K 5 DOD 68  2078 2078 DOD DOD A . 
K 5 DOD 69  2079 2079 DOD DOD A . 
K 5 DOD 70  2080 2080 DOD DOD A . 
K 5 DOD 71  2081 2081 DOD DOD A . 
K 5 DOD 72  2082 2082 DOD DOD A . 
K 5 DOD 73  2083 2083 DOD DOD A . 
K 5 DOD 74  2084 2084 DOD DOD A . 
K 5 DOD 75  2085 2085 DOD DOD A . 
K 5 DOD 76  2086 2086 DOD DOD A . 
K 5 DOD 77  2088 2088 DOD DOD A . 
K 5 DOD 78  2089 2089 DOD DOD A . 
K 5 DOD 79  2090 2090 DOD DOD A . 
K 5 DOD 80  2091 2091 DOD DOD A . 
K 5 DOD 81  2093 2093 DOD DOD A . 
K 5 DOD 82  2094 2094 DOD DOD A . 
K 5 DOD 83  2095 2095 DOD DOD A . 
K 5 DOD 84  2096 2096 DOD DOD A . 
K 5 DOD 85  2097 2097 DOD DOD A . 
K 5 DOD 86  2098 2098 DOD DOD A . 
K 5 DOD 87  2099 2099 DOD DOD A . 
K 5 DOD 88  2100 2100 DOD DOD A . 
K 5 DOD 89  2101 2101 DOD DOD A . 
K 5 DOD 90  2102 2102 DOD DOD A . 
K 5 DOD 91  2103 2103 DOD DOD A . 
K 5 DOD 92  2104 2104 DOD DOD A . 
K 5 DOD 93  2105 2105 DOD DOD A . 
K 5 DOD 94  2106 2106 DOD DOD A . 
K 5 DOD 95  2107 2107 DOD DOD A . 
K 5 DOD 96  2108 2108 DOD DOD A . 
K 5 DOD 97  2109 2109 DOD DOD A . 
K 5 DOD 98  2110 2110 DOD DOD A . 
K 5 DOD 99  2111 2111 DOD DOD A . 
K 5 DOD 100 2112 2112 DOD DOD A . 
K 5 DOD 101 2113 2113 DOD DOD A . 
K 5 DOD 102 2114 2114 DOD DOD A . 
K 5 DOD 103 2115 2115 DOD DOD A . 
K 5 DOD 104 2116 2116 DOD DOD A . 
K 5 DOD 105 2117 2117 DOD DOD A . 
K 5 DOD 106 2119 2119 DOD DOD A . 
K 5 DOD 107 2120 2120 DOD DOD A . 
K 5 DOD 108 2122 2122 DOD DOD A . 
K 5 DOD 109 2123 2123 DOD DOD A . 
K 5 DOD 110 2124 2124 DOD DOD A . 
K 5 DOD 111 2125 2125 DOD DOD A . 
K 5 DOD 112 2126 2126 DOD DOD A . 
K 5 DOD 113 2127 2127 DOD DOD A . 
K 5 DOD 114 2128 2128 DOD DOD A . 
K 5 DOD 115 2130 2130 DOD DOD A . 
K 5 DOD 116 2131 2131 DOD DOD A . 
K 5 DOD 117 2132 2132 DOD DOD A . 
K 5 DOD 118 2133 2133 DOD DOD A . 
K 5 DOD 119 2136 2136 DOD DOD A . 
K 5 DOD 120 2138 2138 DOD DOD A . 
K 5 DOD 121 2139 2139 DOD DOD A . 
K 5 DOD 122 2140 2140 DOD DOD A . 
K 5 DOD 123 2141 2141 DOD DOD A . 
K 5 DOD 124 2143 2143 DOD DOD A . 
K 5 DOD 125 2145 2145 DOD DOD A . 
K 5 DOD 126 2146 2146 DOD DOD A . 
K 5 DOD 127 2147 2147 DOD DOD A . 
K 5 DOD 128 2148 2148 DOD DOD A . 
K 5 DOD 129 2149 2149 DOD DOD A . 
K 5 DOD 130 2152 2152 DOD DOD A . 
K 5 DOD 131 2153 2153 DOD DOD A . 
K 5 DOD 132 2154 2154 DOD DOD A . 
K 5 DOD 133 2155 2155 DOD DOD A . 
K 5 DOD 134 2157 2157 DOD DOD A . 
K 5 DOD 135 2158 2158 DOD DOD A . 
K 5 DOD 136 2159 2159 DOD DOD A . 
K 5 DOD 137 2160 2160 DOD DOD A . 
K 5 DOD 138 2161 2161 DOD DOD A . 
K 5 DOD 139 2162 2162 DOD DOD A . 
K 5 DOD 140 2163 2163 DOD DOD A . 
K 5 DOD 141 2164 2164 DOD DOD A . 
K 5 DOD 142 2165 2165 DOD DOD A . 
K 5 DOD 143 2166 2166 DOD DOD A . 
K 5 DOD 144 2167 2167 DOD DOD A . 
K 5 DOD 145 2169 2169 DOD DOD A . 
K 5 DOD 146 2170 2170 DOD DOD A . 
K 5 DOD 147 2174 2174 DOD DOD A . 
K 5 DOD 148 2175 2175 DOD DOD A . 
K 5 DOD 149 2176 2176 DOD DOD A . 
# 
loop_
_software.name 
_software.classification 
_software.version 
_software.citation_id 
_software.pdbx_ordinal 
_software.date 
_software.type 
_software.location 
_software.language 
PHENIX  refinement       '(PHENIX.REFINE)' ? 1 ? ? ? ? 
RETREAT 'data reduction' .                 ? 2 ? ? ? ? 
RETREAT 'data scaling'   .                 ? 3 ? ? ? ? 
# 
_cell.entry_id           4AR3 
_cell.length_a           34.360 
_cell.length_b           35.316 
_cell.length_c           43.993 
_cell.angle_alpha        90.00 
_cell.angle_beta         90.00 
_cell.angle_gamma        90.00 
_cell.Z_PDB              4 
_cell.pdbx_unique_axis   ? 
# 
_symmetry.entry_id                         4AR3 
_symmetry.space_group_name_H-M             'P 21 21 21' 
_symmetry.pdbx_full_space_group_name_H-M   ? 
_symmetry.cell_setting                     ? 
_symmetry.Int_Tables_number                19 
# 
_exptl.entry_id          4AR3 
_exptl.method            'NEUTRON DIFFRACTION' 
_exptl.crystals_number   1 
# 
_exptl_crystal.id                    1 
_exptl_crystal.density_meas          ? 
_exptl_crystal.density_Matthews      1.46 
_exptl_crystal.density_percent_sol   15.08 
_exptl_crystal.description           NONE 
_exptl_crystal.preparation           ? 
# 
_exptl_crystal_grow.crystal_id      1 
_exptl_crystal_grow.method          ? 
_exptl_crystal_grow.temp            ? 
_exptl_crystal_grow.temp_details    ? 
_exptl_crystal_grow.pH              6.5 
_exptl_crystal_grow.pdbx_pH_range   ? 
_exptl_crystal_grow.pdbx_details    'PH 6.5' 
# 
_diffrn.id                               1 
_diffrn.ambient_temp                     ? 
_diffrn.ambient_temp_details             ? 
_diffrn.crystal_id                       1 
_diffrn.pdbx_serial_crystal_experiment   ? 
# 
_diffrn_detector.diffrn_id              1 
_diffrn_detector.detector               '5ATM 3HE, CURVED 120X30 DEGREES' 
_diffrn_detector.type                   'INSTITUT LAUE LANGEVIN DETECTOR GROUP' 
_diffrn_detector.pdbx_collection_date   ? 
_diffrn_detector.details                'BORON CARBIDE BEAM DEFINING APERTURES' 
# 
_diffrn_radiation.diffrn_id                        1 
_diffrn_radiation.wavelength_id                    1 
_diffrn_radiation.pdbx_monochromatic_or_laue_m_l   ? 
_diffrn_radiation.monochromator                    'PYROLYTIC GRAPHITE (002)' 
_diffrn_radiation.pdbx_diffrn_protocol             ? 
_diffrn_radiation.pdbx_scattering_type             neutron 
# 
_diffrn_radiation_wavelength.id           1 
_diffrn_radiation_wavelength.wavelength   1.46 
_diffrn_radiation_wavelength.wt           1.0 
# 
_diffrn_source.diffrn_id                   1 
_diffrn_source.source                      'NUCLEAR REACTOR' 
_diffrn_source.type                        'ILL BEAMLINE D19' 
_diffrn_source.pdbx_synchrotron_site       ILL 
_diffrn_source.pdbx_synchrotron_beamline   D19 
_diffrn_source.pdbx_wavelength             1.46 
_diffrn_source.pdbx_wavelength_list        ? 
# 
_reflns.pdbx_diffrn_id               1 
_reflns.pdbx_ordinal                 1 
_reflns.entry_id                     4AR3 
_reflns.observed_criterion_sigma_I   1.5 
_reflns.observed_criterion_sigma_F   ? 
_reflns.d_resolution_low             18.67 
_reflns.d_resolution_high            1.05 
_reflns.number_obs                   10521 
_reflns.number_all                   ? 
_reflns.percent_possible_obs         93.0 
_reflns.pdbx_Rmerge_I_obs            0.08 
_reflns.pdbx_Rsym_value              ? 
_reflns.pdbx_netI_over_sigmaI        10.1 
_reflns.B_iso_Wilson_estimate        8.36 
_reflns.pdbx_redundancy              3.1 
_reflns.pdbx_CC_half                 ? 
_reflns.pdbx_Rpim_I_all              ? 
_reflns.pdbx_Rrim_I_all              0.095 
_reflns.pdbx_CC_star                 ? 
# 
_refine.pdbx_refine_id                           'NEUTRON DIFFRACTION' 
_refine.entry_id                                 4AR3 
_refine.pdbx_diffrn_id                           1 
_refine.pdbx_TLS_residual_ADP_flag               ? 
_refine.ls_number_reflns_obs                     22729 
_refine.ls_number_reflns_all                     ? 
_refine.pdbx_ls_sigma_I                          ? 
_refine.pdbx_ls_sigma_F                          1.33 
_refine.pdbx_data_cutoff_high_absF               ? 
_refine.pdbx_data_cutoff_low_absF                ? 
_refine.pdbx_data_cutoff_high_rms_absF           ? 
_refine.ls_d_res_low                             15.705 
_refine.ls_d_res_high                            1.05 
_refine.ls_percent_reflns_obs                    88.73 
_refine.ls_R_factor_obs                          0.2010 
_refine.ls_R_factor_all                          ? 
_refine.ls_R_factor_R_work                       0.1990 
_refine.ls_R_factor_R_free                       0.2374 
_refine.ls_R_factor_R_free_error                 ? 
_refine.ls_R_factor_R_free_error_details         ? 
_refine.ls_percent_reflns_R_free                 5.1 
_refine.ls_number_reflns_R_free                  1159 
_refine.ls_number_parameters                     ? 
_refine.ls_number_restraints                     ? 
_refine.occupancy_min                            ? 
_refine.occupancy_max                            ? 
_refine.correlation_coeff_Fo_to_Fc               ? 
_refine.correlation_coeff_Fo_to_Fc_free          ? 
_refine.B_iso_mean                               ? 
_refine.aniso_B[1][1]                            -0.4276 
_refine.aniso_B[2][2]                            0.1858 
_refine.aniso_B[3][3]                            0.2418 
_refine.aniso_B[1][2]                            0.0000 
_refine.aniso_B[1][3]                            0.0000 
_refine.aniso_B[2][3]                            0.0000 
_refine.solvent_model_details                    'FLAT BULK SOLVENT MODEL' 
_refine.solvent_model_param_ksol                 0.600 
_refine.solvent_model_param_bsol                 80.058 
_refine.pdbx_solvent_vdw_probe_radii             0.90 
_refine.pdbx_solvent_ion_probe_radii             ? 
_refine.pdbx_solvent_shrinkage_radii             0.60 
_refine.pdbx_ls_cross_valid_method               ? 
_refine.details                                  ? 
_refine.pdbx_starting_model                      NONE 
_refine.pdbx_method_to_determine_struct          ? 
_refine.pdbx_isotropic_thermal_model             ? 
_refine.pdbx_stereochemistry_target_values       ML 
_refine.pdbx_stereochem_target_val_spec_case     ? 
_refine.pdbx_R_Free_selection_details            ? 
_refine.pdbx_overall_ESU_R                       ? 
_refine.pdbx_overall_ESU_R_Free                  ? 
_refine.overall_SU_ML                            0.20 
_refine.pdbx_overall_phase_error                 26.39 
_refine.overall_SU_B                             ? 
_refine.overall_SU_R_Cruickshank_DPI             ? 
_refine.pdbx_overall_SU_R_free_Cruickshank_DPI   ? 
_refine.pdbx_overall_SU_R_Blow_DPI               ? 
_refine.pdbx_overall_SU_R_free_Blow_DPI          ? 
# 
_refine_hist.pdbx_refine_id                   'NEUTRON DIFFRACTION' 
_refine_hist.cycle_id                         LAST 
_refine_hist.pdbx_number_atoms_protein        421 
_refine_hist.pdbx_number_atoms_nucleic_acid   0 
_refine_hist.pdbx_number_atoms_ligand         5 
_refine_hist.number_atoms_solvent             149 
_refine_hist.number_atoms_total               575 
_refine_hist.d_res_high                       1.05 
_refine_hist.d_res_low                        15.705 
# 
loop_
_refine_ls_restr.type 
_refine_ls_restr.dev_ideal 
_refine_ls_restr.dev_ideal_target 
_refine_ls_restr.weight 
_refine_ls_restr.number 
_refine_ls_restr.pdbx_refine_id 
_refine_ls_restr.pdbx_restraint_function 
f_bond_d           0.023  ? ? 1022 'NEUTRON DIFFRACTION' ? 
f_angle_d          1.976  ? ? 1702 'NEUTRON DIFFRACTION' ? 
f_dihedral_angle_d 13.321 ? ? 245  'NEUTRON DIFFRACTION' ? 
f_chiral_restr     0.122  ? ? 63   'NEUTRON DIFFRACTION' ? 
f_plane_restr      0.011  ? ? 143  'NEUTRON DIFFRACTION' ? 
# 
loop_
_refine_ls_shell.pdbx_refine_id 
_refine_ls_shell.pdbx_total_number_of_bins_used 
_refine_ls_shell.d_res_high 
_refine_ls_shell.d_res_low 
_refine_ls_shell.number_reflns_R_work 
_refine_ls_shell.R_factor_R_work 
_refine_ls_shell.percent_reflns_obs 
_refine_ls_shell.R_factor_R_free 
_refine_ls_shell.R_factor_R_free_error 
_refine_ls_shell.percent_reflns_R_free 
_refine_ls_shell.number_reflns_R_free 
_refine_ls_shell.number_reflns_all 
_refine_ls_shell.R_factor_all 
_refine_ls_shell.R_factor_obs 
_refine_ls_shell.number_reflns_obs 
'NEUTRON DIFFRACTION' . 1.0501 1.0978  2331 0.3924 79.00 0.3989 . . 136 . . . . 
'NEUTRON DIFFRACTION' . 1.0978 1.1557  2551 0.3437 85.00 0.3784 . . 135 . . . . 
'NEUTRON DIFFRACTION' . 1.1557 1.2281  2603 0.3133 87.00 0.3441 . . 146 . . . . 
'NEUTRON DIFFRACTION' . 1.2281 1.3229  2619 0.2715 87.00 0.3159 . . 135 . . . . 
'NEUTRON DIFFRACTION' . 1.3229 1.4559  2677 0.2279 89.00 0.2595 . . 155 . . . . 
'NEUTRON DIFFRACTION' . 1.4559 1.6664  2735 0.1855 91.00 0.2327 . . 153 . . . . 
'NEUTRON DIFFRACTION' . 1.6664 2.0987  2897 0.1377 94.00 0.1970 . . 154 . . . . 
'NEUTRON DIFFRACTION' . 2.0987 15.7072 3157 0.1577 98.00 0.1785 . . 145 . . . . 
# 
_struct.entry_id                  4AR3 
_struct.title                     
'Near-atomic resolution neutron crystallography on the oxidised form perdeuterated Pyrococcus furiosus rubredoxin.' 
_struct.pdbx_model_details        ? 
_struct.pdbx_CASP_flag            ? 
_struct.pdbx_model_type_details   ? 
# 
_struct_keywords.entry_id        4AR3 
_struct_keywords.pdbx_keywords   'ELECTRON TRANSPORT' 
_struct_keywords.text            'ELECTRON TRANSPORT, PERDEUTERATED, MONOCHROMATIC NEUTRON CRYSTALLOGRAPHY' 
# 
loop_
_struct_asym.id 
_struct_asym.pdbx_blank_PDB_chainid_flag 
_struct_asym.pdbx_modified 
_struct_asym.entity_id 
_struct_asym.details 
A N N 1 ? 
B N N 2 ? 
C N N 3 ? 
D N N 3 ? 
E N N 3 ? 
F N N 3 ? 
G N N 4 ? 
H N N 4 ? 
I N N 4 ? 
J N N 4 ? 
K N N 5 ? 
# 
_struct_ref.id                         1 
_struct_ref.db_name                    UNP 
_struct_ref.db_code                    RUBR_PYRFU 
_struct_ref.pdbx_db_accession          P24297 
_struct_ref.pdbx_db_isoform            ? 
_struct_ref.entity_id                  1 
_struct_ref.pdbx_seq_one_letter_code   MAKWVCKICGYIYDEDAGDPDNGISPGTKFEELPDDWVCPICGAPKSEFEKLED 
_struct_ref.pdbx_align_begin           1 
# 
_struct_ref_seq.align_id                      1 
_struct_ref_seq.ref_id                        1 
_struct_ref_seq.pdbx_PDB_id_code              4AR3 
_struct_ref_seq.pdbx_strand_id                A 
_struct_ref_seq.seq_align_beg                 1 
_struct_ref_seq.pdbx_seq_align_beg_ins_code   ? 
_struct_ref_seq.seq_align_end                 54 
_struct_ref_seq.pdbx_seq_align_end_ins_code   ? 
_struct_ref_seq.pdbx_db_accession             P24297 
_struct_ref_seq.db_align_beg                  1 
_struct_ref_seq.pdbx_db_align_beg_ins_code    ? 
_struct_ref_seq.db_align_end                  54 
_struct_ref_seq.pdbx_db_align_end_ins_code    ? 
_struct_ref_seq.pdbx_auth_seq_align_beg       0 
_struct_ref_seq.pdbx_auth_seq_align_end       53 
# 
_pdbx_struct_assembly.id                   1 
_pdbx_struct_assembly.details              author_and_software_defined_assembly 
_pdbx_struct_assembly.method_details       PISA 
_pdbx_struct_assembly.oligomeric_details   monomeric 
_pdbx_struct_assembly.oligomeric_count     1 
# 
loop_
_pdbx_struct_assembly_prop.biol_id 
_pdbx_struct_assembly_prop.type 
_pdbx_struct_assembly_prop.value 
_pdbx_struct_assembly_prop.details 
1 'ABSA (A^2)' 11000 ? 
1 MORE         71    ? 
1 'SSA (A^2)'  8570  ? 
# 
_pdbx_struct_assembly_gen.assembly_id       1 
_pdbx_struct_assembly_gen.oper_expression   1 
_pdbx_struct_assembly_gen.asym_id_list      A,B,C,D,E,F,G,H,I,J,K 
# 
_pdbx_struct_oper_list.id                   1 
_pdbx_struct_oper_list.type                 'identity operation' 
_pdbx_struct_oper_list.name                 1_555 
_pdbx_struct_oper_list.symmetry_operation   x,y,z 
_pdbx_struct_oper_list.matrix[1][1]         1.0000000000 
_pdbx_struct_oper_list.matrix[1][2]         0.0000000000 
_pdbx_struct_oper_list.matrix[1][3]         0.0000000000 
_pdbx_struct_oper_list.vector[1]            0.0000000000 
_pdbx_struct_oper_list.matrix[2][1]         0.0000000000 
_pdbx_struct_oper_list.matrix[2][2]         1.0000000000 
_pdbx_struct_oper_list.matrix[2][3]         0.0000000000 
_pdbx_struct_oper_list.vector[2]            0.0000000000 
_pdbx_struct_oper_list.matrix[3][1]         0.0000000000 
_pdbx_struct_oper_list.matrix[3][2]         0.0000000000 
_pdbx_struct_oper_list.matrix[3][3]         1.0000000000 
_pdbx_struct_oper_list.vector[3]            0.0000000000 
# 
loop_
_struct_conf.conf_type_id 
_struct_conf.id 
_struct_conf.pdbx_PDB_helix_id 
_struct_conf.beg_label_comp_id 
_struct_conf.beg_label_asym_id 
_struct_conf.beg_label_seq_id 
_struct_conf.pdbx_beg_PDB_ins_code 
_struct_conf.end_label_comp_id 
_struct_conf.end_label_asym_id 
_struct_conf.end_label_seq_id 
_struct_conf.pdbx_end_PDB_ins_code 
_struct_conf.beg_auth_comp_id 
_struct_conf.beg_auth_asym_id 
_struct_conf.beg_auth_seq_id 
_struct_conf.end_auth_comp_id 
_struct_conf.end_auth_asym_id 
_struct_conf.end_auth_seq_id 
_struct_conf.pdbx_PDB_helix_class 
_struct_conf.details 
_struct_conf.pdbx_PDB_helix_length 
HELX_P HELX_P1 1 PRO A 20 ? GLY A 23 ? PRO A 19 GLY A 22 5 ? 4 
HELX_P HELX_P2 2 LYS A 29 ? LEU A 33 ? LYS A 28 LEU A 32 5 ? 5 
# 
_struct_conf_type.id          HELX_P 
_struct_conf_type.criteria    ? 
_struct_conf_type.reference   ? 
# 
loop_
_struct_conn.id 
_struct_conn.conn_type_id 
_struct_conn.pdbx_leaving_atom_flag 
_struct_conn.pdbx_PDB_id 
_struct_conn.ptnr1_label_asym_id 
_struct_conn.ptnr1_label_comp_id 
_struct_conn.ptnr1_label_seq_id 
_struct_conn.ptnr1_label_atom_id 
_struct_conn.pdbx_ptnr1_label_alt_id 
_struct_conn.pdbx_ptnr1_PDB_ins_code 
_struct_conn.pdbx_ptnr1_standard_comp_id 
_struct_conn.ptnr1_symmetry 
_struct_conn.ptnr2_label_asym_id 
_struct_conn.ptnr2_label_comp_id 
_struct_conn.ptnr2_label_seq_id 
_struct_conn.ptnr2_label_atom_id 
_struct_conn.pdbx_ptnr2_label_alt_id 
_struct_conn.pdbx_ptnr2_PDB_ins_code 
_struct_conn.ptnr1_auth_asym_id 
_struct_conn.ptnr1_auth_comp_id 
_struct_conn.ptnr1_auth_seq_id 
_struct_conn.ptnr2_auth_asym_id 
_struct_conn.ptnr2_auth_comp_id 
_struct_conn.ptnr2_auth_seq_id 
_struct_conn.ptnr2_symmetry 
_struct_conn.pdbx_ptnr3_label_atom_id 
_struct_conn.pdbx_ptnr3_label_seq_id 
_struct_conn.pdbx_ptnr3_label_comp_id 
_struct_conn.pdbx_ptnr3_label_asym_id 
_struct_conn.pdbx_ptnr3_label_alt_id 
_struct_conn.pdbx_ptnr3_PDB_ins_code 
_struct_conn.details 
_struct_conn.pdbx_dist_value 
_struct_conn.pdbx_value_order 
_struct_conn.pdbx_role 
metalc1 metalc ? ? A CYS 6  SG ? ? ? 1_555 B FE . FE ? ? A CYS 5  A FE 1054 1_555 ? ? ? ? ? ? ? 2.274 ? ? 
metalc2 metalc ? ? A CYS 9  SG ? ? ? 1_555 B FE . FE ? ? A CYS 8  A FE 1054 1_555 ? ? ? ? ? ? ? 2.343 ? ? 
metalc3 metalc ? ? A CYS 39 SG ? ? ? 1_555 B FE . FE ? ? A CYS 38 A FE 1054 1_555 ? ? ? ? ? ? ? 2.227 ? ? 
metalc4 metalc ? ? A CYS 42 SG ? ? ? 1_555 B FE . FE ? ? A CYS 41 A FE 1054 1_555 ? ? ? ? ? ? ? 2.152 ? ? 
# 
_struct_conn_type.id          metalc 
_struct_conn_type.criteria    ? 
_struct_conn_type.reference   ? 
# 
loop_
_pdbx_struct_conn_angle.id 
_pdbx_struct_conn_angle.ptnr1_label_atom_id 
_pdbx_struct_conn_angle.ptnr1_label_alt_id 
_pdbx_struct_conn_angle.ptnr1_label_asym_id 
_pdbx_struct_conn_angle.ptnr1_label_comp_id 
_pdbx_struct_conn_angle.ptnr1_label_seq_id 
_pdbx_struct_conn_angle.ptnr1_auth_atom_id 
_pdbx_struct_conn_angle.ptnr1_auth_asym_id 
_pdbx_struct_conn_angle.ptnr1_auth_comp_id 
_pdbx_struct_conn_angle.ptnr1_auth_seq_id 
_pdbx_struct_conn_angle.ptnr1_PDB_ins_code 
_pdbx_struct_conn_angle.ptnr1_symmetry 
_pdbx_struct_conn_angle.ptnr2_label_atom_id 
_pdbx_struct_conn_angle.ptnr2_label_alt_id 
_pdbx_struct_conn_angle.ptnr2_label_asym_id 
_pdbx_struct_conn_angle.ptnr2_label_comp_id 
_pdbx_struct_conn_angle.ptnr2_label_seq_id 
_pdbx_struct_conn_angle.ptnr2_auth_atom_id 
_pdbx_struct_conn_angle.ptnr2_auth_asym_id 
_pdbx_struct_conn_angle.ptnr2_auth_comp_id 
_pdbx_struct_conn_angle.ptnr2_auth_seq_id 
_pdbx_struct_conn_angle.ptnr2_PDB_ins_code 
_pdbx_struct_conn_angle.ptnr2_symmetry 
_pdbx_struct_conn_angle.ptnr3_label_atom_id 
_pdbx_struct_conn_angle.ptnr3_label_alt_id 
_pdbx_struct_conn_angle.ptnr3_label_asym_id 
_pdbx_struct_conn_angle.ptnr3_label_comp_id 
_pdbx_struct_conn_angle.ptnr3_label_seq_id 
_pdbx_struct_conn_angle.ptnr3_auth_atom_id 
_pdbx_struct_conn_angle.ptnr3_auth_asym_id 
_pdbx_struct_conn_angle.ptnr3_auth_comp_id 
_pdbx_struct_conn_angle.ptnr3_auth_seq_id 
_pdbx_struct_conn_angle.ptnr3_PDB_ins_code 
_pdbx_struct_conn_angle.ptnr3_symmetry 
_pdbx_struct_conn_angle.value 
_pdbx_struct_conn_angle.value_esd 
1 SG ? A CYS 6  ? A CYS 5  ? 1_555 FE ? B FE . ? A FE 1054 ? 1_555 SG ? A CYS 9  ? A CYS 8  ? 1_555 115.2 ? 
2 SG ? A CYS 6  ? A CYS 5  ? 1_555 FE ? B FE . ? A FE 1054 ? 1_555 SG ? A CYS 39 ? A CYS 38 ? 1_555 105.8 ? 
3 SG ? A CYS 9  ? A CYS 8  ? 1_555 FE ? B FE . ? A FE 1054 ? 1_555 SG ? A CYS 39 ? A CYS 38 ? 1_555 102.7 ? 
4 SG ? A CYS 6  ? A CYS 5  ? 1_555 FE ? B FE . ? A FE 1054 ? 1_555 SG ? A CYS 42 ? A CYS 41 ? 1_555 108.0 ? 
5 SG ? A CYS 9  ? A CYS 8  ? 1_555 FE ? B FE . ? A FE 1054 ? 1_555 SG ? A CYS 42 ? A CYS 41 ? 1_555 112.1 ? 
6 SG ? A CYS 39 ? A CYS 38 ? 1_555 FE ? B FE . ? A FE 1054 ? 1_555 SG ? A CYS 42 ? A CYS 41 ? 1_555 112.8 ? 
# 
_struct_sheet.id               AA 
_struct_sheet.type             ? 
_struct_sheet.number_strands   3 
_struct_sheet.details          ? 
# 
loop_
_struct_sheet_order.sheet_id 
_struct_sheet_order.range_id_1 
_struct_sheet_order.range_id_2 
_struct_sheet_order.offset 
_struct_sheet_order.sense 
AA 1 2 ? anti-parallel 
AA 2 3 ? anti-parallel 
# 
loop_
_struct_sheet_range.sheet_id 
_struct_sheet_range.id 
_struct_sheet_range.beg_label_comp_id 
_struct_sheet_range.beg_label_asym_id 
_struct_sheet_range.beg_label_seq_id 
_struct_sheet_range.pdbx_beg_PDB_ins_code 
_struct_sheet_range.end_label_comp_id 
_struct_sheet_range.end_label_asym_id 
_struct_sheet_range.end_label_seq_id 
_struct_sheet_range.pdbx_end_PDB_ins_code 
_struct_sheet_range.beg_auth_comp_id 
_struct_sheet_range.beg_auth_asym_id 
_struct_sheet_range.beg_auth_seq_id 
_struct_sheet_range.end_auth_comp_id 
_struct_sheet_range.end_auth_asym_id 
_struct_sheet_range.end_auth_seq_id 
AA 1 ILE A 12 ? ASP A 14 ? ILE A 11 ASP A 13 
AA 2 LYS A 3  ? CYS A 6  ? LYS A 2  CYS A 5  
AA 3 PHE A 49 ? LYS A 51 ? PHE A 48 LYS A 50 
# 
loop_
_pdbx_struct_sheet_hbond.sheet_id 
_pdbx_struct_sheet_hbond.range_id_1 
_pdbx_struct_sheet_hbond.range_id_2 
_pdbx_struct_sheet_hbond.range_1_label_atom_id 
_pdbx_struct_sheet_hbond.range_1_label_comp_id 
_pdbx_struct_sheet_hbond.range_1_label_asym_id 
_pdbx_struct_sheet_hbond.range_1_label_seq_id 
_pdbx_struct_sheet_hbond.range_1_PDB_ins_code 
_pdbx_struct_sheet_hbond.range_1_auth_atom_id 
_pdbx_struct_sheet_hbond.range_1_auth_comp_id 
_pdbx_struct_sheet_hbond.range_1_auth_asym_id 
_pdbx_struct_sheet_hbond.range_1_auth_seq_id 
_pdbx_struct_sheet_hbond.range_2_label_atom_id 
_pdbx_struct_sheet_hbond.range_2_label_comp_id 
_pdbx_struct_sheet_hbond.range_2_label_asym_id 
_pdbx_struct_sheet_hbond.range_2_label_seq_id 
_pdbx_struct_sheet_hbond.range_2_PDB_ins_code 
_pdbx_struct_sheet_hbond.range_2_auth_atom_id 
_pdbx_struct_sheet_hbond.range_2_auth_comp_id 
_pdbx_struct_sheet_hbond.range_2_auth_asym_id 
_pdbx_struct_sheet_hbond.range_2_auth_seq_id 
AA 1 2 N TYR A 13 ? N TYR A 12 O TRP A 4  ? O TRP A 3  
AA 2 3 N VAL A 5  ? N VAL A 4  O GLU A 50 ? O GLU A 49 
# 
loop_
_struct_site.id 
_struct_site.pdbx_evidence_code 
_struct_site.pdbx_auth_asym_id 
_struct_site.pdbx_auth_comp_id 
_struct_site.pdbx_auth_seq_id 
_struct_site.pdbx_auth_ins_code 
_struct_site.pdbx_num_residues 
_struct_site.details 
AC1 Software A FE  1054 ? 4 'BINDING SITE FOR RESIDUE FE A 1054'  
AC2 Software A D3O 1059 ? 4 'BINDING SITE FOR RESIDUE D3O A 1059' 
AC3 Software A D3O 1060 ? 2 'BINDING SITE FOR RESIDUE D3O A 1060' 
AC4 Software A D3O 1061 ? 2 'BINDING SITE FOR RESIDUE D3O A 1061' 
AC5 Software A D3O 1062 ? 3 'BINDING SITE FOR RESIDUE D3O A 1062' 
# 
loop_
_struct_site_gen.id 
_struct_site_gen.site_id 
_struct_site_gen.pdbx_num_res 
_struct_site_gen.label_comp_id 
_struct_site_gen.label_asym_id 
_struct_site_gen.label_seq_id 
_struct_site_gen.pdbx_auth_ins_code 
_struct_site_gen.auth_comp_id 
_struct_site_gen.auth_asym_id 
_struct_site_gen.auth_seq_id 
_struct_site_gen.label_atom_id 
_struct_site_gen.label_alt_id 
_struct_site_gen.symmetry 
_struct_site_gen.details 
1  AC1 4 CYS A 6  ? CYS A 5    . ? 1_555 ? 
2  AC1 4 CYS A 9  ? CYS A 8    . ? 1_555 ? 
3  AC1 4 CYS A 39 ? CYS A 38   . ? 1_555 ? 
4  AC1 4 CYS A 42 ? CYS A 41   . ? 1_555 ? 
5  AC2 4 ALA A 2  ? ALA A 1    . ? 1_555 ? 
6  AC2 4 LYS A 3  ? LYS A 2    . ? 1_555 ? 
7  AC2 4 LEU A 52 ? LEU A 51   . ? 1_555 ? 
8  AC2 4 DOD K .  ? DOD A 2102 . ? 1_555 ? 
9  AC3 2 SER A 25 ? SER A 24   . ? 1_555 ? 
10 AC3 2 PRO A 26 ? PRO A 25   . ? 1_555 ? 
11 AC4 2 DOD K .  ? DOD A 2005 . ? 1_555 ? 
12 AC4 2 DOD K .  ? DOD A 2024 . ? 1_555 ? 
13 AC5 3 ALA A 17 ? ALA A 16   . ? 1_555 ? 
14 AC5 3 PRO A 20 ? PRO A 19   . ? 1_555 ? 
15 AC5 3 DOD K .  ? DOD A 2052 . ? 1_555 ? 
# 
loop_
_pdbx_validate_close_contact.id 
_pdbx_validate_close_contact.PDB_model_num 
_pdbx_validate_close_contact.auth_atom_id_1 
_pdbx_validate_close_contact.auth_asym_id_1 
_pdbx_validate_close_contact.auth_comp_id_1 
_pdbx_validate_close_contact.auth_seq_id_1 
_pdbx_validate_close_contact.PDB_ins_code_1 
_pdbx_validate_close_contact.label_alt_id_1 
_pdbx_validate_close_contact.auth_atom_id_2 
_pdbx_validate_close_contact.auth_asym_id_2 
_pdbx_validate_close_contact.auth_comp_id_2 
_pdbx_validate_close_contact.auth_seq_id_2 
_pdbx_validate_close_contact.PDB_ins_code_2 
_pdbx_validate_close_contact.label_alt_id_2 
_pdbx_validate_close_contact.dist 
1 1 O   A LEU 51   ? ? D A D8U 1055 ? ? 1.32 
2 1 D3  A D3O 1061 ? ? O A DOD 2005 ? ? 1.59 
3 1 O   A DOD 2029 ? ? O A DOD 2083 ? ? 1.87 
4 1 OD1 A ASP 35   ? ? O A DOD 2119 ? ? 1.95 
5 1 O   A DOD 2094 ? ? O A DOD 2161 ? ? 1.98 
6 1 O   A DOD 2031 ? ? O A DOD 2122 ? ? 2.05 
# 
loop_
_pdbx_validate_symm_contact.id 
_pdbx_validate_symm_contact.PDB_model_num 
_pdbx_validate_symm_contact.auth_atom_id_1 
_pdbx_validate_symm_contact.auth_asym_id_1 
_pdbx_validate_symm_contact.auth_comp_id_1 
_pdbx_validate_symm_contact.auth_seq_id_1 
_pdbx_validate_symm_contact.PDB_ins_code_1 
_pdbx_validate_symm_contact.label_alt_id_1 
_pdbx_validate_symm_contact.site_symmetry_1 
_pdbx_validate_symm_contact.auth_atom_id_2 
_pdbx_validate_symm_contact.auth_asym_id_2 
_pdbx_validate_symm_contact.auth_comp_id_2 
_pdbx_validate_symm_contact.auth_seq_id_2 
_pdbx_validate_symm_contact.PDB_ins_code_2 
_pdbx_validate_symm_contact.label_alt_id_2 
_pdbx_validate_symm_contact.site_symmetry_2 
_pdbx_validate_symm_contact.dist 
1 1 O   A DOD 2107 ? ? 1_555 O A DOD 2140 ? ? 2_674 1.93 
2 1 OXT A ASP 53   ? ? 1_555 O A DOD 2153 ? ? 4_575 2.03 
3 1 O   A DOD 2076 ? ? 1_555 O A DOD 2123 ? ? 4_575 2.04 
4 1 O   A DOD 2047 ? ? 1_555 O A DOD 2095 ? ? 2_575 2.06 
5 1 O   A DOD 2095 ? ? 1_555 O A DOD 2138 ? ? 3_645 2.19 
# 
loop_
_pdbx_validate_torsion.id 
_pdbx_validate_torsion.PDB_model_num 
_pdbx_validate_torsion.auth_comp_id 
_pdbx_validate_torsion.auth_asym_id 
_pdbx_validate_torsion.auth_seq_id 
_pdbx_validate_torsion.PDB_ins_code 
_pdbx_validate_torsion.label_alt_id 
_pdbx_validate_torsion.phi 
_pdbx_validate_torsion.psi 
1 1 ASP A 18 ? ? -153.70 67.77 
2 1 ASP A 18 ? ? -153.70 68.24 
# 
_pdbx_entry_details.entry_id                 4AR3 
_pdbx_entry_details.compound_details         ? 
_pdbx_entry_details.source_details           ? 
_pdbx_entry_details.nonpolymer_details       ? 
_pdbx_entry_details.sequence_details         'M IN POSITION 0' 
_pdbx_entry_details.has_ligand_of_interest   ? 
# 
loop_
_pdbx_distant_solvent_atoms.id 
_pdbx_distant_solvent_atoms.PDB_model_num 
_pdbx_distant_solvent_atoms.auth_atom_id 
_pdbx_distant_solvent_atoms.label_alt_id 
_pdbx_distant_solvent_atoms.auth_asym_id 
_pdbx_distant_solvent_atoms.auth_comp_id 
_pdbx_distant_solvent_atoms.auth_seq_id 
_pdbx_distant_solvent_atoms.PDB_ins_code 
_pdbx_distant_solvent_atoms.neighbor_macromolecule_distance 
_pdbx_distant_solvent_atoms.neighbor_ligand_distance 
1  1 O ? A DOD 2047 ? 15.08 .    
2  1 O ? A DOD 2076 ? 9.05  .    
3  1 O ? A DOD 2089 ? 9.88  .    
4  1 O ? A DOD 2091 ? .     9.07 
5  1 O ? A DOD 2096 ? 6.06  .    
6  1 O ? A DOD 2100 ? 7.01  .    
7  1 O ? A DOD 2113 ? 9.99  .    
8  1 O ? A DOD 2117 ? 5.85  .    
9  1 O ? A DOD 2127 ? 6.91  .    
10 1 O ? A DOD 2132 ? 7.08  .    
11 1 O ? A DOD 2133 ? 5.86  .    
12 1 O ? A DOD 2140 ? .     7.59 
13 1 O ? A DOD 2141 ? .     7.88 
14 1 O ? A DOD 2148 ? 11.60 .    
15 1 O ? A DOD 2149 ? 10.39 .    
16 1 O ? A DOD 2152 ? 8.04  .    
17 1 O ? A DOD 2157 ? 7.28  .    
18 1 O ? A DOD 2158 ? 6.10  .    
19 1 O ? A DOD 2160 ? 6.81  .    
20 1 O ? A DOD 2175 ? 7.36  .    
# 
loop_
_chem_comp_atom.comp_id 
_chem_comp_atom.atom_id 
_chem_comp_atom.type_symbol 
_chem_comp_atom.pdbx_aromatic_flag 
_chem_comp_atom.pdbx_stereo_config 
_chem_comp_atom.pdbx_ordinal 
ALA N    N  N N 1   
ALA CA   C  N S 2   
ALA C    C  N N 3   
ALA O    O  N N 4   
ALA CB   C  N N 5   
ALA OXT  O  N N 6   
ALA H    H  N N 7   
ALA H2   H  N N 8   
ALA HA   H  N N 9   
ALA HB1  H  N N 10  
ALA HB2  H  N N 11  
ALA HB3  H  N N 12  
ALA HXT  H  N N 13  
ASN N    N  N N 14  
ASN CA   C  N S 15  
ASN C    C  N N 16  
ASN O    O  N N 17  
ASN CB   C  N N 18  
ASN CG   C  N N 19  
ASN OD1  O  N N 20  
ASN ND2  N  N N 21  
ASN OXT  O  N N 22  
ASN H    H  N N 23  
ASN H2   H  N N 24  
ASN HA   H  N N 25  
ASN HB2  H  N N 26  
ASN HB3  H  N N 27  
ASN HD21 H  N N 28  
ASN HD22 H  N N 29  
ASN HXT  H  N N 30  
ASP N    N  N N 31  
ASP CA   C  N S 32  
ASP C    C  N N 33  
ASP O    O  N N 34  
ASP CB   C  N N 35  
ASP CG   C  N N 36  
ASP OD1  O  N N 37  
ASP OD2  O  N N 38  
ASP OXT  O  N N 39  
ASP H    H  N N 40  
ASP H2   H  N N 41  
ASP HA   H  N N 42  
ASP HB2  H  N N 43  
ASP HB3  H  N N 44  
ASP HD2  H  N N 45  
ASP HXT  H  N N 46  
CYS N    N  N N 47  
CYS CA   C  N R 48  
CYS C    C  N N 49  
CYS O    O  N N 50  
CYS CB   C  N N 51  
CYS SG   S  N N 52  
CYS OXT  O  N N 53  
CYS H    H  N N 54  
CYS H2   H  N N 55  
CYS HA   H  N N 56  
CYS HB2  H  N N 57  
CYS HB3  H  N N 58  
CYS HG   H  N N 59  
CYS HXT  H  N N 60  
D3O O    O  N N 61  
D3O D1   D  N N 62  
D3O D2   D  N N 63  
D3O D3   D  N N 64  
D8U D    D  N N 65  
DOD O    O  N N 66  
DOD D1   D  N N 67  
DOD D2   D  N N 68  
FE  FE   FE N N 69  
GLU N    N  N N 70  
GLU CA   C  N S 71  
GLU C    C  N N 72  
GLU O    O  N N 73  
GLU CB   C  N N 74  
GLU CG   C  N N 75  
GLU CD   C  N N 76  
GLU OE1  O  N N 77  
GLU OE2  O  N N 78  
GLU OXT  O  N N 79  
GLU H    H  N N 80  
GLU H2   H  N N 81  
GLU HA   H  N N 82  
GLU HB2  H  N N 83  
GLU HB3  H  N N 84  
GLU HG2  H  N N 85  
GLU HG3  H  N N 86  
GLU HE2  H  N N 87  
GLU HXT  H  N N 88  
GLY N    N  N N 89  
GLY CA   C  N N 90  
GLY C    C  N N 91  
GLY O    O  N N 92  
GLY OXT  O  N N 93  
GLY H    H  N N 94  
GLY H2   H  N N 95  
GLY HA2  H  N N 96  
GLY HA3  H  N N 97  
GLY HXT  H  N N 98  
ILE N    N  N N 99  
ILE CA   C  N S 100 
ILE C    C  N N 101 
ILE O    O  N N 102 
ILE CB   C  N S 103 
ILE CG1  C  N N 104 
ILE CG2  C  N N 105 
ILE CD1  C  N N 106 
ILE OXT  O  N N 107 
ILE H    H  N N 108 
ILE H2   H  N N 109 
ILE HA   H  N N 110 
ILE HB   H  N N 111 
ILE HG12 H  N N 112 
ILE HG13 H  N N 113 
ILE HG21 H  N N 114 
ILE HG22 H  N N 115 
ILE HG23 H  N N 116 
ILE HD11 H  N N 117 
ILE HD12 H  N N 118 
ILE HD13 H  N N 119 
ILE HXT  H  N N 120 
LEU N    N  N N 121 
LEU CA   C  N S 122 
LEU C    C  N N 123 
LEU O    O  N N 124 
LEU CB   C  N N 125 
LEU CG   C  N N 126 
LEU CD1  C  N N 127 
LEU CD2  C  N N 128 
LEU OXT  O  N N 129 
LEU H    H  N N 130 
LEU H2   H  N N 131 
LEU HA   H  N N 132 
LEU HB2  H  N N 133 
LEU HB3  H  N N 134 
LEU HG   H  N N 135 
LEU HD11 H  N N 136 
LEU HD12 H  N N 137 
LEU HD13 H  N N 138 
LEU HD21 H  N N 139 
LEU HD22 H  N N 140 
LEU HD23 H  N N 141 
LEU HXT  H  N N 142 
LYS N    N  N N 143 
LYS CA   C  N S 144 
LYS C    C  N N 145 
LYS O    O  N N 146 
LYS CB   C  N N 147 
LYS CG   C  N N 148 
LYS CD   C  N N 149 
LYS CE   C  N N 150 
LYS NZ   N  N N 151 
LYS OXT  O  N N 152 
LYS H    H  N N 153 
LYS H2   H  N N 154 
LYS HA   H  N N 155 
LYS HB2  H  N N 156 
LYS HB3  H  N N 157 
LYS HG2  H  N N 158 
LYS HG3  H  N N 159 
LYS HD2  H  N N 160 
LYS HD3  H  N N 161 
LYS HE2  H  N N 162 
LYS HE3  H  N N 163 
LYS HZ1  H  N N 164 
LYS HZ2  H  N N 165 
LYS HZ3  H  N N 166 
LYS HXT  H  N N 167 
MET N    N  N N 168 
MET CA   C  N S 169 
MET C    C  N N 170 
MET O    O  N N 171 
MET CB   C  N N 172 
MET CG   C  N N 173 
MET SD   S  N N 174 
MET CE   C  N N 175 
MET OXT  O  N N 176 
MET H    H  N N 177 
MET H2   H  N N 178 
MET HA   H  N N 179 
MET HB2  H  N N 180 
MET HB3  H  N N 181 
MET HG2  H  N N 182 
MET HG3  H  N N 183 
MET HE1  H  N N 184 
MET HE2  H  N N 185 
MET HE3  H  N N 186 
MET HXT  H  N N 187 
PHE N    N  N N 188 
PHE CA   C  N S 189 
PHE C    C  N N 190 
PHE O    O  N N 191 
PHE CB   C  N N 192 
PHE CG   C  Y N 193 
PHE CD1  C  Y N 194 
PHE CD2  C  Y N 195 
PHE CE1  C  Y N 196 
PHE CE2  C  Y N 197 
PHE CZ   C  Y N 198 
PHE OXT  O  N N 199 
PHE H    H  N N 200 
PHE H2   H  N N 201 
PHE HA   H  N N 202 
PHE HB2  H  N N 203 
PHE HB3  H  N N 204 
PHE HD1  H  N N 205 
PHE HD2  H  N N 206 
PHE HE1  H  N N 207 
PHE HE2  H  N N 208 
PHE HZ   H  N N 209 
PHE HXT  H  N N 210 
PRO N    N  N N 211 
PRO CA   C  N S 212 
PRO C    C  N N 213 
PRO O    O  N N 214 
PRO CB   C  N N 215 
PRO CG   C  N N 216 
PRO CD   C  N N 217 
PRO OXT  O  N N 218 
PRO H    H  N N 219 
PRO HA   H  N N 220 
PRO HB2  H  N N 221 
PRO HB3  H  N N 222 
PRO HG2  H  N N 223 
PRO HG3  H  N N 224 
PRO HD2  H  N N 225 
PRO HD3  H  N N 226 
PRO HXT  H  N N 227 
SER N    N  N N 228 
SER CA   C  N S 229 
SER C    C  N N 230 
SER O    O  N N 231 
SER CB   C  N N 232 
SER OG   O  N N 233 
SER OXT  O  N N 234 
SER H    H  N N 235 
SER H2   H  N N 236 
SER HA   H  N N 237 
SER HB2  H  N N 238 
SER HB3  H  N N 239 
SER HG   H  N N 240 
SER HXT  H  N N 241 
THR N    N  N N 242 
THR CA   C  N S 243 
THR C    C  N N 244 
THR O    O  N N 245 
THR CB   C  N R 246 
THR OG1  O  N N 247 
THR CG2  C  N N 248 
THR OXT  O  N N 249 
THR H    H  N N 250 
THR H2   H  N N 251 
THR HA   H  N N 252 
THR HB   H  N N 253 
THR HG1  H  N N 254 
THR HG21 H  N N 255 
THR HG22 H  N N 256 
THR HG23 H  N N 257 
THR HXT  H  N N 258 
TRP N    N  N N 259 
TRP CA   C  N S 260 
TRP C    C  N N 261 
TRP O    O  N N 262 
TRP CB   C  N N 263 
TRP CG   C  Y N 264 
TRP CD1  C  Y N 265 
TRP CD2  C  Y N 266 
TRP NE1  N  Y N 267 
TRP CE2  C  Y N 268 
TRP CE3  C  Y N 269 
TRP CZ2  C  Y N 270 
TRP CZ3  C  Y N 271 
TRP CH2  C  Y N 272 
TRP OXT  O  N N 273 
TRP H    H  N N 274 
TRP H2   H  N N 275 
TRP HA   H  N N 276 
TRP HB2  H  N N 277 
TRP HB3  H  N N 278 
TRP HD1  H  N N 279 
TRP HE1  H  N N 280 
TRP HE3  H  N N 281 
TRP HZ2  H  N N 282 
TRP HZ3  H  N N 283 
TRP HH2  H  N N 284 
TRP HXT  H  N N 285 
TYR N    N  N N 286 
TYR CA   C  N S 287 
TYR C    C  N N 288 
TYR O    O  N N 289 
TYR CB   C  N N 290 
TYR CG   C  Y N 291 
TYR CD1  C  Y N 292 
TYR CD2  C  Y N 293 
TYR CE1  C  Y N 294 
TYR CE2  C  Y N 295 
TYR CZ   C  Y N 296 
TYR OH   O  N N 297 
TYR OXT  O  N N 298 
TYR H    H  N N 299 
TYR H2   H  N N 300 
TYR HA   H  N N 301 
TYR HB2  H  N N 302 
TYR HB3  H  N N 303 
TYR HD1  H  N N 304 
TYR HD2  H  N N 305 
TYR HE1  H  N N 306 
TYR HE2  H  N N 307 
TYR HH   H  N N 308 
TYR HXT  H  N N 309 
VAL N    N  N N 310 
VAL CA   C  N S 311 
VAL C    C  N N 312 
VAL O    O  N N 313 
VAL CB   C  N N 314 
VAL CG1  C  N N 315 
VAL CG2  C  N N 316 
VAL OXT  O  N N 317 
VAL H    H  N N 318 
VAL H2   H  N N 319 
VAL HA   H  N N 320 
VAL HB   H  N N 321 
VAL HG11 H  N N 322 
VAL HG12 H  N N 323 
VAL HG13 H  N N 324 
VAL HG21 H  N N 325 
VAL HG22 H  N N 326 
VAL HG23 H  N N 327 
VAL HXT  H  N N 328 
# 
loop_
_chem_comp_bond.comp_id 
_chem_comp_bond.atom_id_1 
_chem_comp_bond.atom_id_2 
_chem_comp_bond.value_order 
_chem_comp_bond.pdbx_aromatic_flag 
_chem_comp_bond.pdbx_stereo_config 
_chem_comp_bond.pdbx_ordinal 
ALA N   CA   sing N N 1   
ALA N   H    sing N N 2   
ALA N   H2   sing N N 3   
ALA CA  C    sing N N 4   
ALA CA  CB   sing N N 5   
ALA CA  HA   sing N N 6   
ALA C   O    doub N N 7   
ALA C   OXT  sing N N 8   
ALA CB  HB1  sing N N 9   
ALA CB  HB2  sing N N 10  
ALA CB  HB3  sing N N 11  
ALA OXT HXT  sing N N 12  
ASN N   CA   sing N N 13  
ASN N   H    sing N N 14  
ASN N   H2   sing N N 15  
ASN CA  C    sing N N 16  
ASN CA  CB   sing N N 17  
ASN CA  HA   sing N N 18  
ASN C   O    doub N N 19  
ASN C   OXT  sing N N 20  
ASN CB  CG   sing N N 21  
ASN CB  HB2  sing N N 22  
ASN CB  HB3  sing N N 23  
ASN CG  OD1  doub N N 24  
ASN CG  ND2  sing N N 25  
ASN ND2 HD21 sing N N 26  
ASN ND2 HD22 sing N N 27  
ASN OXT HXT  sing N N 28  
ASP N   CA   sing N N 29  
ASP N   H    sing N N 30  
ASP N   H2   sing N N 31  
ASP CA  C    sing N N 32  
ASP CA  CB   sing N N 33  
ASP CA  HA   sing N N 34  
ASP C   O    doub N N 35  
ASP C   OXT  sing N N 36  
ASP CB  CG   sing N N 37  
ASP CB  HB2  sing N N 38  
ASP CB  HB3  sing N N 39  
ASP CG  OD1  doub N N 40  
ASP CG  OD2  sing N N 41  
ASP OD2 HD2  sing N N 42  
ASP OXT HXT  sing N N 43  
CYS N   CA   sing N N 44  
CYS N   H    sing N N 45  
CYS N   H2   sing N N 46  
CYS CA  C    sing N N 47  
CYS CA  CB   sing N N 48  
CYS CA  HA   sing N N 49  
CYS C   O    doub N N 50  
CYS C   OXT  sing N N 51  
CYS CB  SG   sing N N 52  
CYS CB  HB2  sing N N 53  
CYS CB  HB3  sing N N 54  
CYS SG  HG   sing N N 55  
CYS OXT HXT  sing N N 56  
D3O O   D1   sing N N 57  
D3O O   D2   sing N N 58  
D3O O   D3   sing N N 59  
DOD O   D1   sing N N 60  
DOD O   D2   sing N N 61  
GLU N   CA   sing N N 62  
GLU N   H    sing N N 63  
GLU N   H2   sing N N 64  
GLU CA  C    sing N N 65  
GLU CA  CB   sing N N 66  
GLU CA  HA   sing N N 67  
GLU C   O    doub N N 68  
GLU C   OXT  sing N N 69  
GLU CB  CG   sing N N 70  
GLU CB  HB2  sing N N 71  
GLU CB  HB3  sing N N 72  
GLU CG  CD   sing N N 73  
GLU CG  HG2  sing N N 74  
GLU CG  HG3  sing N N 75  
GLU CD  OE1  doub N N 76  
GLU CD  OE2  sing N N 77  
GLU OE2 HE2  sing N N 78  
GLU OXT HXT  sing N N 79  
GLY N   CA   sing N N 80  
GLY N   H    sing N N 81  
GLY N   H2   sing N N 82  
GLY CA  C    sing N N 83  
GLY CA  HA2  sing N N 84  
GLY CA  HA3  sing N N 85  
GLY C   O    doub N N 86  
GLY C   OXT  sing N N 87  
GLY OXT HXT  sing N N 88  
ILE N   CA   sing N N 89  
ILE N   H    sing N N 90  
ILE N   H2   sing N N 91  
ILE CA  C    sing N N 92  
ILE CA  CB   sing N N 93  
ILE CA  HA   sing N N 94  
ILE C   O    doub N N 95  
ILE C   OXT  sing N N 96  
ILE CB  CG1  sing N N 97  
ILE CB  CG2  sing N N 98  
ILE CB  HB   sing N N 99  
ILE CG1 CD1  sing N N 100 
ILE CG1 HG12 sing N N 101 
ILE CG1 HG13 sing N N 102 
ILE CG2 HG21 sing N N 103 
ILE CG2 HG22 sing N N 104 
ILE CG2 HG23 sing N N 105 
ILE CD1 HD11 sing N N 106 
ILE CD1 HD12 sing N N 107 
ILE CD1 HD13 sing N N 108 
ILE OXT HXT  sing N N 109 
LEU N   CA   sing N N 110 
LEU N   H    sing N N 111 
LEU N   H2   sing N N 112 
LEU CA  C    sing N N 113 
LEU CA  CB   sing N N 114 
LEU CA  HA   sing N N 115 
LEU C   O    doub N N 116 
LEU C   OXT  sing N N 117 
LEU CB  CG   sing N N 118 
LEU CB  HB2  sing N N 119 
LEU CB  HB3  sing N N 120 
LEU CG  CD1  sing N N 121 
LEU CG  CD2  sing N N 122 
LEU CG  HG   sing N N 123 
LEU CD1 HD11 sing N N 124 
LEU CD1 HD12 sing N N 125 
LEU CD1 HD13 sing N N 126 
LEU CD2 HD21 sing N N 127 
LEU CD2 HD22 sing N N 128 
LEU CD2 HD23 sing N N 129 
LEU OXT HXT  sing N N 130 
LYS N   CA   sing N N 131 
LYS N   H    sing N N 132 
LYS N   H2   sing N N 133 
LYS CA  C    sing N N 134 
LYS CA  CB   sing N N 135 
LYS CA  HA   sing N N 136 
LYS C   O    doub N N 137 
LYS C   OXT  sing N N 138 
LYS CB  CG   sing N N 139 
LYS CB  HB2  sing N N 140 
LYS CB  HB3  sing N N 141 
LYS CG  CD   sing N N 142 
LYS CG  HG2  sing N N 143 
LYS CG  HG3  sing N N 144 
LYS CD  CE   sing N N 145 
LYS CD  HD2  sing N N 146 
LYS CD  HD3  sing N N 147 
LYS CE  NZ   sing N N 148 
LYS CE  HE2  sing N N 149 
LYS CE  HE3  sing N N 150 
LYS NZ  HZ1  sing N N 151 
LYS NZ  HZ2  sing N N 152 
LYS NZ  HZ3  sing N N 153 
LYS OXT HXT  sing N N 154 
MET N   CA   sing N N 155 
MET N   H    sing N N 156 
MET N   H2   sing N N 157 
MET CA  C    sing N N 158 
MET CA  CB   sing N N 159 
MET CA  HA   sing N N 160 
MET C   O    doub N N 161 
MET C   OXT  sing N N 162 
MET CB  CG   sing N N 163 
MET CB  HB2  sing N N 164 
MET CB  HB3  sing N N 165 
MET CG  SD   sing N N 166 
MET CG  HG2  sing N N 167 
MET CG  HG3  sing N N 168 
MET SD  CE   sing N N 169 
MET CE  HE1  sing N N 170 
MET CE  HE2  sing N N 171 
MET CE  HE3  sing N N 172 
MET OXT HXT  sing N N 173 
PHE N   CA   sing N N 174 
PHE N   H    sing N N 175 
PHE N   H2   sing N N 176 
PHE CA  C    sing N N 177 
PHE CA  CB   sing N N 178 
PHE CA  HA   sing N N 179 
PHE C   O    doub N N 180 
PHE C   OXT  sing N N 181 
PHE CB  CG   sing N N 182 
PHE CB  HB2  sing N N 183 
PHE CB  HB3  sing N N 184 
PHE CG  CD1  doub Y N 185 
PHE CG  CD2  sing Y N 186 
PHE CD1 CE1  sing Y N 187 
PHE CD1 HD1  sing N N 188 
PHE CD2 CE2  doub Y N 189 
PHE CD2 HD2  sing N N 190 
PHE CE1 CZ   doub Y N 191 
PHE CE1 HE1  sing N N 192 
PHE CE2 CZ   sing Y N 193 
PHE CE2 HE2  sing N N 194 
PHE CZ  HZ   sing N N 195 
PHE OXT HXT  sing N N 196 
PRO N   CA   sing N N 197 
PRO N   CD   sing N N 198 
PRO N   H    sing N N 199 
PRO CA  C    sing N N 200 
PRO CA  CB   sing N N 201 
PRO CA  HA   sing N N 202 
PRO C   O    doub N N 203 
PRO C   OXT  sing N N 204 
PRO CB  CG   sing N N 205 
PRO CB  HB2  sing N N 206 
PRO CB  HB3  sing N N 207 
PRO CG  CD   sing N N 208 
PRO CG  HG2  sing N N 209 
PRO CG  HG3  sing N N 210 
PRO CD  HD2  sing N N 211 
PRO CD  HD3  sing N N 212 
PRO OXT HXT  sing N N 213 
SER N   CA   sing N N 214 
SER N   H    sing N N 215 
SER N   H2   sing N N 216 
SER CA  C    sing N N 217 
SER CA  CB   sing N N 218 
SER CA  HA   sing N N 219 
SER C   O    doub N N 220 
SER C   OXT  sing N N 221 
SER CB  OG   sing N N 222 
SER CB  HB2  sing N N 223 
SER CB  HB3  sing N N 224 
SER OG  HG   sing N N 225 
SER OXT HXT  sing N N 226 
THR N   CA   sing N N 227 
THR N   H    sing N N 228 
THR N   H2   sing N N 229 
THR CA  C    sing N N 230 
THR CA  CB   sing N N 231 
THR CA  HA   sing N N 232 
THR C   O    doub N N 233 
THR C   OXT  sing N N 234 
THR CB  OG1  sing N N 235 
THR CB  CG2  sing N N 236 
THR CB  HB   sing N N 237 
THR OG1 HG1  sing N N 238 
THR CG2 HG21 sing N N 239 
THR CG2 HG22 sing N N 240 
THR CG2 HG23 sing N N 241 
THR OXT HXT  sing N N 242 
TRP N   CA   sing N N 243 
TRP N   H    sing N N 244 
TRP N   H2   sing N N 245 
TRP CA  C    sing N N 246 
TRP CA  CB   sing N N 247 
TRP CA  HA   sing N N 248 
TRP C   O    doub N N 249 
TRP C   OXT  sing N N 250 
TRP CB  CG   sing N N 251 
TRP CB  HB2  sing N N 252 
TRP CB  HB3  sing N N 253 
TRP CG  CD1  doub Y N 254 
TRP CG  CD2  sing Y N 255 
TRP CD1 NE1  sing Y N 256 
TRP CD1 HD1  sing N N 257 
TRP CD2 CE2  doub Y N 258 
TRP CD2 CE3  sing Y N 259 
TRP NE1 CE2  sing Y N 260 
TRP NE1 HE1  sing N N 261 
TRP CE2 CZ2  sing Y N 262 
TRP CE3 CZ3  doub Y N 263 
TRP CE3 HE3  sing N N 264 
TRP CZ2 CH2  doub Y N 265 
TRP CZ2 HZ2  sing N N 266 
TRP CZ3 CH2  sing Y N 267 
TRP CZ3 HZ3  sing N N 268 
TRP CH2 HH2  sing N N 269 
TRP OXT HXT  sing N N 270 
TYR N   CA   sing N N 271 
TYR N   H    sing N N 272 
TYR N   H2   sing N N 273 
TYR CA  C    sing N N 274 
TYR CA  CB   sing N N 275 
TYR CA  HA   sing N N 276 
TYR C   O    doub N N 277 
TYR C   OXT  sing N N 278 
TYR CB  CG   sing N N 279 
TYR CB  HB2  sing N N 280 
TYR CB  HB3  sing N N 281 
TYR CG  CD1  doub Y N 282 
TYR CG  CD2  sing Y N 283 
TYR CD1 CE1  sing Y N 284 
TYR CD1 HD1  sing N N 285 
TYR CD2 CE2  doub Y N 286 
TYR CD2 HD2  sing N N 287 
TYR CE1 CZ   doub Y N 288 
TYR CE1 HE1  sing N N 289 
TYR CE2 CZ   sing Y N 290 
TYR CE2 HE2  sing N N 291 
TYR CZ  OH   sing N N 292 
TYR OH  HH   sing N N 293 
TYR OXT HXT  sing N N 294 
VAL N   CA   sing N N 295 
VAL N   H    sing N N 296 
VAL N   H2   sing N N 297 
VAL CA  C    sing N N 298 
VAL CA  CB   sing N N 299 
VAL CA  HA   sing N N 300 
VAL C   O    doub N N 301 
VAL C   OXT  sing N N 302 
VAL CB  CG1  sing N N 303 
VAL CB  CG2  sing N N 304 
VAL CB  HB   sing N N 305 
VAL CG1 HG11 sing N N 306 
VAL CG1 HG12 sing N N 307 
VAL CG1 HG13 sing N N 308 
VAL CG2 HG21 sing N N 309 
VAL CG2 HG22 sing N N 310 
VAL CG2 HG23 sing N N 311 
VAL OXT HXT  sing N N 312 
# 
_atom_sites.entry_id                    4AR3 
_atom_sites.fract_transf_matrix[1][1]   0.00217553 
_atom_sites.fract_transf_matrix[1][2]   -0.02243992 
_atom_sites.fract_transf_matrix[1][3]   -0.01840543 
_atom_sites.fract_transf_matrix[2][1]   -0.02435553 
_atom_sites.fract_transf_matrix[2][2]   -0.01049763 
_atom_sites.fract_transf_matrix[2][3]   0.00991988 
_atom_sites.fract_transf_matrix[3][1]   -0.01146922 
_atom_sites.fract_transf_matrix[3][2]   0.01176927 
_atom_sites.fract_transf_matrix[3][3]   -0.01570477 
_atom_sites.fract_transf_vector[1]      0.374401 
_atom_sites.fract_transf_vector[2]      1.067688 
_atom_sites.fract_transf_vector[3]      0.116865 
# 
loop_
_atom_type.symbol 
C  
D  
FE 
N  
O  
S  
# 
loop_
_atom_site.group_PDB 
_atom_site.id 
_atom_site.type_symbol 
_atom_site.label_atom_id 
_atom_site.label_alt_id 
_atom_site.label_comp_id 
_atom_site.label_asym_id 
_atom_site.label_entity_id 
_atom_site.label_seq_id 
_atom_site.pdbx_PDB_ins_code 
_atom_site.Cartn_x 
_atom_site.Cartn_y 
_atom_site.Cartn_z 
_atom_site.occupancy 
_atom_site.B_iso_or_equiv 
_atom_site.pdbx_formal_charge 
_atom_site.auth_seq_id 
_atom_site.auth_comp_id 
_atom_site.auth_asym_id 
_atom_site.auth_atom_id 
_atom_site.pdbx_PDB_model_num 
ATOM   1    N  N    . MET A 1 1  ? 6.259   -6.251  -9.930  1.00   21.93 ? 0    MET A N    1 
ATOM   2    C  CA   . MET A 1 1  ? 6.708   -5.550  -8.672  1.00   18.94 ? 0    MET A CA   1 
ATOM   3    C  C    . MET A 1 1  ? 5.996   -6.239  -7.497  1.00   15.92 ? 0    MET A C    1 
ATOM   4    O  O    . MET A 1 1  ? 5.298   -7.235  -7.676  1.00   22.69 ? 0    MET A O    1 
ATOM   5    C  CB   . MET A 1 1  ? 6.421   -4.040  -8.782  1.00   19.06 ? 0    MET A CB   1 
ATOM   6    C  CG   . MET A 1 1  ? 7.150   -3.403  -9.963  1.00   26.90 ? 0    MET A CG   1 
ATOM   7    S  SD   . MET A 1 1  ? 7.075   -1.591  -10.006 1.00   21.44 ? 0    MET A SD   1 
ATOM   8    C  CE   . MET A 1 1  ? 7.946   -1.099  -8.514  1.00   28.81 ? 0    MET A CE   1 
ATOM   9    D  D1   . MET A 1 1  ? 6.303   -7.212  -9.829  1.00   36.52 ? 0    MET A D1   1 
ATOM   10   D  D2   . MET A 1 1  ? 5.345   -5.992  -10.157 1.00   25.03 ? 0    MET A D2   1 
ATOM   11   D  D3   . MET A 1 1  ? 6.848   -5.983  -10.644 1.00   39.03 ? 0    MET A D3   1 
ATOM   12   D  DA   . MET A 1 1  ? 7.709   -5.666  -8.505  1.00   20.58 ? 0    MET A DA   1 
ATOM   13   D  DB2  . MET A 1 1  ? 5.447   -3.856  -8.931  1.00   20.62 ? 0    MET A DB2  1 
ATOM   14   D  DB3  . MET A 1 1  ? 6.734   -3.621  -7.951  1.00   18.91 ? 0    MET A DB3  1 
ATOM   15   D  DG2  . MET A 1 1  ? 8.071   -3.696  -9.933  1.00   20.46 ? 0    MET A DG2  1 
ATOM   16   D  DG3  . MET A 1 1  ? 6.725   -3.709  -10.790 1.00   23.02 ? 0    MET A DG3  1 
ATOM   17   D  DE1  . MET A 1 1  ? 7.572   -1.574  -7.769  1.00   29.10 ? 0    MET A DE1  1 
ATOM   18   D  DE2  . MET A 1 1  ? 8.890   -1.297  -8.588  1.00   28.79 ? 0    MET A DE2  1 
ATOM   19   D  DE3  . MET A 1 1  ? 7.831   -0.142  -8.391  1.00   25.72 ? 0    MET A DE3  1 
ATOM   20   N  N    . ALA A 1 2  ? 6.176   -5.706  -6.300  1.00   15.50 ? 1    ALA A N    1 
ATOM   21   C  CA   . ALA A 1 2  ? 5.731   -6.422  -5.101  1.00   13.45 ? 1    ALA A CA   1 
ATOM   22   C  C    . ALA A 1 2  ? 4.300   -6.088  -4.719  1.00   11.56 ? 1    ALA A C    1 
ATOM   23   O  O    . ALA A 1 2  ? 3.725   -5.100  -5.183  1.00   11.50 ? 1    ALA A O    1 
ATOM   24   C  CB   . ALA A 1 2  ? 6.680   -6.112  -3.931  1.00   23.26 ? 1    ALA A CB   1 
ATOM   25   D  D    . ALA A 1 2  ? 6.530   -4.901  -6.157  1.00   15.33 ? 1    ALA A D    1 
ATOM   26   D  DA   . ALA A 1 2  ? 5.726   -7.425  -5.257  1.00   18.39 ? 1    ALA A DA   1 
ATOM   27   D  DB1  . ALA A 1 2  ? 6.659   -5.165  -3.740  1.00   20.07 ? 1    ALA A DB1  1 
ATOM   28   D  DB2  . ALA A 1 2  ? 6.406   -6.630  -3.153  1.00   20.85 ? 1    ALA A DB2  1 
ATOM   29   D  DB3  . ALA A 1 2  ? 7.575   -6.344  -4.174  1.00   28.59 ? 1    ALA A DB3  1 
ATOM   30   N  N    . LYS A 1 3  ? 3.747   -6.969  -3.919  1.00   12.65 ? 2    LYS A N    1 
ATOM   31   C  CA   . LYS A 1 3  ? 2.458   -6.783  -3.343  1.00   10.76 ? 2    LYS A CA   1 
ATOM   32   C  C    . LYS A 1 3  ? 2.596   -6.814  -1.816  1.00   9.72  ? 2    LYS A C    1 
ATOM   33   O  O    . LYS A 1 3  ? 3.362   -7.607  -1.280  1.00   11.46 ? 2    LYS A O    1 
ATOM   34   C  CB   . LYS A 1 3  ? 1.509   -7.871  -3.845  1.00   15.11 ? 2    LYS A CB   1 
ATOM   35   C  CG   . LYS A 1 3  ? 1.215   -7.736  -5.370  1.00   18.63 ? 2    LYS A CG   1 
ATOM   36   C  CD   . LYS A 1 3  ? 0.306   -8.832  -5.791  1.00   36.82 ? 2    LYS A CD   1 
ATOM   37   C  CE   . LYS A 1 3  ? -0.143  -8.719  -7.282  1.00   45.48 ? 2    LYS A CE   1 
ATOM   38   N  NZ   . LYS A 1 3  ? 1.088   -8.589  -8.118  1.00   53.11 ? 2    LYS A NZ   1 
ATOM   39   D  D    . LYS A 1 3  ? 4.185   -7.688  -3.649  1.00   17.16 ? 2    LYS A D    1 
ATOM   40   D  DA   . LYS A 1 3  ? 2.092   -5.881  -3.658  1.00   11.83 ? 2    LYS A DA   1 
ATOM   41   D  DB2  . LYS A 1 3  ? 1.954   -8.763  -3.686  1.00   15.57 ? 2    LYS A DB2  1 
ATOM   42   D  DB3  . LYS A 1 3  ? 0.651   -7.819  -3.368  1.00   16.68 ? 2    LYS A DB3  1 
ATOM   43   D  DG2  . LYS A 1 3  ? 0.772   -6.914  -5.560  1.00   19.11 ? 2    LYS A DG2  1 
ATOM   44   D  DG3  . LYS A 1 3  ? 2.055   -7.785  -5.882  1.00   25.96 ? 2    LYS A DG3  1 
ATOM   45   D  DD2  . LYS A 1 3  ? 0.810   -9.655  -5.637  1.00   30.10 ? 2    LYS A DD2  1 
ATOM   46   D  DD3  . LYS A 1 3  ? -0.475  -8.784  -5.234  1.00   24.48 ? 2    LYS A DD3  1 
ATOM   47   D  DE2  . LYS A 1 3  ? -0.648  -9.514  -7.563  1.00   41.49 ? 2    LYS A DE2  1 
ATOM   48   D  DE3  . LYS A 1 3  ? -0.698  -7.926  -7.414  1.00   27.64 ? 2    LYS A DE3  1 
ATOM   49   D  DZ1  . LYS A 1 3  ? 1.723   -9.147  -7.819  1.00   36.38 ? 2    LYS A DZ1  1 
ATOM   50   D  DZ2  . LYS A 1 3  ? 0.907   -8.781  -8.968  1.00   73.37 ? 2    LYS A DZ2  1 
ATOM   51   D  DZ3  . LYS A 1 3  ? 1.392   -7.751  -8.074  1.00   46.62 ? 2    LYS A DZ3  1 
ATOM   52   N  N    . TRP A 1 4  ? 1.809   -5.983  -1.146  1.00   9.00  ? 3    TRP A N    1 
ATOM   53   C  CA   . TRP A 1 4  ? 1.796   -5.818  0.293   1.00   8.95  ? 3    TRP A CA   1 
ATOM   54   C  C    . TRP A 1 4  ? 0.361   -5.886  0.771   1.00   9.41  ? 3    TRP A C    1 
ATOM   55   O  O    . TRP A 1 4  ? -0.534  -5.252  0.183   1.00   15.72 ? 3    TRP A O    1 
ATOM   56   C  CB   . TRP A 1 4  ? 2.368   -4.443  0.659   1.00   11.15 ? 3    TRP A CB   1 
ATOM   57   C  CG   . TRP A 1 4  ? 3.797   -4.222  0.287   1.00   10.53 ? 3    TRP A CG   1 
ATOM   58   C  CD1  . TRP A 1 4  ? 4.331   -4.081  -0.971  1.00   12.09 ? 3    TRP A CD1  1 
ATOM   59   C  CD2  . TRP A 1 4  ? 4.869   -4.073  1.202   1.00   10.01 ? 3    TRP A CD2  1 
ATOM   60   N  NE1  . TRP A 1 4  ? 5.678   -3.893  -0.890  1.00   14.67 ? 3    TRP A NE1  1 
ATOM   61   C  CE2  . TRP A 1 4  ? 6.050   -3.855  0.428   1.00   11.99 ? 3    TRP A CE2  1 
ATOM   62   C  CE3  . TRP A 1 4  ? 4.948   -4.084  2.616   1.00   13.05 ? 3    TRP A CE3  1 
ATOM   63   C  CZ2  . TRP A 1 4  ? 7.299   -3.639  1.031   1.00   16.40 ? 3    TRP A CZ2  1 
ATOM   64   C  CZ3  . TRP A 1 4  ? 6.198   -3.866  3.215   1.00   15.80 ? 3    TRP A CZ3  1 
ATOM   65   C  CH2  . TRP A 1 4  ? 7.362   -3.659  2.402   1.00   15.29 ? 3    TRP A CH2  1 
ATOM   66   D  D    . TRP A 1 4  ? 1.238   -5.474  -1.547  1.00   27.05 ? 3    TRP A D    1 
ATOM   67   D  DA   . TRP A 1 4  ? 2.383   -6.580  0.696   1.00   9.88  ? 3    TRP A DA   1 
ATOM   68   D  DB2  . TRP A 1 4  ? 1.808   -3.733  0.191   1.00   12.19 ? 3    TRP A DB2  1 
ATOM   69   D  DB3  . TRP A 1 4  ? 2.297   -4.320  1.679   1.00   11.24 ? 3    TRP A DB3  1 
ATOM   70   D  DD1  . TRP A 1 4  ? 3.877   -4.139  -1.807  1.00   15.68 ? 3    TRP A DD1  1 
ATOM   71   D  DE1  . TRP A 1 4  ? 6.186   -3.741  -1.613  1.00   16.31 ? 3    TRP A DE1  1 
ATOM   72   D  DE3  . TRP A 1 4  ? 4.167   -4.226  3.155   1.00   15.16 ? 3    TRP A DE3  1 
ATOM   73   D  DZ2  . TRP A 1 4  ? 8.060   -3.493  0.484   1.00   18.33 ? 3    TRP A DZ2  1 
ATOM   74   D  DZ3  . TRP A 1 4  ? 6.229   -3.880  4.178   1.00   16.37 ? 3    TRP A DZ3  1 
ATOM   75   D  DH2  . TRP A 1 4  ? 8.204   -3.533  2.831   1.00   21.68 ? 3    TRP A DH2  1 
ATOM   76   N  N    . VAL A 1 5  ? 0.103   -6.608  1.835   1.00   8.49  ? 4    VAL A N    1 
ATOM   77   C  CA   . VAL A 1 5  ? -1.246  -6.771  2.359   1.00   8.10  ? 4    VAL A CA   1 
ATOM   78   C  C    . VAL A 1 5  ? -1.403  -5.911  3.610   1.00   7.04  ? 4    VAL A C    1 
ATOM   79   O  O    . VAL A 1 5  ? -0.539  -5.824  4.491   1.00   8.39  ? 4    VAL A O    1 
ATOM   80   C  CB   . VAL A 1 5  ? -1.577  -8.274  2.670   1.00   11.05 ? 4    VAL A CB   1 
ATOM   81   C  CG1  . VAL A 1 5  ? -0.733  -8.811  3.860   1.00   13.17 ? 4    VAL A CG1  1 
ATOM   82   C  CG2  . VAL A 1 5  ? -3.093  -8.459  2.956   1.00   10.92 ? 4    VAL A CG2  1 
ATOM   83   D  D    . VAL A 1 5  ? 0.773   -6.996  2.281   1.00   15.94 ? 4    VAL A D    1 
ATOM   84   D  DA   . VAL A 1 5  ? -1.881  -6.409  1.659   1.00   9.53  ? 4    VAL A DA   1 
ATOM   85   D  DB   . VAL A 1 5  ? -1.358  -8.769  1.810   1.00   12.12 ? 4    VAL A DB   1 
ATOM   86   D  DG11 . VAL A 1 5  ? -0.962  -8.338  4.699   1.00   13.93 ? 4    VAL A DG11 1 
ATOM   87   D  DG12 . VAL A 1 5  ? -0.957  -9.781  3.970   1.00   16.64 ? 4    VAL A DG12 1 
ATOM   88   D  DG13 . VAL A 1 5  ? 0.234   -8.681  3.656   1.00   12.82 ? 4    VAL A DG13 1 
ATOM   89   D  DG21 . VAL A 1 5  ? -3.655  -8.055  2.271   1.00   13.99 ? 4    VAL A DG21 1 
ATOM   90   D  DG22 . VAL A 1 5  ? -3.312  -9.440  3.062   1.00   14.52 ? 4    VAL A DG22 1 
ATOM   91   D  DG23 . VAL A 1 5  ? -3.328  -7.978  3.810   1.00   11.50 ? 4    VAL A DG23 1 
ATOM   92   N  N    . CYS A 1 6  ? -2.555  -5.296  3.712   1.00   7.14  ? 5    CYS A N    1 
ATOM   93   C  CA   . CYS A 1 6  ? -3.009  -4.595  4.907   1.00   6.64  ? 5    CYS A CA   1 
ATOM   94   C  C    . CYS A 1 6  ? -3.472  -5.675  5.887   1.00   7.32  ? 5    CYS A C    1 
ATOM   95   O  O    . CYS A 1 6  ? -4.446  -6.397  5.618   1.00   7.09  ? 5    CYS A O    1 
ATOM   96   C  CB   . CYS A 1 6  ? -4.157  -3.654  4.589   1.00   8.26  ? 5    CYS A CB   1 
ATOM   97   S  SG   . CYS A 1 6  ? -4.734  -2.807  6.071   1.00   7.47  ? 5    CYS A SG   1 
ATOM   98   D  D    . CYS A 1 6  ? -3.142  -5.287  3.046   1.00   14.10 ? 5    CYS A D    1 
ATOM   99   D  DA   . CYS A 1 6  ? -2.200  -4.039  5.339   1.00   7.61  ? 5    CYS A DA   1 
ATOM   100  D  DB2  . CYS A 1 6  ? -3.876  -2.966  3.918   1.00   9.38  ? 5    CYS A DB2  1 
ATOM   101  D  DB3  . CYS A 1 6  ? -4.923  -4.174  4.215   1.00   10.08 ? 5    CYS A DB3  1 
ATOM   102  N  N    . LYS A 1 7  ? -2.758  -5.809  6.983   1.00   8.56  ? 6    LYS A N    1 
ATOM   103  C  CA   . LYS A 1 7  ? -3.091  -6.865  7.964   1.00   9.32  ? 6    LYS A CA   1 
ATOM   104  C  C    . LYS A 1 7  ? -4.451  -6.672  8.645   1.00   10.79 ? 6    LYS A C    1 
ATOM   105  O  O    . LYS A 1 7  ? -5.001  -7.595  9.223   1.00   16.87 ? 6    LYS A O    1 
ATOM   106  C  CB   . LYS A 1 7  ? -1.983  -7.050  8.998   1.00   15.30 ? 6    LYS A CB   1 
ATOM   107  C  CG   . LYS A 1 7  ? -0.739  -7.702  8.372   1.00   18.58 ? 6    LYS A CG   1 
ATOM   108  C  CD   . LYS A 1 7  ? 0.363   -8.091  9.384   1.00   43.00 ? 6    LYS A CD   1 
ATOM   109  C  CE   . LYS A 1 7  ? 0.973   -6.848  10.060  1.00   51.18 ? 6    LYS A CE   1 
ATOM   110  N  NZ   . LYS A 1 7  ? 2.155   -7.177  10.952  1.00   68.34 ? 6    LYS A NZ   1 
ATOM   111  D  D    . LYS A 1 7  ? -2.023  -5.245  7.155   1.00   9.53  ? 6    LYS A D    1 
ATOM   112  D  DA   . LYS A 1 7  ? -3.167  -7.744  7.462   1.00   12.22 ? 6    LYS A DA   1 
ATOM   113  D  DB2  . LYS A 1 7  ? -1.715  -6.162  9.377   1.00   14.49 ? 6    LYS A DB2  1 
ATOM   114  D  DB3  . LYS A 1 7  ? -2.368  -7.604  9.723   1.00   18.88 ? 6    LYS A DB3  1 
ATOM   115  D  DG2  . LYS A 1 7  ? -0.984  -8.517  7.877   1.00   24.99 ? 6    LYS A DG2  1 
ATOM   116  D  DG3  . LYS A 1 7  ? -0.350  -7.030  7.751   1.00   23.89 ? 6    LYS A DG3  1 
ATOM   117  D  DD2  . LYS A 1 7  ? -0.002  -8.685  10.068  1.00   46.77 ? 6    LYS A DD2  1 
ATOM   118  D  DD3  . LYS A 1 7  ? 1.072   -8.559  8.903   1.00   51.21 ? 6    LYS A DD3  1 
ATOM   119  D  DE2  . LYS A 1 7  ? 1.278   -6.242  9.364   1.00   45.80 ? 6    LYS A DE2  1 
ATOM   120  D  DE3  . LYS A 1 7  ? 0.299   -6.403  10.607  1.00   44.58 ? 6    LYS A DE3  1 
ATOM   121  D  DZ1  . LYS A 1 7  ? 1.949   -7.848  11.506  1.00   49.95 ? 6    LYS A DZ1  1 
ATOM   122  D  DZ2  . LYS A 1 7  ? 2.854   -7.435  10.449  1.00   44.47 ? 6    LYS A DZ2  1 
ATOM   123  D  DZ3  . LYS A 1 7  ? 2.377   -6.451  11.438  1.00   45.02 ? 6    LYS A DZ3  1 
ATOM   124  N  N    . ILE A 1 8  ? -4.983  -5.453  8.593   1.00   10.67 ? 7    ILE A N    1 
ATOM   125  C  CA   . ILE A 1 8  ? -6.268  -5.159  9.238   1.00   10.28 ? 7    ILE A CA   1 
ATOM   126  C  C    . ILE A 1 8  ? -7.432  -5.577  8.358   1.00   9.20  ? 7    ILE A C    1 
ATOM   127  O  O    . ILE A 1 8  ? -8.319  -6.268  8.818   1.00   15.28 ? 7    ILE A O    1 
ATOM   128  C  CB   . ILE A 1 8  ? -6.379  -3.634  9.582   1.00   12.55 ? 7    ILE A CB   1 
ATOM   129  C  CG1  . ILE A 1 8  ? -5.205  -3.052  10.415  1.00   23.49 ? 7    ILE A CG1  1 
ATOM   130  C  CG2  . ILE A 1 8  ? -7.791  -3.313  10.160  1.00   21.62 ? 7    ILE A CG2  1 
ATOM   131  C  CD1  . ILE A 1 8  ? -5.163  -3.560  11.749  1.00   36.41 ? 7    ILE A CD1  1 
ATOM   132  D  D    A ILE A 1 8  ? -4.624  -4.780  8.196   0.0000 10.03 ? 7    ILE A D    1 
ATOM   133  D  D    B ILE A 1 8  ? -4.547  -4.775  8.123   1.00   9.72  ? 7    ILE A D    1 
ATOM   134  D  DA   . ILE A 1 8  ? -6.361  -5.778  10.063  1.00   12.15 ? 7    ILE A DA   1 
ATOM   135  D  DB   . ILE A 1 8  ? -6.344  -3.152  8.716   1.00   13.09 ? 7    ILE A DB   1 
ATOM   136  D  DG12 . ILE A 1 8  ? -4.334  -3.199  10.009  1.00   17.51 ? 7    ILE A DG12 1 
ATOM   137  D  DG13 . ILE A 1 8  ? -5.333  -2.066  10.510  1.00   22.20 ? 7    ILE A DG13 1 
ATOM   138  D  DG21 . ILE A 1 8  ? -7.963  -3.869  10.908  1.00   16.00 ? 7    ILE A DG21 1 
ATOM   139  D  DG22 . ILE A 1 8  ? -7.807  -2.400  10.450  1.00   19.24 ? 7    ILE A DG22 1 
ATOM   140  D  DG23 . ILE A 1 8  ? -8.444  -3.445  9.445   1.00   17.91 ? 7    ILE A DG23 1 
ATOM   141  D  DD11 . ILE A 1 8  ? -5.074  -4.518  11.729  1.00   21.16 ? 7    ILE A DD11 1 
ATOM   142  D  DD12 . ILE A 1 8  ? -4.424  -3.128  12.183  1.00   23.68 ? 7    ILE A DD12 1 
ATOM   143  D  DD13 . ILE A 1 8  ? -5.995  -3.307  12.159  1.00   37.39 ? 7    ILE A DD13 1 
ATOM   144  N  N    . CYS A 1 9  ? -7.432  -5.183  7.075   1.00   9.77  ? 8    CYS A N    1 
ATOM   145  C  CA   . CYS A 1 9  ? -8.636  -5.375  6.243   1.00   10.38 ? 8    CYS A CA   1 
ATOM   146  C  C    . CYS A 1 9  ? -8.486  -6.308  5.022   1.00   9.35  ? 8    CYS A C    1 
ATOM   147  O  O    . CYS A 1 9  ? -9.491  -6.626  4.384   1.00   10.81 ? 8    CYS A O    1 
ATOM   148  C  CB   . CYS A 1 9  ? -9.171  -4.021  5.788   1.00   11.09 ? 8    CYS A CB   1 
ATOM   149  S  SG   . CYS A 1 9  ? -8.249  -3.196  4.433   1.00   7.99  ? 8    CYS A SG   1 
ATOM   150  D  D    . CYS A 1 9  ? -6.723  -4.659  6.744   1.00   11.47 ? 8    CYS A D    1 
ATOM   151  D  DA   . CYS A 1 9  ? -9.367  -5.775  6.838   1.00   12.77 ? 8    CYS A DA   1 
ATOM   152  D  DB2  . CYS A 1 9  ? -10.084 -4.111  5.421   1.00   11.98 ? 8    CYS A DB2  1 
ATOM   153  D  DB3  . CYS A 1 9  ? -9.197  -3.388  6.582   1.00   12.17 ? 8    CYS A DB3  1 
ATOM   154  N  N    . GLY A 1 10 ? -7.257  -6.631  4.659   1.00   7.88  ? 9    GLY A N    1 
ATOM   155  C  CA   . GLY A 1 10 ? -7.021  -7.523  3.523   1.00   10.53 ? 9    GLY A CA   1 
ATOM   156  C  C    . GLY A 1 10 ? -6.816  -6.841  2.162   1.00   8.70  ? 9    GLY A C    1 
ATOM   157  O  O    . GLY A 1 10 ? -6.666  -7.532  1.162   1.00   10.76 ? 9    GLY A O    1 
ATOM   158  D  D    . GLY A 1 10 ? -6.491  -6.410  5.124   1.00   11.03 ? 9    GLY A D    1 
ATOM   159  D  DA2  . GLY A 1 10 ? -6.218  -8.061  3.704   1.00   11.18 ? 9    GLY A DA2  1 
ATOM   160  D  DA3  . GLY A 1 10 ? -7.793  -8.131  3.428   1.00   12.49 ? 9    GLY A DA3  1 
ATOM   161  N  N    . TYR A 1 11 ? -6.904  -5.503  2.113   1.00   9.17  ? 10   TYR A N    1 
ATOM   162  C  CA   . TYR A 1 11 ? -6.525  -4.760  0.901   1.00   7.80  ? 10   TYR A CA   1 
ATOM   163  C  C    . TYR A 1 11 ? -5.057  -5.092  0.530   1.00   7.00  ? 10   TYR A C    1 
ATOM   164  O  O    . TYR A 1 11 ? -4.186  -5.199  1.386   1.00   7.32  ? 10   TYR A O    1 
ATOM   165  C  CB   . TYR A 1 11 ? -6.616  -3.262  1.209   1.00   8.15  ? 10   TYR A CB   1 
ATOM   166  C  CG   . TYR A 1 11 ? -6.060  -2.388  0.095   1.00   7.75  ? 10   TYR A CG   1 
ATOM   167  C  CD1  . TYR A 1 11 ? -6.770  -2.173  -1.089  1.00   10.02 ? 10   TYR A CD1  1 
ATOM   168  C  CD2  . TYR A 1 11 ? -4.775  -1.802  0.208   1.00   9.35  ? 10   TYR A CD2  1 
ATOM   169  C  CE1  . TYR A 1 11 ? -6.215  -1.375  -2.108  1.00   9.26  ? 10   TYR A CE1  1 
ATOM   170  C  CE2  . TYR A 1 11 ? -4.241  -1.019  -0.811  1.00   10.52 ? 10   TYR A CE2  1 
ATOM   171  C  CZ   . TYR A 1 11 ? -4.972  -0.794  -1.955  1.00   10.41 ? 10   TYR A CZ   1 
ATOM   172  O  OH   . TYR A 1 11 ? -4.362  0.004   -2.933  1.00   15.95 ? 10   TYR A OH   1 
ATOM   173  D  D    . TYR A 1 11 ? -7.135  -5.030  2.768   1.00   19.96 ? 10   TYR A D    1 
ATOM   174  D  DA   . TYR A 1 11 ? -7.150  -5.015  0.115   1.00   8.60  ? 10   TYR A DA   1 
ATOM   175  D  DB2  . TYR A 1 11 ? -7.585  -3.048  1.345   1.00   10.00 ? 10   TYR A DB2  1 
ATOM   176  D  DB3  . TYR A 1 11 ? -6.147  -3.066  2.116   1.00   10.17 ? 10   TYR A DB3  1 
ATOM   177  D  DD1  . TYR A 1 11 ? -7.656  -2.550  -1.213  1.00   12.69 ? 10   TYR A DD1  1 
ATOM   178  D  DD2  . TYR A 1 11 ? -4.269  -1.973  1.038   1.00   12.36 ? 10   TYR A DD2  1 
ATOM   179  D  DE1  . TYR A 1 11 ? -6.727  -1.222  -2.920  1.00   13.29 ? 10   TYR A DE1  1 
ATOM   180  D  DE2  . TYR A 1 11 ? -3.321  -0.626  -0.702  1.00   11.13 ? 10   TYR A DE2  1 
ATOM   181  D  DH   . TYR A 1 11 ? -4.918  0.288   -3.490  1.00   14.01 ? 10   TYR A DH   1 
ATOM   182  N  N    A ILE A 1 12 ? -4.834  -5.248  -0.768  0.59   8.11  ? 11   ILE A N    1 
ATOM   183  N  N    B ILE A 1 12 ? -4.790  -5.266  -0.753  0.41   7.97  ? 11   ILE A N    1 
ATOM   184  C  CA   A ILE A 1 12 ? -3.525  -5.521  -1.337  0.59   6.77  ? 11   ILE A CA   1 
ATOM   185  C  CA   B ILE A 1 12 ? -3.427  -5.453  -1.183  0.41   7.44  ? 11   ILE A CA   1 
ATOM   186  C  C    A ILE A 1 12 ? -3.017  -4.202  -2.007  0.59   8.15  ? 11   ILE A C    1 
ATOM   187  C  C    B ILE A 1 12 ? -3.001  -4.224  -1.977  0.41   8.20  ? 11   ILE A C    1 
ATOM   188  O  O    A ILE A 1 12 ? -3.606  -3.720  -2.969  0.59   7.59  ? 11   ILE A O    1 
ATOM   189  O  O    B ILE A 1 12 ? -3.602  -3.830  -2.966  0.41   7.81  ? 11   ILE A O    1 
ATOM   190  C  CB   A ILE A 1 12 ? -3.639  -6.670  -2.404  0.59   12.30 ? 11   ILE A CB   1 
ATOM   191  C  CB   B ILE A 1 12 ? -3.264  -6.739  -2.025  0.41   11.67 ? 11   ILE A CB   1 
ATOM   192  C  CG1  A ILE A 1 12 ? -4.255  -7.951  -1.797  0.59   13.92 ? 11   ILE A CG1  1 
ATOM   193  C  CG1  B ILE A 1 12 ? -3.483  -7.981  -1.155  0.41   8.78  ? 11   ILE A CG1  1 
ATOM   194  C  CG2  A ILE A 1 12 ? -2.282  -6.883  -3.111  0.59   10.21 ? 11   ILE A CG2  1 
ATOM   195  C  CG2  B ILE A 1 12 ? -1.837  -6.809  -2.644  0.41   11.31 ? 11   ILE A CG2  1 
ATOM   196  C  CD1  A ILE A 1 12 ? -3.423  -8.685  -0.812  0.59   20.34 ? 11   ILE A CD1  1 
ATOM   197  C  CD1  B ILE A 1 12 ? -3.843  -9.222  -1.956  0.41   18.04 ? 11   ILE A CD1  1 
ATOM   198  D  D    A ILE A 1 12 ? -5.526  -5.186  -1.335  0.59   8.76  ? 11   ILE A D    1 
ATOM   199  D  D    B ILE A 1 12 ? -5.412  -5.268  -1.373  0.41   9.96  ? 11   ILE A D    1 
ATOM   200  D  DA   A ILE A 1 12 ? -2.868  -5.840  -0.643  0.59   10.36 ? 11   ILE A DA   1 
ATOM   201  D  DA   B ILE A 1 12 ? -2.827  -5.536  -0.370  0.41   6.40  ? 11   ILE A DA   1 
ATOM   202  D  DB   A ILE A 1 12 ? -4.255  -6.424  -3.118  0.59   11.04 ? 11   ILE A DB   1 
ATOM   203  D  DB   B ILE A 1 12 ? -3.923  -6.779  -2.739  0.41   10.78 ? 11   ILE A DB   1 
ATOM   204  D  DG12 A ILE A 1 12 ? -5.085  -7.732  -1.348  0.59   13.31 ? 11   ILE A DG12 1 
ATOM   205  D  DG12 B ILE A 1 12 ? -2.625  -8.167  -0.708  0.41   13.36 ? 11   ILE A DG12 1 
ATOM   206  D  DG13 A ILE A 1 12 ? -4.451  -8.577  -2.536  0.59   20.05 ? 11   ILE A DG13 1 
ATOM   207  D  DG13 B ILE A 1 12 ? -4.168  -7.817  -0.475  0.41   10.33 ? 11   ILE A DG13 1 
ATOM   208  D  DG21 A ILE A 1 12 ? -1.563  -6.888  -2.473  0.59   13.02 ? 11   ILE A DG21 1 
ATOM   209  D  DG21 B ILE A 1 12 ? -1.172  -6.763  -1.948  0.41   13.68 ? 11   ILE A DG21 1 
ATOM   210  D  DG22 A ILE A 1 12 ? -2.299  -7.717  -3.607  0.59   15.00 ? 11   ILE A DG22 1 
ATOM   211  D  DG22 B ILE A 1 12 ? -1.739  -7.665  -3.096  0.41   14.22 ? 11   ILE A DG22 1 
ATOM   212  D  DG23 A ILE A 1 12 ? -2.123  -6.155  -3.744  0.59   14.24 ? 11   ILE A DG23 1 
ATOM   213  D  DG23 B ILE A 1 12 ? -1.710  -6.054  -3.252  0.41   7.50  ? 11   ILE A DG23 1 
ATOM   214  D  DD11 A ILE A 1 12 ? -3.037  -8.047  -0.198  0.59   12.48 ? 11   ILE A DD11 1 
ATOM   215  D  DD11 B ILE A 1 12 ? -4.485  -9.004  -2.642  0.41   16.13 ? 11   ILE A DD11 1 
ATOM   216  D  DD12 A ILE A 1 12 ? -3.995  -9.316  -0.346  0.59   19.93 ? 11   ILE A DD12 1 
ATOM   217  D  DD12 B ILE A 1 12 ? -3.036  -9.526  -2.368  0.41   17.47 ? 11   ILE A DD12 1 
ATOM   218  D  DD13 A ILE A 1 12 ? -2.749  -9.174  -1.303  0.59   19.40 ? 11   ILE A DD13 1 
ATOM   219  D  DD13 B ILE A 1 12 ? -4.204  -9.890  -1.354  0.41   17.20 ? 11   ILE A DD13 1 
ATOM   220  N  N    . TYR A 1 13 ? -1.918  -3.662  -1.530  1.00   8.04  ? 12   TYR A N    1 
ATOM   221  C  CA   . TYR A 1 13 ? -1.249  -2.623  -2.267  1.00   7.83  ? 12   TYR A CA   1 
ATOM   222  C  C    . TYR A 1 13 ? -0.355  -3.298  -3.299  1.00   8.53  ? 12   TYR A C    1 
ATOM   223  O  O    . TYR A 1 13 ? 0.577   -3.966  -2.931  1.00   9.53  ? 12   TYR A O    1 
ATOM   224  C  CB   . TYR A 1 13 ? -0.372  -1.736  -1.323  1.00   9.16  ? 12   TYR A CB   1 
ATOM   225  C  CG   . TYR A 1 13 ? 0.363   -0.699  -2.180  1.00   8.28  ? 12   TYR A CG   1 
ATOM   226  C  CD1  . TYR A 1 13 ? -0.352  0.376   -2.741  1.00   9.66  ? 12   TYR A CD1  1 
ATOM   227  C  CD2  . TYR A 1 13 ? 1.713   -0.806  -2.505  1.00   9.57  ? 12   TYR A CD2  1 
ATOM   228  C  CE1  . TYR A 1 13 ? 0.267   1.312   -3.557  1.00   8.46  ? 12   TYR A CE1  1 
ATOM   229  C  CE2  . TYR A 1 13 ? 2.345   0.119   -3.391  1.00   8.09  ? 12   TYR A CE2  1 
ATOM   230  C  CZ   . TYR A 1 13 ? 1.617   1.170   -3.890  1.00   8.32  ? 12   TYR A CZ   1 
ATOM   231  O  OH   . TYR A 1 13 ? 2.207   2.074   -4.736  1.00   10.28 ? 12   TYR A OH   1 
ATOM   232  D  D    . TYR A 1 13 ? -1.464  -3.990  -0.845  1.00   12.42 ? 12   TYR A D    1 
ATOM   233  D  DA   . TYR A 1 13 ? -1.944  -2.014  -2.737  1.00   9.11  ? 12   TYR A DA   1 
ATOM   234  D  DB2  . TYR A 1 13 ? -1.011  -1.293  -0.676  1.00   12.89 ? 12   TYR A DB2  1 
ATOM   235  D  DB3  . TYR A 1 13 ? 0.288   -2.320  -0.811  1.00   9.56  ? 12   TYR A DB3  1 
ATOM   236  D  DD1  . TYR A 1 13 ? -1.305  0.499   -2.540  1.00   12.86 ? 12   TYR A DD1  1 
ATOM   237  D  DD2  . TYR A 1 13 ? 2.218   -1.580  -2.135  1.00   12.26 ? 12   TYR A DD2  1 
ATOM   238  D  DE1  . TYR A 1 13 ? -0.250  2.071   -3.966  1.00   11.20 ? 12   TYR A DE1  1 
ATOM   239  D  DE2  . TYR A 1 13 ? 3.286   0.036   -3.574  1.00   12.77 ? 12   TYR A DE2  1 
ATOM   240  D  DH   . TYR A 1 13 ? 3.018   1.831   -4.919  1.00   10.82 ? 12   TYR A DH   1 
ATOM   241  N  N    . ASP A 1 14 ? -0.670  -3.111  -4.558  1.00   7.91  ? 13   ASP A N    1 
ATOM   242  C  CA   . ASP A 1 14 ? 0.057   -3.688  -5.653  1.00   7.40  ? 13   ASP A CA   1 
ATOM   243  C  C    . ASP A 1 14 ? 0.903   -2.604  -6.283  1.00   8.50  ? 13   ASP A C    1 
ATOM   244  O  O    . ASP A 1 14 ? 0.372   -1.604  -6.829  1.00   8.23  ? 13   ASP A O    1 
ATOM   245  C  CB   . ASP A 1 14 ? -0.961  -4.201  -6.681  1.00   11.53 ? 13   ASP A CB   1 
ATOM   246  C  CG   . ASP A 1 14 ? -0.317  -4.885  -7.868  1.00   14.84 ? 13   ASP A CG   1 
ATOM   247  O  OD1  . ASP A 1 14 ? 0.917   -4.916  -8.009  1.00   12.45 ? 13   ASP A OD1  1 
ATOM   248  O  OD2  . ASP A 1 14 ? -1.099  -5.429  -8.689  1.00   20.81 ? 13   ASP A OD2  1 
ATOM   249  D  D    . ASP A 1 14 ? -1.343  -2.507  -4.798  1.00   9.52  ? 13   ASP A D    1 
ATOM   250  D  DA   . ASP A 1 14 ? 0.698   -4.430  -5.282  1.00   9.00  ? 13   ASP A DA   1 
ATOM   251  D  DB2  . ASP A 1 14 ? -1.571  -4.899  -6.251  1.00   15.41 ? 13   ASP A DB2  1 
ATOM   252  D  DB3  . ASP A 1 14 ? -1.541  -3.461  -6.996  1.00   13.08 ? 13   ASP A DB3  1 
ATOM   253  N  N    . GLU A 1 15 ? 2.199   -2.713  -6.153  1.00   9.00  ? 14   GLU A N    1 
ATOM   254  C  CA   . GLU A 1 15 ? 3.127   -1.694  -6.687  1.00   10.84 ? 14   GLU A CA   1 
ATOM   255  C  C    . GLU A 1 15 ? 2.920   -1.434  -8.159  1.00   9.81  ? 14   GLU A C    1 
ATOM   256  O  O    . GLU A 1 15 ? 3.064   -0.300  -8.606  1.00   11.70 ? 14   GLU A O    1 
ATOM   257  C  CB   . GLU A 1 15 ? 4.597   -2.086  -6.401  1.00   12.44 ? 14   GLU A CB   1 
ATOM   258  C  CG   . GLU A 1 15 ? 4.943   -2.017  -4.921  1.00   10.93 ? 14   GLU A CG   1 
ATOM   259  C  CD   . GLU A 1 15 ? 6.320   -2.485  -4.597  1.00   11.98 ? 14   GLU A CD   1 
ATOM   260  O  OE1  . GLU A 1 15 ? 7.002   -3.080  -5.454  1.00   15.44 ? 14   GLU A OE1  1 
ATOM   261  O  OE2  . GLU A 1 15 ? 6.702   -2.280  -3.439  1.00   12.81 ? 14   GLU A OE2  1 
ATOM   262  D  D    . GLU A 1 15 ? 2.582   -3.448  -5.782  1.00   11.21 ? 14   GLU A D    1 
ATOM   263  D  DA   . GLU A 1 15 ? 2.898   -0.780  -6.283  1.00   12.31 ? 14   GLU A DA   1 
ATOM   264  D  DB2  . GLU A 1 15 ? 4.756   -3.036  -6.767  1.00   11.96 ? 14   GLU A DB2  1 
ATOM   265  D  DB3  . GLU A 1 15 ? 5.203   -1.430  -6.820  1.00   13.79 ? 14   GLU A DB3  1 
ATOM   266  D  DG2  . GLU A 1 15 ? 4.786   -1.062  -4.597  1.00   10.82 ? 14   GLU A DG2  1 
ATOM   267  D  DG3  . GLU A 1 15 ? 4.337   -2.597  -4.389  1.00   13.31 ? 14   GLU A DG3  1 
ATOM   268  N  N    . ASP A 1 16 ? 2.509   -2.463  -8.895  1.00   11.14 ? 15   ASP A N    1 
ATOM   269  C  CA   . ASP A 1 16 ? 2.234   -2.295  -10.328 1.00   11.50 ? 15   ASP A CA   1 
ATOM   270  C  C    . ASP A 1 16 ? 1.027   -1.366  -10.586 1.00   12.36 ? 15   ASP A C    1 
ATOM   271  O  O    . ASP A 1 16 ? 1.021   -0.629  -11.585 1.00   18.03 ? 15   ASP A O    1 
ATOM   272  C  CB   . ASP A 1 16 ? 2.026   -3.626  -11.050 1.00   13.86 ? 15   ASP A CB   1 
ATOM   273  C  CG   . ASP A 1 16 ? 3.305   -4.431  -11.226 1.00   17.17 ? 15   ASP A CG   1 
ATOM   274  O  OD1  . ASP A 1 16 ? 4.365   -3.820  -11.448 1.00   25.04 ? 15   ASP A OD1  1 
ATOM   275  O  OD2  . ASP A 1 16 ? 3.230   -5.670  -11.147 1.00   36.42 ? 15   ASP A OD2  1 
ATOM   276  D  D    . ASP A 1 16 ? 2.366   -3.289  -8.577  1.00   13.42 ? 15   ASP A D    1 
ATOM   277  D  DA   . ASP A 1 16 ? 3.063   -1.851  -10.722 1.00   14.37 ? 15   ASP A DA   1 
ATOM   278  D  DB2  . ASP A 1 16 ? 1.362   -4.206  -10.601 1.00   17.26 ? 15   ASP A DB2  1 
ATOM   279  D  DB3  . ASP A 1 16 ? 1.689   -3.376  -11.949 1.00   20.21 ? 15   ASP A DB3  1 
ATOM   280  N  N    . ALA A 1 17 ? 0.031   -1.366  -9.696  1.00   11.42 ? 16   ALA A N    1 
ATOM   281  C  CA   . ALA A 1 17 ? -1.187  -0.573  -9.827  1.00   11.95 ? 16   ALA A CA   1 
ATOM   282  C  C    . ALA A 1 17 ? -1.091  0.824   -9.168  1.00   10.55 ? 16   ALA A C    1 
ATOM   283  O  O    . ALA A 1 17 ? -1.830  1.727   -9.549  1.00   10.35 ? 16   ALA A O    1 
ATOM   284  C  CB   . ALA A 1 17 ? -2.363  -1.337  -9.205  1.00   16.49 ? 16   ALA A CB   1 
ATOM   285  D  D    . ALA A 1 17 ? 0.118   -1.854  -8.943  1.00   15.58 ? 16   ALA A D    1 
ATOM   286  D  DA   . ALA A 1 17 ? -1.405  -0.404  -10.811 1.00   13.72 ? 16   ALA A DA   1 
ATOM   287  D  DB1  . ALA A 1 17 ? -2.207  -1.444  -8.256  1.00   16.65 ? 16   ALA A DB1  1 
ATOM   288  D  DB2  . ALA A 1 17 ? -3.138  -0.799  -9.322  1.00   18.52 ? 16   ALA A DB2  1 
ATOM   289  D  DB3  . ALA A 1 17 ? -2.453  -2.245  -9.605  1.00   17.89 ? 16   ALA A DB3  1 
ATOM   290  N  N    . GLY A 1 18 ? -0.223  0.982   -8.163  1.00   10.26 ? 17   GLY A N    1 
ATOM   291  C  CA   . GLY A 1 18 ? -0.182  2.186   -7.350  1.00   9.81  ? 17   GLY A CA   1 
ATOM   292  C  C    . GLY A 1 18 ? -1.550  2.396   -6.703  1.00   9.45  ? 17   GLY A C    1 
ATOM   293  O  O    . GLY A 1 18 ? -2.268  1.432   -6.376  1.00   10.82 ? 17   GLY A O    1 
ATOM   294  D  D    . GLY A 1 18 ? 0.266   0.259   -7.882  1.00   13.59 ? 17   GLY A D    1 
ATOM   295  D  DA2  . GLY A 1 18 ? 0.535   2.086   -6.638  1.00   10.68 ? 17   GLY A DA2  1 
ATOM   296  D  DA3  . GLY A 1 18 ? -0.024  2.987   -7.952  1.00   14.30 ? 17   GLY A DA3  1 
ATOM   297  N  N    . ASP A 1 19 ? -1.884  3.650   -6.514  1.00   10.16 ? 18   ASP A N    1 
ATOM   298  C  CA   . ASP A 1 19 ? -3.139  4.078   -5.815  1.00   9.68  ? 18   ASP A CA   1 
ATOM   299  C  C    . ASP A 1 19 ? -3.440  5.468   -6.400  1.00   11.15 ? 18   ASP A C    1 
ATOM   300  O  O    . ASP A 1 19 ? -3.351  6.466   -5.710  1.00   9.78  ? 18   ASP A O    1 
ATOM   301  C  CB   . ASP A 1 19 ? -2.918  4.058   -4.288  1.00   10.93 ? 18   ASP A CB   1 
ATOM   302  C  CG   . ASP A 1 19 ? -4.158  4.428   -3.456  1.00   11.97 ? 18   ASP A CG   1 
ATOM   303  O  OD1  . ASP A 1 19 ? -5.276  4.305   -3.997  1.00   14.27 ? 18   ASP A OD1  1 
ATOM   304  O  OD2  . ASP A 1 19 ? -3.964  4.821   -2.290  1.00   12.86 ? 18   ASP A OD2  1 
ATOM   305  D  D    . ASP A 1 19 ? -1.337  4.308   -6.847  1.00   12.63 ? 18   ASP A D    1 
ATOM   306  D  DA   . ASP A 1 19 ? -3.856  3.403   -6.083  1.00   11.45 ? 18   ASP A DA   1 
ATOM   307  D  DB2  . ASP A 1 19 ? -2.658  3.095   -4.081  1.00   12.18 ? 18   ASP A DB2  1 
ATOM   308  D  DB3  . ASP A 1 19 ? -2.184  4.679   -4.019  1.00   11.87 ? 18   ASP A DB3  1 
ATOM   309  N  N    A PRO A 1 20 ? -3.791  5.506   -7.679  0.61   11.54 ? 19   PRO A N    1 
ATOM   310  N  N    B PRO A 1 20 ? -3.807  5.492   -7.702  0.39   11.63 ? 19   PRO A N    1 
ATOM   311  C  CA   A PRO A 1 20 ? -3.807  6.817   -8.346  0.61   12.31 ? 19   PRO A CA   1 
ATOM   312  C  CA   B PRO A 1 20 ? -3.894  6.781   -8.402  0.39   12.12 ? 19   PRO A CA   1 
ATOM   313  C  C    A PRO A 1 20 ? -4.907  7.757   -7.810  0.61   15.42 ? 19   PRO A C    1 
ATOM   314  C  C    B PRO A 1 20 ? -4.897  7.749   -7.778  0.39   15.44 ? 19   PRO A C    1 
ATOM   315  O  O    A PRO A 1 20 ? -4.712  8.974   -7.858  0.61   14.02 ? 19   PRO A O    1 
ATOM   316  O  O    B PRO A 1 20 ? -4.647  8.959   -7.744  0.39   13.99 ? 19   PRO A O    1 
ATOM   317  C  CB   A PRO A 1 20 ? -4.026  6.457   -9.823  0.61   14.62 ? 19   PRO A CB   1 
ATOM   318  C  CB   B PRO A 1 20 ? -4.338  6.390   -9.817  0.39   14.10 ? 19   PRO A CB   1 
ATOM   319  C  CG   A PRO A 1 20 ? -4.603  5.043   -9.785  0.61   14.29 ? 19   PRO A CG   1 
ATOM   320  C  CG   B PRO A 1 20 ? -3.729  5.040   -9.996  0.39   13.44 ? 19   PRO A CG   1 
ATOM   321  C  CD   A PRO A 1 20 ? -3.914  4.391   -8.635  0.61   13.91 ? 19   PRO A CD   1 
ATOM   322  C  CD   B PRO A 1 20 ? -4.022  4.378   -8.652  0.39   13.85 ? 19   PRO A CD   1 
ATOM   323  D  DA   A PRO A 1 20 ? -2.926  7.290   -8.196  0.61   11.01 ? 19   PRO A DA   1 
ATOM   324  D  DA   B PRO A 1 20 ? -2.992  7.187   -8.436  0.39   13.92 ? 19   PRO A DA   1 
ATOM   325  D  DB2  A PRO A 1 20 ? -4.640  7.132   -10.189 0.61   16.01 ? 19   PRO A DB2  1 
ATOM   326  D  DB2  B PRO A 1 20 ? -5.321  6.355   -9.874  0.39   16.70 ? 19   PRO A DB2  1 
ATOM   327  D  DB3  A PRO A 1 20 ? -3.156  6.433   -10.276 0.61   14.19 ? 19   PRO A DB3  1 
ATOM   328  D  DB3  B PRO A 1 20 ? -3.969  7.059   -10.425 0.39   17.29 ? 19   PRO A DB3  1 
ATOM   329  D  DG2  A PRO A 1 20 ? -5.570  5.073   -9.631  0.61   19.44 ? 19   PRO A DG2  1 
ATOM   330  D  DG2  B PRO A 1 20 ? -4.118  4.573   -10.753 0.39   16.85 ? 19   PRO A DG2  1 
ATOM   331  D  DG3  A PRO A 1 20 ? -4.388  4.580   -10.616 0.61   20.52 ? 19   PRO A DG3  1 
ATOM   332  D  DG3  B PRO A 1 20 ? -2.774  5.158   -10.124 0.39   14.26 ? 19   PRO A DG3  1 
ATOM   333  D  DD2  A PRO A 1 20 ? -4.448  3.649   -8.276  0.61   15.73 ? 19   PRO A DD2  1 
ATOM   334  D  DD2  B PRO A 1 20 ? -4.953  4.112   -8.614  0.39   16.80 ? 19   PRO A DD2  1 
ATOM   335  D  DD3  A PRO A 1 20 ? -3.018  4.079   -8.895  0.61   13.18 ? 19   PRO A DD3  1 
ATOM   336  D  DD3  B PRO A 1 20 ? -3.427  3.607   -8.521  0.39   13.75 ? 19   PRO A DD3  1 
ATOM   337  N  N    . ASP A 1 21 ? -6.009  7.219   -7.275  1.00   15.14 ? 20   ASP A N    1 
ATOM   338  C  CA   . ASP A 1 21 ? -7.042  8.063   -6.723  1.00   20.15 ? 20   ASP A CA   1 
ATOM   339  C  C    . ASP A 1 21 ? -6.560  8.800   -5.486  1.00   16.17 ? 20   ASP A C    1 
ATOM   340  O  O    . ASP A 1 21 ? -7.126  9.824   -5.109  1.00   22.97 ? 20   ASP A O    1 
ATOM   341  C  CB   . ASP A 1 21 ? -8.322  7.265   -6.437  1.00   25.03 ? 20   ASP A CB   1 
ATOM   342  C  CG   . ASP A 1 21 ? -8.962  6.713   -7.708  1.00   30.58 ? 20   ASP A CG   1 
ATOM   343  O  OD1  . ASP A 1 21 ? -8.701  7.259   -8.812  1.00   31.10 ? 20   ASP A OD1  1 
ATOM   344  O  OD2  . ASP A 1 21 ? -9.724  5.724   -7.601  1.00   33.23 ? 20   ASP A OD2  1 
ATOM   345  D  D    . ASP A 1 21 ? -6.187  6.352   -7.242  1.00   15.60 ? 20   ASP A D    1 
ATOM   346  D  DA   . ASP A 1 21 ? -7.244  8.749   -7.403  1.00   21.24 ? 20   ASP A DA   1 
ATOM   347  D  DB2  . ASP A 1 21 ? -8.147  6.505   -5.852  1.00   19.11 ? 20   ASP A DB2  1 
ATOM   348  D  DB3  . ASP A 1 21 ? -8.944  7.868   -6.003  1.00   28.58 ? 20   ASP A DB3  1 
ATOM   349  N  N    . ASN A 1 22 ? -5.492  8.296   -4.856  1.00   14.65 ? 21   ASN A N    1 
ATOM   350  C  CA   . ASN A 1 22 ? -4.946  8.945   -3.675  1.00   15.79 ? 21   ASN A CA   1 
ATOM   351  C  C    . ASN A 1 22 ? -3.547  9.508   -3.884  1.00   11.38 ? 21   ASN A C    1 
ATOM   352  O  O    . ASN A 1 22 ? -2.775  9.690   -2.949  1.00   19.02 ? 21   ASN A O    1 
ATOM   353  C  CB   . ASN A 1 22 ? -4.960  7.973   -2.470  1.00   16.55 ? 21   ASN A CB   1 
ATOM   354  C  CG   . ASN A 1 22 ? -6.381  7.586   -2.076  1.00   16.55 ? 21   ASN A CG   1 
ATOM   355  O  OD1  . ASN A 1 22 ? -7.101  8.396   -1.476  1.00   30.80 ? 21   ASN A OD1  1 
ATOM   356  N  ND2  . ASN A 1 22 ? -6.811  6.371   -2.429  1.00   23.80 ? 21   ASN A ND2  1 
ATOM   357  D  D    . ASN A 1 22 ? -5.075  7.555   -5.172  1.00   15.80 ? 21   ASN A D    1 
ATOM   358  D  DA   . ASN A 1 22 ? -5.569  9.703   -3.451  1.00   19.12 ? 21   ASN A DA   1 
ATOM   359  D  DB2  . ASN A 1 22 ? -4.413  7.164   -2.691  1.00   18.73 ? 21   ASN A DB2  1 
ATOM   360  D  DB3  . ASN A 1 22 ? -4.517  8.441   -1.696  1.00   16.31 ? 21   ASN A DB3  1 
ATOM   361  D  DD21 . ASN A 1 22 ? -6.253  5.764   -2.713  1.00   21.89 ? 21   ASN A DD21 1 
ATOM   362  D  DD22 . ASN A 1 22 ? -7.664  6.173   -2.389  1.00   26.23 ? 21   ASN A DD22 1 
ATOM   363  N  N    . GLY A 1 23 ? -3.215  9.840   -5.147  1.00   12.63 ? 22   GLY A N    1 
ATOM   364  C  CA   . GLY A 1 23 ? -1.992  10.538  -5.494  1.00   13.93 ? 22   GLY A CA   1 
ATOM   365  C  C    . GLY A 1 23 ? -0.767  9.681   -5.785  1.00   11.13 ? 22   GLY A C    1 
ATOM   366  O  O    . GLY A 1 23 ? 0.306   10.200  -5.816  1.00   10.49 ? 22   GLY A O    1 
ATOM   367  D  D    . GLY A 1 23 ? -3.793  9.631   -5.805  1.00   13.39 ? 22   GLY A D    1 
ATOM   368  D  DA2  . GLY A 1 23 ? -2.129  11.056  -6.298  1.00   13.89 ? 22   GLY A DA2  1 
ATOM   369  D  DA3  . GLY A 1 23 ? -1.749  11.180  -4.746  1.00   15.39 ? 22   GLY A DA3  1 
ATOM   370  N  N    . ILE A 1 24 ? -0.930  8.378   -6.011  1.00   10.01 ? 23   ILE A N    1 
ATOM   371  C  CA   . ILE A 1 24 ? 0.170   7.467   -6.171  1.00   9.47  ? 23   ILE A CA   1 
ATOM   372  C  C    . ILE A 1 24 ? 0.134   6.780   -7.567  1.00   8.39  ? 23   ILE A C    1 
ATOM   373  O  O    . ILE A 1 24 ? -0.755  6.011   -7.885  1.00   9.96  ? 23   ILE A O    1 
ATOM   374  C  CB   . ILE A 1 24 ? 0.153   6.362   -5.073  1.00   10.70 ? 23   ILE A CB   1 
ATOM   375  C  CG1  . ILE A 1 24 ? 0.056   6.935   -3.622  1.00   10.93 ? 23   ILE A CG1  1 
ATOM   376  C  CG2  . ILE A 1 24 ? 1.350   5.430   -5.275  1.00   10.57 ? 23   ILE A CG2  1 
ATOM   377  C  CD1  . ILE A 1 24 ? 1.245   7.848   -3.240  1.00   17.35 ? 23   ILE A CD1  1 
ATOM   378  D  D    . ILE A 1 24 ? -1.751  8.010   -6.019  1.00   11.63 ? 23   ILE A D    1 
ATOM   379  D  DA   . ILE A 1 24 ? 1.043   8.004   -6.101  1.00   10.59 ? 23   ILE A DA   1 
ATOM   380  D  DB   . ILE A 1 24 ? -0.696  5.855   -5.248  1.00   12.23 ? 23   ILE A DB   1 
ATOM   381  D  DG12 . ILE A 1 24 ? -0.830  7.391   -3.520  1.00   14.98 ? 23   ILE A DG12 1 
ATOM   382  D  DG13 . ILE A 1 24 ? -0.012  6.129   -2.982  1.00   12.89 ? 23   ILE A DG13 1 
ATOM   383  D  DG21 . ILE A 1 24 ? 2.183   5.898   -5.159  1.00   13.07 ? 23   ILE A DG21 1 
ATOM   384  D  DG22 . ILE A 1 24 ? 1.244   4.689   -4.575  1.00   13.16 ? 23   ILE A DG22 1 
ATOM   385  D  DG23 . ILE A 1 24 ? 1.334   5.063   -6.176  1.00   11.69 ? 23   ILE A DG23 1 
ATOM   386  D  DD11 . ILE A 1 24 ? 1.276   8.632   -3.811  1.00   20.50 ? 23   ILE A DD11 1 
ATOM   387  D  DD12 . ILE A 1 24 ? 1.101   8.099   -2.319  1.00   19.90 ? 23   ILE A DD12 1 
ATOM   388  D  DD13 . ILE A 1 24 ? 2.100   7.419   -3.327  1.00   16.82 ? 23   ILE A DD13 1 
ATOM   389  N  N    . SER A 1 25 ? 1.059   7.151   -8.443  1.00   10.13 ? 24   SER A N    1 
ATOM   390  C  CA   . SER A 1 25 ? 1.106   6.575   -9.787  1.00   9.64  ? 24   SER A CA   1 
ATOM   391  C  C    . SER A 1 25 ? 1.508   5.117   -9.768  1.00   7.75  ? 24   SER A C    1 
ATOM   392  O  O    . SER A 1 25 ? 2.206   4.631   -8.887  1.00   8.46  ? 24   SER A O    1 
ATOM   393  C  CB   . SER A 1 25 ? 2.025   7.387   -10.657 1.00   9.21  ? 24   SER A CB   1 
ATOM   394  O  OG   . SER A 1 25 ? 3.330   7.474   -10.138 1.00   11.67 ? 24   SER A OG   1 
ATOM   395  D  D    . SER A 1 25 ? 1.686   7.715   -8.214  1.00   11.20 ? 24   SER A D    1 
ATOM   396  D  DA   . SER A 1 25 ? 0.210   6.662   -10.187 1.00   9.70  ? 24   SER A DA   1 
ATOM   397  D  DB2  . SER A 1 25 ? 2.054   7.065   -11.605 1.00   11.51 ? 24   SER A DB2  1 
ATOM   398  D  DB3  . SER A 1 25 ? 1.668   8.330   -10.688 1.00   12.71 ? 24   SER A DB3  1 
ATOM   399  D  DG   . SER A 1 25 ? 3.856   7.015   -10.613 0.63   12.56 ? 24   SER A DG   1 
ATOM   400  N  N    . PRO A 1 26 ? 1.100   4.370   -10.795 1.00   9.65  ? 25   PRO A N    1 
ATOM   401  C  CA   . PRO A 1 26 ? 1.522   2.971   -10.943 1.00   10.78 ? 25   PRO A CA   1 
ATOM   402  C  C    . PRO A 1 26 ? 3.052   2.894   -10.961 1.00   11.46 ? 25   PRO A C    1 
ATOM   403  O  O    . PRO A 1 26 ? 3.712   3.720   -11.603 1.00   12.05 ? 25   PRO A O    1 
ATOM   404  C  CB   . PRO A 1 26 ? 0.939   2.579   -12.341 1.00   14.91 ? 25   PRO A CB   1 
ATOM   405  C  CG   . PRO A 1 26 ? -0.329  3.436   -12.466 1.00   21.02 ? 25   PRO A CG   1 
ATOM   406  C  CD   . PRO A 1 26 ? 0.144   4.774   -11.867 1.00   14.45 ? 25   PRO A CD   1 
ATOM   407  D  DA   . PRO A 1 26 ? 1.155   2.419   -10.158 1.00   10.94 ? 25   PRO A DA   1 
ATOM   408  D  DB2  . PRO A 1 26 ? 1.600   2.873   -13.017 1.00   15.91 ? 25   PRO A DB2  1 
ATOM   409  D  DB3  . PRO A 1 26 ? 0.829   1.612   -12.375 1.00   17.25 ? 25   PRO A DB3  1 
ATOM   410  D  DG2  . PRO A 1 26 ? -0.610  3.546   -13.390 1.00   16.58 ? 25   PRO A DG2  1 
ATOM   411  D  DG3  . PRO A 1 26 ? -1.067  3.079   -11.946 1.00   16.06 ? 25   PRO A DG3  1 
ATOM   412  D  DD2  . PRO A 1 26 ? 0.605   5.327   -12.494 1.00   14.24 ? 25   PRO A DD2  1 
ATOM   413  D  DD3  . PRO A 1 26 ? -0.624  5.286   -11.585 1.00   16.36 ? 25   PRO A DD3  1 
ATOM   414  N  N    . GLY A 1 27 ? 3.598   1.849   -10.342 1.00   10.91 ? 26   GLY A N    1 
ATOM   415  C  CA   . GLY A 1 27 ? 5.007   1.624   -10.295 1.00   13.00 ? 26   GLY A CA   1 
ATOM   416  C  C    . GLY A 1 27 ? 5.678   2.264   -9.087  1.00   12.76 ? 26   GLY A C    1 
ATOM   417  O  O    . GLY A 1 27 ? 6.901   2.308   -8.971  1.00   14.77 ? 26   GLY A O    1 
ATOM   418  D  D    . GLY A 1 27 ? 3.111   1.220   -9.948  1.00   13.86 ? 26   GLY A D    1 
ATOM   419  D  DA2  . GLY A 1 27 ? 5.110   0.619   -10.260 1.00   14.56 ? 26   GLY A DA2  1 
ATOM   420  D  DA3  . GLY A 1 27 ? 5.405   2.018   -11.129 1.00   12.56 ? 26   GLY A DA3  1 
ATOM   421  N  N    . THR A 1 28 ? 4.903   2.749   -8.125  1.00   12.71 ? 27   THR A N    1 
ATOM   422  C  CA   . THR A 1 28 ? 5.469   3.331   -6.926  1.00   11.14 ? 27   THR A CA   1 
ATOM   423  C  C    . THR A 1 28 ? 5.683   2.231   -5.879  1.00   10.11 ? 27   THR A C    1 
ATOM   424  O  O    . THR A 1 28 ? 4.739   1.514   -5.485  1.00   10.16 ? 27   THR A O    1 
ATOM   425  C  CB   . THR A 1 28 ? 4.532   4.413   -6.392  1.00   10.58 ? 27   THR A CB   1 
ATOM   426  O  OG1  . THR A 1 28 ? 4.304   5.401   -7.420  1.00   12.51 ? 27   THR A OG1  1 
ATOM   427  C  CG2  . THR A 1 28 ? 5.145   5.072   -5.153  1.00   13.46 ? 27   THR A CG2  1 
ATOM   428  D  D    . THR A 1 28 ? 4.040   2.760   -8.214  1.00   18.38 ? 27   THR A D    1 
ATOM   429  D  DA   . THR A 1 28 ? 6.375   3.785   -7.175  1.00   12.10 ? 27   THR A DA   1 
ATOM   430  D  DB   . THR A 1 28 ? 3.652   3.937   -6.205  1.00   12.62 ? 27   THR A DB   1 
ATOM   431  D  DG1  . THR A 1 28 ? 3.637   5.220   -7.910  1.00   15.15 ? 27   THR A DG1  1 
ATOM   432  D  DG21 . THR A 1 28 ? 6.006   5.464   -5.377  1.00   13.79 ? 27   THR A DG21 1 
ATOM   433  D  DG22 . THR A 1 28 ? 4.530   5.774   -4.828  1.00   14.15 ? 27   THR A DG22 1 
ATOM   434  D  DG23 . THR A 1 28 ? 5.290   4.388   -4.470  1.00   14.71 ? 27   THR A DG23 1 
ATOM   435  N  N    . LYS A 1 29 ? 6.922   2.041   -5.463  1.00   11.34 ? 28   LYS A N    1 
ATOM   436  C  CA   . LYS A 1 29 ? 7.263   1.030   -4.467  1.00   11.88 ? 28   LYS A CA   1 
ATOM   437  C  C    . LYS A 1 29 ? 6.701   1.426   -3.141  1.00   10.12 ? 28   LYS A C    1 
ATOM   438  O  O    . LYS A 1 29 ? 6.502   2.576   -2.868  1.00   9.75  ? 28   LYS A O    1 
ATOM   439  C  CB   . LYS A 1 29 ? 8.789   0.881   -4.319  1.00   15.14 ? 28   LYS A CB   1 
ATOM   440  C  CG   . LYS A 1 29 ? 9.440   0.299   -5.597  1.00   19.27 ? 28   LYS A CG   1 
ATOM   441  C  CD   . LYS A 1 29 ? 10.977  0.103   -5.421  1.00   31.95 ? 28   LYS A CD   1 
ATOM   442  C  CE   . LYS A 1 29 ? 11.561  -0.731  -6.630  1.00   49.79 ? 28   LYS A CE   1 
ATOM   443  N  NZ   . LYS A 1 29 ? 13.049  -0.993  -6.598  1.00   84.51 ? 28   LYS A NZ   1 
ATOM   444  D  D    . LYS A 1 29 ? 7.594   2.585   -5.728  1.00   13.02 ? 28   LYS A D    1 
ATOM   445  D  DA   . LYS A 1 29 ? 6.875   0.148   -4.718  1.00   11.87 ? 28   LYS A DA   1 
ATOM   446  D  DB2  . LYS A 1 29 ? 9.171   1.765   -4.076  1.00   16.42 ? 28   LYS A DB2  1 
ATOM   447  D  DB3  . LYS A 1 29 ? 8.990   0.269   -3.569  1.00   17.90 ? 28   LYS A DB3  1 
ATOM   448  D  DG2  . LYS A 1 29 ? 9.029   -0.565  -5.813  1.00   21.36 ? 28   LYS A DG2  1 
ATOM   449  D  DG3  . LYS A 1 29 ? 9.271   0.923   -6.341  1.00   24.35 ? 28   LYS A DG3  1 
ATOM   450  D  DD2  . LYS A 1 29 ? 11.388  0.988   -5.389  1.00   42.10 ? 28   LYS A DD2  1 
ATOM   451  D  DD3  . LYS A 1 29 ? 11.174  -0.354  -4.576  1.00   34.29 ? 28   LYS A DD3  1 
ATOM   452  D  DE2  . LYS A 1 29 ? 11.123  -1.603  -6.659  1.00   44.53 ? 28   LYS A DE2  1 
ATOM   453  D  DE3  . LYS A 1 29 ? 11.372  -0.258  -7.462  1.00   54.31 ? 28   LYS A DE3  1 
ATOM   454  D  DZ1  . LYS A 1 29 ? 13.324  -1.166  -5.766  1.00   72.85 ? 28   LYS A DZ1  1 
ATOM   455  D  DZ2  . LYS A 1 29 ? 13.243  -1.697  -7.113  1.00   72.63 ? 28   LYS A DZ2  1 
ATOM   456  D  DZ3  . LYS A 1 29 ? 13.487  -0.282  -6.916  1.00   81.30 ? 28   LYS A DZ3  1 
ATOM   457  N  N    . PHE A 1 30 ? 6.355   0.430   -2.349  1.00   10.96 ? 29   PHE A N    1 
ATOM   458  C  CA   . PHE A 1 30 ? 5.744   0.673   -0.992  1.00   10.21 ? 29   PHE A CA   1 
ATOM   459  C  C    . PHE A 1 30 ? 6.656   1.608   -0.153  1.00   12.03 ? 29   PHE A C    1 
ATOM   460  O  O    . PHE A 1 30 ? 6.190   2.515   0.518   1.00   10.11 ? 29   PHE A O    1 
ATOM   461  C  CB   . PHE A 1 30 ? 5.523   -0.674  -0.273  1.00   11.45 ? 29   PHE A CB   1 
ATOM   462  C  CG   . PHE A 1 30 ? 4.756   -0.528  1.024   1.00   12.12 ? 29   PHE A CG   1 
ATOM   463  C  CD1  . PHE A 1 30 ? 3.364   -0.446  1.038   1.00   12.60 ? 29   PHE A CD1  1 
ATOM   464  C  CD2  . PHE A 1 30 ? 5.406   -0.449  2.236   1.00   12.79 ? 29   PHE A CD2  1 
ATOM   465  C  CE1  . PHE A 1 30 ? 2.649   -0.254  2.260   1.00   15.71 ? 29   PHE A CE1  1 
ATOM   466  C  CE2  . PHE A 1 30 ? 4.680   -0.269  3.431   1.00   16.09 ? 29   PHE A CE2  1 
ATOM   467  C  CZ   . PHE A 1 30 ? 3.325   -0.150  3.407   1.00   16.37 ? 29   PHE A CZ   1 
ATOM   468  D  D    . PHE A 1 30 ? 6.405   -0.449  -2.594  1.00   13.08 ? 29   PHE A D    1 
ATOM   469  D  DA   . PHE A 1 30 ? 4.839   1.178   -1.085  1.00   10.33 ? 29   PHE A DA   1 
ATOM   470  D  DB2  . PHE A 1 30 ? 4.981   -1.235  -0.911  1.00   13.78 ? 29   PHE A DB2  1 
ATOM   471  D  DB3  . PHE A 1 30 ? 6.432   -1.063  -0.143  1.00   13.28 ? 29   PHE A DB3  1 
ATOM   472  D  DD1  . PHE A 1 30 ? 2.876   -0.502  0.228   1.00   16.71 ? 29   PHE A DD1  1 
ATOM   473  D  DD2  . PHE A 1 30 ? 6.334   -0.490  2.243   1.00   16.32 ? 29   PHE A DD2  1 
ATOM   474  D  DE1  . PHE A 1 30 ? 1.718   -0.175  2.236   1.00   21.02 ? 29   PHE A DE1  1 
ATOM   475  D  DE2  . PHE A 1 30 ? 5.178   -0.210  4.227   1.00   24.32 ? 29   PHE A DE2  1 
ATOM   476  D  DZ   . PHE A 1 30 ? 2.841   -0.050  4.227   1.00   20.95 ? 29   PHE A DZ   1 
ATOM   477  N  N    . GLU A 1 31 ? 7.970   1.400   -0.203  1.00   13.60 ? 30   GLU A N    1 
ATOM   478  C  CA   . GLU A 1 31 ? 8.903   2.210   0.556   1.00   17.03 ? 30   GLU A CA   1 
ATOM   479  C  C    . GLU A 1 31 ? 8.894   3.667   0.141   1.00   16.25 ? 30   GLU A C    1 
ATOM   480  O  O    . GLU A 1 31 ? 9.293   4.540   0.925   1.00   21.50 ? 30   GLU A O    1 
ATOM   481  C  CB   . GLU A 1 31 ? 10.329  1.610   0.491   1.00   17.86 ? 30   GLU A CB   1 
ATOM   482  C  CG   . GLU A 1 31 ? 10.442  0.186   1.100   1.00   38.07 ? 30   GLU A CG   1 
ATOM   483  C  CD   . GLU A 1 31 ? 10.106  -0.980  0.159   1.00   21.92 ? 30   GLU A CD   1 
ATOM   484  O  OE1  . GLU A 1 31 ? 9.656   -0.782  -0.993  1.00   26.25 ? 30   GLU A OE1  1 
ATOM   485  O  OE2  . GLU A 1 31 ? 10.300  -2.130  0.622   1.00   25.25 ? 30   GLU A OE2  1 
ATOM   486  D  D    . GLU A 1 31 ? 8.370   0.690   -0.615  1.00   15.92 ? 30   GLU A D    1 
ATOM   487  D  DA   . GLU A 1 31 ? 8.602   2.170   1.515   1.00   17.47 ? 30   GLU A DA   1 
ATOM   488  D  DB2  . GLU A 1 31 ? 10.710  1.660   -0.431  1.00   21.34 ? 30   GLU A DB2  1 
ATOM   489  D  DB3  . GLU A 1 31 ? 10.862  2.189   1.065   1.00   30.94 ? 30   GLU A DB3  1 
ATOM   490  D  DG2  . GLU A 1 31 ? 11.350  0.043   1.418   1.00   45.95 ? 30   GLU A DG2  1 
ATOM   491  D  DG3  . GLU A 1 31 ? 9.815   0.117   1.845   1.00   31.17 ? 30   GLU A DG3  1 
ATOM   492  N  N    . GLU A 1 32 ? 8.466   3.944   -1.089  1.00   15.04 ? 31   GLU A N    1 
ATOM   493  C  CA   . GLU A 1 32 ? 8.397   5.301   -1.648  1.00   19.06 ? 31   GLU A CA   1 
ATOM   494  C  C    . GLU A 1 32 ? 7.091   5.999   -1.371  1.00   14.29 ? 31   GLU A C    1 
ATOM   495  O  O    . GLU A 1 32 ? 6.955   7.184   -1.689  1.00   19.47 ? 31   GLU A O    1 
ATOM   496  C  CB   . GLU A 1 32 ? 8.613   5.288   -3.193  1.00   20.36 ? 31   GLU A CB   1 
ATOM   497  C  CG   . GLU A 1 32 ? 9.981   4.852   -3.678  1.00   34.41 ? 31   GLU A CG   1 
ATOM   498  C  CD   . GLU A 1 32 ? 10.078  4.912   -5.204  1.00   28.35 ? 31   GLU A CD   1 
ATOM   499  O  OE1  . GLU A 1 32 ? 9.400   4.119   -5.909  1.00   24.24 ? 31   GLU A OE1  1 
ATOM   500  O  OE2  . GLU A 1 32 ? 10.825  5.779   -5.711  1.00   62.95 ? 31   GLU A OE2  1 
ATOM   501  D  D    . GLU A 1 32 ? 8.119   3.291   -1.630  1.00   13.90 ? 31   GLU A D    1 
ATOM   502  D  DA   . GLU A 1 32 ? 9.078   5.880   -1.217  1.00   22.95 ? 31   GLU A DA   1 
ATOM   503  D  DB2  . GLU A 1 32 ? 7.982   4.709   -3.642  1.00   18.70 ? 31   GLU A DB2  1 
ATOM   504  D  DB3  . GLU A 1 32 ? 8.415   6.171   -3.563  1.00   19.20 ? 31   GLU A DB3  1 
ATOM   505  D  DG2  . GLU A 1 32 ? 10.671  5.428   -3.302  1.00   39.61 ? 31   GLU A DG2  1 
ATOM   506  D  DG3  . GLU A 1 32 ? 10.122  3.942   -3.383  1.00   26.15 ? 31   GLU A DG3  1 
ATOM   507  N  N    . LEU A 1 33 ? 6.107   5.312   -0.765  1.00   12.40 ? 32   LEU A N    1 
ATOM   508  C  CA   . LEU A 1 33 ? 4.860   5.980   -0.451  1.00   12.71 ? 32   LEU A CA   1 
ATOM   509  C  C    . LEU A 1 33 ? 5.149   7.040   0.617   1.00   12.64 ? 32   LEU A C    1 
ATOM   510  O  O    . LEU A 1 33 ? 5.995   6.822   1.461   1.00   15.66 ? 32   LEU A O    1 
ATOM   511  C  CB   . LEU A 1 33 ? 3.843   4.975   0.113   1.00   12.52 ? 32   LEU A CB   1 
ATOM   512  C  CG   . LEU A 1 33 ? 3.333   3.904   -0.887  1.00   10.22 ? 32   LEU A CG   1 
ATOM   513  C  CD1  . LEU A 1 33 ? 2.576   2.782   -0.169  1.00   13.49 ? 32   LEU A CD1  1 
ATOM   514  C  CD2  . LEU A 1 33 ? 2.486   4.571   -1.987  1.00   15.79 ? 32   LEU A CD2  1 
ATOM   515  D  D    . LEU A 1 33 ? 6.184   4.468   -0.489  1.00   13.32 ? 32   LEU A D    1 
ATOM   516  D  DA   . LEU A 1 33 ? 4.509   6.447   -1.296  1.00   13.65 ? 32   LEU A DA   1 
ATOM   517  D  DB2  . LEU A 1 33 ? 4.283   4.485   0.863   1.00   14.63 ? 32   LEU A DB2  1 
ATOM   518  D  DB3  . LEU A 1 33 ? 3.068   5.489   0.482   1.00   13.06 ? 32   LEU A DB3  1 
ATOM   519  D  DG   . LEU A 1 33 ? 4.125   3.478   -1.315  1.00   11.70 ? 32   LEU A DG   1 
ATOM   520  D  DD11 . LEU A 1 33 ? 1.824   3.178   0.309   1.00   13.31 ? 32   LEU A DD11 1 
ATOM   521  D  DD12 . LEU A 1 33 ? 2.278   2.110   -0.835  1.00   13.77 ? 32   LEU A DD12 1 
ATOM   522  D  DD13 . LEU A 1 33 ? 3.150   2.354   0.490   1.00   13.92 ? 32   LEU A DD13 1 
ATOM   523  D  DD21 . LEU A 1 33 ? 3.031   5.262   -2.399  1.00   16.39 ? 32   LEU A DD21 1 
ATOM   524  D  DD22 . LEU A 1 33 ? 2.224   3.908   -2.651  1.00   17.73 ? 32   LEU A DD22 1 
ATOM   525  D  DD23 . LEU A 1 33 ? 1.699   4.976   -1.580  1.00   14.99 ? 32   LEU A DD23 1 
ATOM   526  N  N    . PRO A 1 34 ? 4.426   8.156   0.573   1.00   14.83 ? 33   PRO A N    1 
ATOM   527  C  CA   . PRO A 1 34 ? 4.576   9.181   1.641   1.00   14.81 ? 33   PRO A CA   1 
ATOM   528  C  C    . PRO A 1 34 ? 4.366   8.608   3.037   1.00   14.55 ? 33   PRO A C    1 
ATOM   529  O  O    . PRO A 1 34 ? 3.608   7.647   3.194   1.00   14.35 ? 33   PRO A O    1 
ATOM   530  C  CB   . PRO A 1 34 ? 3.471   10.186  1.289   1.00   32.38 ? 33   PRO A CB   1 
ATOM   531  C  CG   . PRO A 1 34 ? 3.234   9.987   -0.185  1.00   30.62 ? 33   PRO A CG   1 
ATOM   532  C  CD   . PRO A 1 34 ? 3.416   8.541   -0.417  1.00   15.82 ? 33   PRO A CD   1 
ATOM   533  D  DA   . PRO A 1 34 ? 5.487   9.559   1.567   1.00   20.49 ? 33   PRO A DA   1 
ATOM   534  D  DB2  . PRO A 1 34 ? 2.641   9.975   1.762   1.00   36.32 ? 33   PRO A DB2  1 
ATOM   535  D  DB3  . PRO A 1 34 ? 3.772   11.084  1.495   1.00   28.51 ? 33   PRO A DB3  1 
ATOM   536  D  DG2  . PRO A 1 34 ? 2.324   10.223  -0.434  1.00   21.05 ? 33   PRO A DG2  1 
ATOM   537  D  DG3  . PRO A 1 34 ? 3.890   10.501  -0.690  1.00   31.73 ? 33   PRO A DG3  1 
ATOM   538  D  DD2  . PRO A 1 34 ? 2.595   8.040   -0.271  1.00   16.91 ? 33   PRO A DD2  1 
ATOM   539  D  DD3  . PRO A 1 34 ? 3.831   8.377   -1.292  1.00   16.58 ? 33   PRO A DD3  1 
ATOM   540  N  N    . ASP A 1 35 ? 5.014   9.189   4.060   1.00   21.10 ? 34   ASP A N    1 
ATOM   541  C  CA   . ASP A 1 35 ? 4.927   8.657   5.426   1.00   20.42 ? 34   ASP A CA   1 
ATOM   542  C  C    . ASP A 1 35 ? 3.495   8.649   5.937   1.00   18.81 ? 34   ASP A C    1 
ATOM   543  O  O    . ASP A 1 35 ? 3.155   7.812   6.777   1.00   24.74 ? 34   ASP A O    1 
ATOM   544  C  CB   . ASP A 1 35 ? 5.806   9.444   6.420   1.00   31.48 ? 34   ASP A CB   1 
ATOM   545  C  CG   . ASP A 1 35 ? 7.285   9.161   6.255   1.00   34.60 ? 34   ASP A CG   1 
ATOM   546  O  OD1  . ASP A 1 35 ? 7.649   8.268   5.450   1.00   34.68 ? 34   ASP A OD1  1 
ATOM   547  O  OD2  . ASP A 1 35 ? 8.084   9.825   6.961   1.00   30.69 ? 34   ASP A OD2  1 
ATOM   548  D  D    . ASP A 1 35 ? 5.486   9.900   3.950   1.00   26.77 ? 34   ASP A D    1 
ATOM   549  D  DA   . ASP A 1 35 ? 5.224   7.717   5.442   1.00   23.47 ? 34   ASP A DA   1 
ATOM   550  D  DB2  . ASP A 1 35 ? 5.631   10.415  6.292   1.00   20.00 ? 34   ASP A DB2  1 
ATOM   551  D  DB3  . ASP A 1 35 ? 5.585   9.140   7.322   1.00   31.99 ? 34   ASP A DB3  1 
ATOM   552  N  N    . ASP A 1 36 ? 2.671   9.571   5.439   1.00   19.01 ? 35   ASP A N    1 
ATOM   553  C  CA   . ASP A 1 36 ? 1.259   9.656   5.853   1.00   23.15 ? 35   ASP A CA   1 
ATOM   554  C  C    . ASP A 1 36 ? 0.215   9.088   4.839   1.00   18.35 ? 35   ASP A C    1 
ATOM   555  O  O    . ASP A 1 36 ? -0.969  9.411   4.876   1.00   18.18 ? 35   ASP A O    1 
ATOM   556  C  CB   . ASP A 1 36 ? 0.879   11.112  6.052   1.00   41.57 ? 35   ASP A CB   1 
ATOM   557  C  CG   . ASP A 1 36 ? 0.814   11.867  4.744   1.00   27.94 ? 35   ASP A CG   1 
ATOM   558  O  OD1  . ASP A 1 36 ? 1.735   11.699  3.914   1.00   37.24 ? 35   ASP A OD1  1 
ATOM   559  O  OD2  . ASP A 1 36 ? -0.176  12.596  4.526   1.00   38.72 ? 35   ASP A OD2  1 
ATOM   560  D  D    . ASP A 1 36 ? 2.840   10.161  4.815   1.00   19.20 ? 35   ASP A D    1 
ATOM   561  D  DA   . ASP A 1 36 ? 1.215   9.171   6.731   1.00   22.50 ? 35   ASP A DA   1 
ATOM   562  D  DB2  . ASP A 1 36 ? -0.011  11.150  6.430   1.00   32.80 ? 35   ASP A DB2  1 
ATOM   563  D  DB3  . ASP A 1 36 ? 1.519   11.534  6.646   1.00   54.25 ? 35   ASP A DB3  1 
ATOM   564  N  N    . TRP A 1 37 ? 0.686   8.290   3.899   1.00   17.01 ? 36   TRP A N    1 
ATOM   565  C  CA   . TRP A 1 37 ? -0.215  7.444   3.110   1.00   12.09 ? 36   TRP A CA   1 
ATOM   566  C  C    . TRP A 1 37 ? -0.783  6.361   4.048   1.00   8.90  ? 36   TRP A C    1 
ATOM   567  O  O    . TRP A 1 37 ? -0.079  5.809   4.890   1.00   13.46 ? 36   TRP A O    1 
ATOM   568  C  CB   . TRP A 1 37 ? 0.562   6.817   1.948   1.00   13.57 ? 36   TRP A CB   1 
ATOM   569  C  CG   . TRP A 1 37 ? -0.263  5.911   1.053   1.00   12.81 ? 36   TRP A CG   1 
ATOM   570  C  CD1  . TRP A 1 37 ? -0.928  6.264   -0.086  1.00   13.39 ? 36   TRP A CD1  1 
ATOM   571  C  CD2  . TRP A 1 37 ? -0.562  4.512   1.269   1.00   11.85 ? 36   TRP A CD2  1 
ATOM   572  N  NE1  . TRP A 1 37 ? -1.530  5.177   -0.633  1.00   13.11 ? 36   TRP A NE1  1 
ATOM   573  C  CE2  . TRP A 1 37 ? -1.366  4.092   0.190   1.00   10.02 ? 36   TRP A CE2  1 
ATOM   574  C  CE3  . TRP A 1 37 ? -0.204  3.579   2.242   1.00   10.56 ? 36   TRP A CE3  1 
ATOM   575  C  CZ2  . TRP A 1 37 ? -1.799  2.756   0.048   1.00   11.56 ? 36   TRP A CZ2  1 
ATOM   576  C  CZ3  . TRP A 1 37 ? -0.652  2.266   2.112   1.00   11.82 ? 36   TRP A CZ3  1 
ATOM   577  C  CH2  . TRP A 1 37 ? -1.430  1.866   1.035   1.00   13.11 ? 36   TRP A CH2  1 
ATOM   578  D  D    . TRP A 1 37 ? 1.548   8.187   3.788   1.00   18.71 ? 36   TRP A D    1 
ATOM   579  D  DA   . TRP A 1 37 ? -0.959  7.981   2.734   1.00   12.29 ? 36   TRP A DA   1 
ATOM   580  D  DB2  . TRP A 1 37 ? 0.962   7.527   1.410   1.00   19.07 ? 36   TRP A DB2  1 
ATOM   581  D  DB3  . TRP A 1 37 ? 1.301   6.312   2.294   1.00   13.13 ? 36   TRP A DB3  1 
ATOM   582  D  DD1  . TRP A 1 37 ? -0.924  7.141   -0.479  1.00   17.11 ? 36   TRP A DD1  1 
ATOM   583  D  DE1  . TRP A 1 37 ? -2.045  5.203   -1.336  1.00   14.70 ? 36   TRP A DE1  1 
ATOM   584  D  DE3  . TRP A 1 37 ? 0.368   3.845   3.002   1.00   12.21 ? 36   TRP A DE3  1 
ATOM   585  D  DZ2  . TRP A 1 37 ? -2.345  2.488   -0.673  1.00   17.01 ? 36   TRP A DZ2  1 
ATOM   586  D  DZ3  . TRP A 1 37 ? -0.392  1.630   2.783   1.00   15.03 ? 36   TRP A DZ3  1 
ATOM   587  D  DH2  . TRP A 1 37 ? -1.728  0.961   0.971   1.00   16.03 ? 36   TRP A DH2  1 
ATOM   588  N  N    . VAL A 1 38 ? -2.055  6.064   3.857   1.00   9.39  ? 37   VAL A N    1 
ATOM   589  C  CA   . VAL A 1 38 ? -2.717  5.035   4.657   1.00   9.04  ? 37   VAL A CA   1 
ATOM   590  C  C    . VAL A 1 38 ? -3.499  4.081   3.764   1.00   8.35  ? 37   VAL A C    1 
ATOM   591  O  O    . VAL A 1 38 ? -3.794  4.385   2.634   1.00   9.16  ? 37   VAL A O    1 
ATOM   592  C  CB   . VAL A 1 38 ? -3.684  5.639   5.691   1.00   11.58 ? 37   VAL A CB   1 
ATOM   593  C  CG1  . VAL A 1 38 ? -2.885  6.469   6.755   1.00   14.09 ? 37   VAL A CG1  1 
ATOM   594  C  CG2  . VAL A 1 38 ? -4.824  6.440   5.040   1.00   14.56 ? 37   VAL A CG2  1 
ATOM   595  D  D    . VAL A 1 38 ? -2.564  6.458   3.231   1.00   11.83 ? 37   VAL A D    1 
ATOM   596  D  DA   . VAL A 1 38 ? -2.003  4.497   5.131   1.00   10.26 ? 37   VAL A DA   1 
ATOM   597  D  DB   . VAL A 1 38 ? -4.120  4.887   6.228   1.00   13.03 ? 37   VAL A DB   1 
ATOM   598  D  DG11 . VAL A 1 38 ? -2.413  7.202   6.341   1.00   14.50 ? 37   VAL A DG11 1 
ATOM   599  D  DG12 . VAL A 1 38 ? -3.537  6.800   7.389   1.00   18.59 ? 37   VAL A DG12 1 
ATOM   600  D  DG13 . VAL A 1 38 ? -2.239  5.923   7.182   1.00   14.42 ? 37   VAL A DG13 1 
ATOM   601  D  DG21 . VAL A 1 38 ? -5.374  5.895   4.452   1.00   16.96 ? 37   VAL A DG21 1 
ATOM   602  D  DG22 . VAL A 1 38 ? -5.379  6.801   5.770   1.00   18.52 ? 37   VAL A DG22 1 
ATOM   603  D  DG23 . VAL A 1 38 ? -4.443  7.161   4.514   1.00   14.78 ? 37   VAL A DG23 1 
ATOM   604  N  N    . CYS A 1 39 ? -3.884  2.947   4.302   1.00   8.01  ? 38   CYS A N    1 
ATOM   605  C  CA   . CYS A 1 39 ? -4.688  1.995   3.576   1.00   7.41  ? 38   CYS A CA   1 
ATOM   606  C  C    . CYS A 1 39 ? -5.937  2.742   3.078   1.00   8.31  ? 38   CYS A C    1 
ATOM   607  O  O    . CYS A 1 39 ? -6.652  3.334   3.862   1.00   8.50  ? 38   CYS A O    1 
ATOM   608  C  CB   . CYS A 1 39 ? -5.104  0.866   4.527   1.00   8.01  ? 38   CYS A CB   1 
ATOM   609  S  SG   . CYS A 1 39 ? -6.083  -0.449  3.722   1.00   8.65  ? 38   CYS A SG   1 
ATOM   610  D  D    . CYS A 1 39 ? -3.682  2.723   5.127   1.00   14.65 ? 38   CYS A D    1 
ATOM   611  D  DA   . CYS A 1 39 ? -4.128  1.616   2.760   1.00   8.66  ? 38   CYS A DA   1 
ATOM   612  D  DB2  . CYS A 1 39 ? -4.287  0.376   4.916   1.00   8.73  ? 38   CYS A DB2  1 
ATOM   613  D  DB3  . CYS A 1 39 ? -5.639  1.276   5.302   1.00   10.51 ? 38   CYS A DB3  1 
ATOM   614  N  N    . PRO A 1 40 ? -6.271  2.620   1.771   1.00   8.54  ? 39   PRO A N    1 
ATOM   615  C  CA   . PRO A 1 40 ? -7.412  3.402   1.244   1.00   11.52 ? 39   PRO A CA   1 
ATOM   616  C  C    . PRO A 1 40 ? -8.752  2.829   1.669   1.00   11.03 ? 39   PRO A C    1 
ATOM   617  O  O    . PRO A 1 40 ? -9.777  3.508   1.510   1.00   13.41 ? 39   PRO A O    1 
ATOM   618  C  CB   . PRO A 1 40 ? -7.217  3.328   -0.281  1.00   15.50 ? 39   PRO A CB   1 
ATOM   619  C  CG   . PRO A 1 40 ? -6.416  2.116   -0.523  1.00   15.92 ? 39   PRO A CG   1 
ATOM   620  C  CD   . PRO A 1 40 ? -5.487  1.997   0.680   1.00   10.25 ? 39   PRO A CD   1 
ATOM   621  D  DA   . PRO A 1 40 ? -7.399  4.383   1.573   1.00   12.44 ? 39   PRO A DA   1 
ATOM   622  D  DB2  . PRO A 1 40 ? -8.108  3.339   -0.723  1.00   17.76 ? 39   PRO A DB2  1 
ATOM   623  D  DB3  . PRO A 1 40 ? -6.692  4.090   -0.605  1.00   19.02 ? 39   PRO A DB3  1 
ATOM   624  D  DG2  . PRO A 1 40 ? -7.023  1.339   -0.522  1.00   15.19 ? 39   PRO A DG2  1 
ATOM   625  D  DG3  . PRO A 1 40 ? -5.860  2.185   -1.346  1.00   17.24 ? 39   PRO A DG3  1 
ATOM   626  D  DD2  . PRO A 1 40 ? -5.265  1.018   0.931   1.00   11.47 ? 39   PRO A DD2  1 
ATOM   627  D  DD3  . PRO A 1 40 ? -4.622  2.472   0.528   1.00   13.60 ? 39   PRO A DD3  1 
ATOM   628  N  N    . ILE A 1 41 ? -8.802  1.618   2.193   1.00   9.73  ? 40   ILE A N    1 
ATOM   629  C  CA   . ILE A 1 41 ? -10.026 0.995   2.646   1.00   10.41 ? 40   ILE A CA   1 
ATOM   630  C  C    . ILE A 1 41 ? -10.257 1.268   4.134   1.00   9.20  ? 40   ILE A C    1 
ATOM   631  O  O    . ILE A 1 41 ? -11.320 1.693   4.508   1.00   12.94 ? 40   ILE A O    1 
ATOM   632  C  CB   . ILE A 1 41 ? -9.956  -0.577  2.353   1.00   10.71 ? 40   ILE A CB   1 
ATOM   633  C  CG1  . ILE A 1 41 ? -9.687  -0.825  0.841   1.00   13.22 ? 40   ILE A CG1  1 
ATOM   634  C  CG2  . ILE A 1 41 ? -11.194 -1.305  2.879   1.00   18.05 ? 40   ILE A CG2  1 
ATOM   635  C  CD1  . ILE A 1 41 ? -10.671 -0.131  -0.059  1.00   21.98 ? 40   ILE A CD1  1 
ATOM   636  D  D    . ILE A 1 41 ? -8.082  1.147   2.302   1.00   16.01 ? 40   ILE A D    1 
ATOM   637  D  DA   . ILE A 1 41 ? -10.816 1.429   2.151   1.00   12.33 ? 40   ILE A DA   1 
ATOM   638  D  DB   . ILE A 1 41 ? -9.200  -0.956  2.865   1.00   11.50 ? 40   ILE A DB   1 
ATOM   639  D  DG12 . ILE A 1 41 ? -8.762  -0.556  0.568   1.00   13.83 ? 40   ILE A DG12 1 
ATOM   640  D  DG13 . ILE A 1 41 ? -9.724  -1.801  0.674   1.00   19.66 ? 40   ILE A DG13 1 
ATOM   641  D  DG21 . ILE A 1 41 ? -11.989 -0.919  2.509   1.00   18.75 ? 40   ILE A DG21 1 
ATOM   642  D  DG22 . ILE A 1 41 ? -11.102 -2.237  2.648   1.00   18.11 ? 40   ILE A DG22 1 
ATOM   643  D  DG23 . ILE A 1 41 ? -11.214 -1.195  3.837   1.00   20.08 ? 40   ILE A DG23 1 
ATOM   644  D  DD11 . ILE A 1 41 ? -11.561 -0.395  0.197   1.00   26.11 ? 40   ILE A DD11 1 
ATOM   645  D  DD12 . ILE A 1 41 ? -10.623 0.828   -0.004  1.00   20.62 ? 40   ILE A DD12 1 
ATOM   646  D  DD13 . ILE A 1 41 ? -10.448 -0.393  -0.952  1.00   20.64 ? 40   ILE A DD13 1 
ATOM   647  N  N    . CYS A 1 42 ? -9.277  0.943   4.991   1.00   9.37  ? 41   CYS A N    1 
ATOM   648  C  CA   . CYS A 1 42 ? -9.539  0.978   6.436   1.00   9.92  ? 41   CYS A CA   1 
ATOM   649  C  C    . CYS A 1 42 ? -8.837  2.090   7.176   1.00   8.38  ? 41   CYS A C    1 
ATOM   650  O  O    . CYS A 1 42 ? -9.150  2.289   8.349   1.00   9.70  ? 41   CYS A O    1 
ATOM   651  C  CB   . CYS A 1 42 ? -9.212  -0.343  7.082   1.00   10.40 ? 41   CYS A CB   1 
ATOM   652  S  SG   . CYS A 1 42 ? -7.450  -0.708  7.095   1.00   8.39  ? 41   CYS A SG   1 
ATOM   653  D  D    . CYS A 1 42 ? -8.475  0.568   4.695   1.00   9.44  ? 41   CYS A D    1 
ATOM   654  D  DA   . CYS A 1 42 ? -10.527 1.116   6.584   1.00   10.04 ? 41   CYS A DA   1 
ATOM   655  D  DB2  . CYS A 1 42 ? -9.572  -0.397  8.019   1.00   11.41 ? 41   CYS A DB2  1 
ATOM   656  D  DB3  . CYS A 1 42 ? -9.640  -1.057  6.531   1.00   14.53 ? 41   CYS A DB3  1 
ATOM   657  N  N    . GLY A 1 43 ? -7.934  2.792   6.524   1.00   9.31  ? 42   GLY A N    1 
ATOM   658  C  CA   . GLY A 1 43 ? -7.173  3.870   7.139   1.00   9.10  ? 42   GLY A CA   1 
ATOM   659  C  C    . GLY A 1 43 ? -5.926  3.497   7.940   1.00   7.94  ? 42   GLY A C    1 
ATOM   660  O  O    . GLY A 1 43 ? -5.369  4.336   8.628   1.00   8.48  ? 42   GLY A O    1 
ATOM   661  D  D    . GLY A 1 43 ? -7.763  2.728   5.633   1.00   10.76 ? 42   GLY A D    1 
ATOM   662  D  DA2  . GLY A 1 43 ? -6.844  4.474   6.407   1.00   10.79 ? 42   GLY A DA2  1 
ATOM   663  D  DA3  . GLY A 1 43 ? -7.762  4.367   7.780   1.00   13.95 ? 42   GLY A DA3  1 
ATOM   664  N  N    . ALA A 1 44 ? -5.520  2.230   7.930   1.00   8.75  ? 43   ALA A N    1 
ATOM   665  C  CA   . ALA A 1 44 ? -4.379  1.763   8.685   1.00   8.08  ? 43   ALA A CA   1 
ATOM   666  C  C    . ALA A 1 44 ? -3.111  2.419   8.184   1.00   8.55  ? 43   ALA A C    1 
ATOM   667  O  O    . ALA A 1 44 ? -2.916  2.584   6.987   1.00   9.25  ? 43   ALA A O    1 
ATOM   668  C  CB   . ALA A 1 44 ? -4.204  0.216   8.576   1.00   13.41 ? 43   ALA A CB   1 
ATOM   669  D  D    . ALA A 1 44 ? -5.905  1.611   7.439   1.00   16.82 ? 43   ALA A D    1 
ATOM   670  D  DA   . ALA A 1 44 ? -4.552  2.024   9.683   1.00   10.09 ? 43   ALA A DA   1 
ATOM   671  D  DB1  . ALA A 1 44 ? -4.046  -0.014  7.632   1.00   10.84 ? 43   ALA A DB1  1 
ATOM   672  D  DB2  . ALA A 1 44 ? -3.441  -0.100  9.163   1.00   12.26 ? 43   ALA A DB2  1 
ATOM   673  D  DB3  . ALA A 1 44 ? -5.034  -0.226  8.877   1.00   11.57 ? 43   ALA A DB3  1 
ATOM   674  N  N    A PRO A 1 45 ? -2.201  2.766   9.100   0.68   7.73  ? 44   PRO A N    1 
ATOM   675  N  N    B PRO A 1 45 ? -2.200  2.775   9.133   0.32   8.01  ? 44   PRO A N    1 
ATOM   676  C  CA   A PRO A 1 45 ? -0.878  3.255   8.702   0.68   8.11  ? 44   PRO A CA   1 
ATOM   677  C  CA   B PRO A 1 45 ? -0.867  3.249   8.751   0.32   8.24  ? 44   PRO A CA   1 
ATOM   678  C  C    A PRO A 1 45 ? -0.001  2.201   8.047   0.68   8.11  ? 44   PRO A C    1 
ATOM   679  C  C    B PRO A 1 45 ? -0.112  2.199   7.960   0.32   7.78  ? 44   PRO A C    1 
ATOM   680  O  O    A PRO A 1 45 ? -0.231  0.987   8.212   0.68   6.80  ? 44   PRO A O    1 
ATOM   681  O  O    B PRO A 1 45 ? -0.540  1.050   7.861   0.32   8.52  ? 44   PRO A O    1 
ATOM   682  C  CB   A PRO A 1 45 ? -0.326  3.818   9.995   0.68   11.28 ? 44   PRO A CB   1 
ATOM   683  C  CB   B PRO A 1 45 ? -0.186  3.561   10.099  0.32   11.47 ? 44   PRO A CB   1 
ATOM   684  C  CG   A PRO A 1 45 ? -0.973  2.964   11.049  0.68   13.29 ? 44   PRO A CG   1 
ATOM   685  C  CG   B PRO A 1 45 ? -1.366  3.897   11.017  0.32   12.09 ? 44   PRO A CG   1 
ATOM   686  C  CD   A PRO A 1 45 ? -2.387  2.741   10.572  0.68   9.18  ? 44   PRO A CD   1 
ATOM   687  C  CD   B PRO A 1 45 ? -2.343  2.784   10.608  0.32   9.31  ? 44   PRO A CD   1 
ATOM   688  D  DA   A PRO A 1 45 ? -1.017  4.017   8.082   0.68   11.36 ? 44   PRO A DA   1 
ATOM   689  D  DA   B PRO A 1 45 ? -0.969  4.090   8.252   0.32   10.53 ? 44   PRO A DA   1 
ATOM   690  D  DB2  A PRO A 1 45 ? 0.656   3.770   10.028  0.68   12.49 ? 44   PRO A DB2  1 
ATOM   691  D  DB2  B PRO A 1 45 ? 0.273   2.762   10.431  0.32   8.84  ? 44   PRO A DB2  1 
ATOM   692  D  DB3  A PRO A 1 45 ? -0.659  4.739   10.010  0.68   15.14 ? 44   PRO A DB3  1 
ATOM   693  D  DB3  B PRO A 1 45 ? 0.449   4.316   9.935   0.32   10.07 ? 44   PRO A DB3  1 
ATOM   694  D  DG2  A PRO A 1 45 ? -0.467  2.113   11.083  0.68   15.24 ? 44   PRO A DG2  1 
ATOM   695  D  DG2  B PRO A 1 45 ? -1.125  3.848   11.960  0.32   13.87 ? 44   PRO A DG2  1 
ATOM   696  D  DG3  A PRO A 1 45 ? -1.002  3.377   11.951  0.68   15.26 ? 44   PRO A DG3  1 
ATOM   697  D  DG3  B PRO A 1 45 ? -1.700  4.779   10.810  0.32   9.59  ? 44   PRO A DG3  1 
ATOM   698  D  DD2  A PRO A 1 45 ? -2.660  1.844   10.885  0.68   10.48 ? 44   PRO A DD2  1 
ATOM   699  D  DD2  B PRO A 1 45 ? -2.021  1.931   10.957  0.32   12.99 ? 44   PRO A DD2  1 
ATOM   700  D  DD3  A PRO A 1 45 ? -3.025  3.448   10.785  0.68   12.12 ? 44   PRO A DD3  1 
ATOM   701  D  DD3  B PRO A 1 45 ? -3.252  2.940   10.892  0.32   7.60  ? 44   PRO A DD3  1 
ATOM   702  N  N    A LYS A 1 46 ? 1.055   2.687   7.405   0.68   9.04  ? 45   LYS A N    1 
ATOM   703  N  N    B LYS A 1 46 ? 1.017   2.602   7.414   0.32   8.94  ? 45   LYS A N    1 
ATOM   704  C  CA   A LYS A 1 46 ? 2.014   1.815   6.714   0.68   7.52  ? 45   LYS A CA   1 
ATOM   705  C  CA   B LYS A 1 46 ? 1.879   1.689   6.686   0.32   10.07 ? 45   LYS A CA   1 
ATOM   706  C  C    A LYS A 1 46 ? 2.575   0.698   7.578   0.68   8.44  ? 45   LYS A C    1 
ATOM   707  C  C    B LYS A 1 46 ? 2.521   0.644   7.588   0.32   8.88  ? 45   LYS A C    1 
ATOM   708  O  O    A LYS A 1 46 ? 2.815   -0.409  7.069   0.68   9.28  ? 45   LYS A O    1 
ATOM   709  O  O    B LYS A 1 46 ? 2.836   -0.452  7.117   0.32   9.43  ? 45   LYS A O    1 
ATOM   710  C  CB   A LYS A 1 46 ? 3.158   2.621   6.087   0.68   10.79 ? 45   LYS A CB   1 
ATOM   711  C  CB   B LYS A 1 46 ? 2.949   2.504   5.962   0.32   8.92  ? 45   LYS A CB   1 
ATOM   712  C  CG   A LYS A 1 46 ? 2.740   3.498   4.851   0.68   12.26 ? 45   LYS A CG   1 
ATOM   713  C  CG   B LYS A 1 46 ? 2.400   3.248   4.756   0.32   12.03 ? 45   LYS A CG   1 
ATOM   714  C  CD   A LYS A 1 46 ? 3.947   4.279   4.256   0.68   14.51 ? 45   LYS A CD   1 
ATOM   715  C  CD   B LYS A 1 46 ? 3.475   3.978   3.977   0.32   16.54 ? 45   LYS A CD   1 
ATOM   716  C  CE   A LYS A 1 46 ? 4.970   3.356   3.606   0.68   16.45 ? 45   LYS A CE   1 
ATOM   717  C  CE   B LYS A 1 46 ? 4.334   4.975   4.797   0.32   17.04 ? 45   LYS A CE   1 
ATOM   718  N  NZ   A LYS A 1 46 ? 6.161   4.040   2.957   0.68   20.85 ? 45   LYS A NZ   1 
ATOM   719  N  NZ   B LYS A 1 46 ? 5.260   5.762   3.937   0.32   19.55 ? 45   LYS A NZ   1 
ATOM   720  D  D    A LYS A 1 46 ? 1.214   3.600   7.369   0.68   9.98  ? 45   LYS A D    1 
ATOM   721  D  D    B LYS A 1 46 ? 1.291   3.436   7.436   0.32   12.48 ? 45   LYS A D    1 
ATOM   722  D  DA   A LYS A 1 46 ? 1.480   1.377   5.967   0.68   12.47 ? 45   LYS A DA   1 
ATOM   723  D  DA   B LYS A 1 46 ? 1.310   1.186   6.004   0.32   5.17  ? 45   LYS A DA   1 
ATOM   724  D  DB2  A LYS A 1 46 ? 3.546   3.191   6.801   0.68   11.58 ? 45   LYS A DB2  1 
ATOM   725  D  DB2  B LYS A 1 46 ? 3.310   3.166   6.584   0.32   13.95 ? 45   LYS A DB2  1 
ATOM   726  D  DB3  A LYS A 1 46 ? 3.847   1.961   5.799   0.68   11.00 ? 45   LYS A DB3  1 
ATOM   727  D  DB3  B LYS A 1 46 ? 3.666   1.903   5.666   0.32   11.07 ? 45   LYS A DB3  1 
ATOM   728  D  DG2  A LYS A 1 46 ? 2.344   2.920   4.171   0.68   15.31 ? 45   LYS A DG2  1 
ATOM   729  D  DG2  B LYS A 1 46 ? 2.057   2.584   4.134   0.32   11.66 ? 45   LYS A DG2  1 
ATOM   730  D  DG3  A LYS A 1 46 ? 2.063   4.165   5.130   0.68   16.21 ? 45   LYS A DG3  1 
ATOM   731  D  DG3  B LYS A 1 46 ? 1.683   3.858   5.025   0.32   12.87 ? 45   LYS A DG3  1 
ATOM   732  D  DD2  A LYS A 1 46 ? 3.626   4.904   3.582   0.68   21.28 ? 45   LYS A DD2  1 
ATOM   733  D  DD2  B LYS A 1 46 ? 4.076   3.310   3.616   0.32   16.30 ? 45   LYS A DD2  1 
ATOM   734  D  DD3  A LYS A 1 46 ? 4.399   4.781   4.955   0.68   17.29 ? 45   LYS A DD3  1 
ATOM   735  D  DD3  B LYS A 1 46 ? 3.016   4.453   3.253   0.32   10.71 ? 45   LYS A DD3  1 
ATOM   736  D  DE2  A LYS A 1 46 ? 5.293   2.754   4.298   0.68   20.82 ? 45   LYS A DE2  1 
ATOM   737  D  DE2  B LYS A 1 46 ? 3.755   5.614   5.231   0.32   16.31 ? 45   LYS A DE2  1 
ATOM   738  D  DE3  A LYS A 1 46 ? 4.522   2.843   2.915   0.68   21.16 ? 45   LYS A DE3  1 
ATOM   739  D  DE3  B LYS A 1 46 ? 4.889   4.501   5.445   0.32   13.97 ? 45   LYS A DE3  1 
ATOM   740  D  DZ1  A LYS A 1 46 ? 5.922   4.824   2.553   0.68   15.68 ? 45   LYS A DZ1  1 
ATOM   741  D  DZ1  B LYS A 1 46 ? 4.781   6.184   3.311   0.32   15.54 ? 45   LYS A DZ1  1 
ATOM   742  D  DZ2  A LYS A 1 46 ? 6.782   4.216   3.555   0.68   16.24 ? 45   LYS A DZ2  1 
ATOM   743  D  DZ2  B LYS A 1 46 ? 5.691   6.371   4.421   0.32   13.89 ? 45   LYS A DZ2  1 
ATOM   744  D  DZ3  A LYS A 1 46 ? 6.522   3.477   2.369   0.68   18.92 ? 45   LYS A DZ3  1 
ATOM   745  D  DZ3  B LYS A 1 46 ? 5.865   5.233   3.558   0.32   14.55 ? 45   LYS A DZ3  1 
ATOM   746  N  N    . SER A 1 47 ? 2.658   0.946   8.878   1.00   7.84  ? 46   SER A N    1 
ATOM   747  C  CA   . SER A 1 47 ? 3.170   -0.047  9.812   1.00   7.81  ? 46   SER A CA   1 
ATOM   748  C  C    . SER A 1 47 ? 2.400   -1.386  9.772   1.00   7.96  ? 46   SER A C    1 
ATOM   749  O  O    . SER A 1 47 ? 2.945   -2.419  10.166  1.00   9.10  ? 46   SER A O    1 
ATOM   750  C  CB   . SER A 1 47 ? 3.160   0.501   11.255  1.00   9.96  ? 46   SER A CB   1 
ATOM   751  O  OG   . SER A 1 47 ? 1.835   0.818   11.674  1.00   10.77 ? 46   SER A OG   1 
ATOM   752  D  D    . SER A 1 47 ? 2.459   1.771   9.207   1.00   10.15 ? 46   SER A D    1 
ATOM   753  D  DA   . SER A 1 47 ? 4.135   -0.266  9.557   1.00   11.16 ? 46   SER A DA   1 
ATOM   754  D  DB2  . SER A 1 47 ? 3.600   -0.168  11.869  1.00   12.66 ? 46   SER A DB2  1 
ATOM   755  D  DB3  . SER A 1 47 ? 3.682   1.333   11.228  1.00   10.89 ? 46   SER A DB3  1 
ATOM   756  D  DG   . SER A 1 47 ? 1.427   0.105   11.983  1.00   12.89 ? 46   SER A DG   1 
ATOM   757  N  N    . GLU A 1 48 ? 1.152   -1.323  9.350   1.00   8.18  ? 47   GLU A N    1 
ATOM   758  C  CA   . GLU A 1 48 ? 0.269   -2.470  9.412   1.00   8.74  ? 47   GLU A CA   1 
ATOM   759  C  C    . GLU A 1 48 ? 0.232   -3.298  8.114   1.00   7.38  ? 47   GLU A C    1 
ATOM   760  O  O    . GLU A 1 48 ? -0.640  -4.138  7.996   1.00   10.67 ? 47   GLU A O    1 
ATOM   761  C  CB   . GLU A 1 48 ? -1.149  -2.071  9.866   1.00   9.97  ? 47   GLU A CB   1 
ATOM   762  C  CG   . GLU A 1 48 ? -1.185  -1.237  11.161  1.00   12.94 ? 47   GLU A CG   1 
ATOM   763  C  CD   . GLU A 1 48 ? -0.344  -1.878  12.250  1.00   11.26 ? 47   GLU A CD   1 
ATOM   764  O  OE1  . GLU A 1 48 ? -0.807  -2.916  12.748  1.00   13.63 ? 47   GLU A OE1  1 
ATOM   765  O  OE2  . GLU A 1 48 ? 0.772   -1.446  12.575  1.00   11.37 ? 47   GLU A OE2  1 
ATOM   766  D  D    . GLU A 1 48 ? 0.792   -0.537  9.027   1.00   8.80  ? 47   GLU A D    1 
ATOM   767  D  DA   . GLU A 1 48 ? 0.624   -3.142  10.120  1.00   10.95 ? 47   GLU A DA   1 
ATOM   768  D  DB2  . GLU A 1 48 ? -1.570  -1.556  9.150   1.00   11.08 ? 47   GLU A DB2  1 
ATOM   769  D  DB3  . GLU A 1 48 ? -1.713  -2.879  9.993   1.00   13.02 ? 47   GLU A DB3  1 
ATOM   770  D  DG2  . GLU A 1 48 ? -0.857  -0.328  10.923  1.00   10.79 ? 47   GLU A DG2  1 
ATOM   771  D  DG3  . GLU A 1 48 ? -2.124  -1.201  11.472  1.00   13.37 ? 47   GLU A DG3  1 
ATOM   772  N  N    . PHE A 1 49 ? 1.170   -3.048  7.235   1.00   8.00  ? 48   PHE A N    1 
ATOM   773  C  CA   . PHE A 1 49 ? 1.295   -3.804  5.978   1.00   7.22  ? 48   PHE A CA   1 
ATOM   774  C  C    . PHE A 1 49 ? 2.457   -4.777  6.065   1.00   9.10  ? 48   PHE A C    1 
ATOM   775  O  O    . PHE A 1 49 ? 3.487   -4.478  6.660   1.00   10.59 ? 48   PHE A O    1 
ATOM   776  C  CB   . PHE A 1 49 ? 1.534   -2.869  4.796   1.00   10.40 ? 48   PHE A CB   1 
ATOM   777  C  CG   . PHE A 1 49 ? 0.281   -2.163  4.312   1.00   8.94  ? 48   PHE A CG   1 
ATOM   778  C  CD1  . PHE A 1 49 ? -0.305  -1.135  5.055   1.00   10.19 ? 48   PHE A CD1  1 
ATOM   779  C  CD2  . PHE A 1 49 ? -0.327  -2.564  3.146   1.00   9.68  ? 48   PHE A CD2  1 
ATOM   780  C  CE1  . PHE A 1 49 ? -1.466  -0.495  4.600   1.00   8.53  ? 48   PHE A CE1  1 
ATOM   781  C  CE2  . PHE A 1 49 ? -1.513  -1.908  2.681   1.00   9.74  ? 48   PHE A CE2  1 
ATOM   782  C  CZ   . PHE A 1 49 ? -2.080  -0.903  3.429   1.00   9.54  ? 48   PHE A CZ   1 
ATOM   783  D  D    . PHE A 1 49 ? 1.750   -2.433  7.338   1.00   27.43 ? 48   PHE A D    1 
ATOM   784  D  DA   . PHE A 1 49 ? 0.438   -4.343  5.868   1.00   7.85  ? 48   PHE A DA   1 
ATOM   785  D  DB2  . PHE A 1 49 ? 2.235   -2.173  5.048   1.00   11.19 ? 48   PHE A DB2  1 
ATOM   786  D  DB3  . PHE A 1 49 ? 1.864   -3.442  4.023   1.00   11.03 ? 48   PHE A DB3  1 
ATOM   787  D  DD1  . PHE A 1 49 ? 0.082   -0.867  5.906   1.00   11.74 ? 48   PHE A DD1  1 
ATOM   788  D  DD2  . PHE A 1 49 ? 0.087   -3.304  2.643   1.00   10.18 ? 48   PHE A DD2  1 
ATOM   789  D  DE1  . PHE A 1 49 ? -1.842  0.228   5.142   1.00   12.24 ? 48   PHE A DE1  1 
ATOM   790  D  DE2  . PHE A 1 49 ? -1.915  -2.213  1.851   1.00   12.88 ? 48   PHE A DE2  1 
ATOM   791  D  DZ   . PHE A 1 49 ? -2.865  -0.455  3.074   1.00   14.45 ? 48   PHE A DZ   1 
ATOM   792  N  N    . GLU A 1 50 ? 2.305   -5.892  5.401   1.00   9.67  ? 49   GLU A N    1 
ATOM   793  C  CA   . GLU A 1 50 ? 3.323   -6.901  5.301   1.00   10.43 ? 49   GLU A CA   1 
ATOM   794  C  C    . GLU A 1 50 ? 3.562   -7.210  3.824   1.00   9.32  ? 49   GLU A C    1 
ATOM   795  O  O    . GLU A 1 50 ? 2.638   -7.395  3.053   1.00   10.44 ? 49   GLU A O    1 
ATOM   796  C  CB   . GLU A 1 50 ? 2.887   -8.136  6.079   1.00   15.66 ? 49   GLU A CB   1 
ATOM   797  C  CG   . GLU A 1 50 ? 3.959   -9.153  6.234   1.00   24.96 ? 49   GLU A CG   1 
ATOM   798  C  CD   . GLU A 1 50 ? 3.482   -10.376 7.031   1.00   46.50 ? 49   GLU A CD   1 
ATOM   799  O  OE1  . GLU A 1 50 ? 2.250   -10.555 7.179   1.00   33.76 ? 49   GLU A OE1  1 
ATOM   800  O  OE2  . GLU A 1 50 ? 4.343   -11.155 7.507   1.00   40.65 ? 49   GLU A OE2  1 
ATOM   801  D  D    . GLU A 1 50 ? 1.546   -6.088  5.053   1.00   24.26 ? 49   GLU A D    1 
ATOM   802  D  DA   . GLU A 1 50 ? 4.157   -6.511  5.708   1.00   12.52 ? 49   GLU A DA   1 
ATOM   803  D  DB2  . GLU A 1 50 ? 2.696   -7.853  6.995   1.00   32.51 ? 49   GLU A DB2  1 
ATOM   804  D  DB3  . GLU A 1 50 ? 2.081   -8.538  5.708   1.00   14.65 ? 49   GLU A DB3  1 
ATOM   805  D  DG2  . GLU A 1 50 ? 4.282   -9.436  5.367   1.00   26.11 ? 49   GLU A DG2  1 
ATOM   806  D  DG3  . GLU A 1 50 ? 4.686   -8.723  6.722   1.00   38.90 ? 49   GLU A DG3  1 
ATOM   807  N  N    . LYS A 1 51 ? 4.812   -7.369  3.445   1.00   10.07 ? 50   LYS A N    1 
ATOM   808  C  CA   . LYS A 1 51 ? 5.132   -7.709  2.068   1.00   10.04 ? 50   LYS A CA   1 
ATOM   809  C  C    . LYS A 1 51 ? 4.847   -9.191  1.789   1.00   8.49  ? 50   LYS A C    1 
ATOM   810  O  O    . LYS A 1 51 ? 5.228   -10.067 2.591   1.00   10.21 ? 50   LYS A O    1 
ATOM   811  C  CB   . LYS A 1 51 ? 6.606   -7.412  1.788   1.00   14.00 ? 50   LYS A CB   1 
ATOM   812  C  CG   . LYS A 1 51 ? 6.978   -7.496  0.322   1.00   15.94 ? 50   LYS A CG   1 
ATOM   813  C  CD   . LYS A 1 51 ? 8.480   -7.160  0.194   1.00   20.36 ? 50   LYS A CD   1 
ATOM   814  C  CE   . LYS A 1 51 ? 8.800   -6.746  -1.165  1.00   22.72 ? 50   LYS A CE   1 
ATOM   815  N  NZ   . LYS A 1 51 ? 10.261  -6.409  -1.294  1.00   33.66 ? 50   LYS A NZ   1 
ATOM   816  D  D    . LYS A 1 51 ? 5.490   -7.277  4.045   1.00   14.08 ? 50   LYS A D    1 
ATOM   817  D  DA   . LYS A 1 51 ? 4.609   -7.110  1.434   1.00   9.08  ? 50   LYS A DA   1 
ATOM   818  D  DB2  . LYS A 1 51 ? 6.830   -6.483  2.152   1.00   13.65 ? 50   LYS A DB2  1 
ATOM   819  D  DB3  . LYS A 1 51 ? 7.149   -8.087  2.287   1.00   14.60 ? 50   LYS A DB3  1 
ATOM   820  D  DG2  . LYS A 1 51 ? 6.783   -8.410  -0.011  1.00   18.90 ? 50   LYS A DG2  1 
ATOM   821  D  DG3  . LYS A 1 51 ? 6.441   -6.859  -0.210  1.00   15.87 ? 50   LYS A DG3  1 
ATOM   822  D  DD2  . LYS A 1 51 ? 8.695   -6.383  0.744   1.00   24.73 ? 50   LYS A DD2  1 
ATOM   823  D  DD3  . LYS A 1 51 ? 9.040   -7.927  0.477   1.00   22.29 ? 50   LYS A DD3  1 
ATOM   824  D  DE2  . LYS A 1 51 ? 8.561   -7.496  -1.752  1.00   24.96 ? 50   LYS A DE2  1 
ATOM   825  D  DE3  . LYS A 1 51 ? 8.282   -5.946  -1.380  1.00   26.24 ? 50   LYS A DE3  1 
ATOM   826  D  DZ1  . LYS A 1 51 ? 10.731  -7.107  -0.998  1.00   21.36 ? 50   LYS A DZ1  1 
ATOM   827  D  DZ2  . LYS A 1 51 ? 10.441  -6.236  -2.157  1.00   35.10 ? 50   LYS A DZ2  1 
ATOM   828  D  DZ3  . LYS A 1 51 ? 10.490  -5.700  -0.800  1.00   25.16 ? 50   LYS A DZ3  1 
ATOM   829  N  N    . LEU A 1 52 ? 4.206   -9.471  0.662   1.00   9.27  ? 51   LEU A N    1 
ATOM   830  C  CA   . LEU A 1 52 ? 3.880   -10.855 0.271   1.00   10.54 ? 51   LEU A CA   1 
ATOM   831  C  C    . LEU A 1 52 ? 5.003   -11.474 -0.505  1.00   13.68 ? 51   LEU A C    1 
ATOM   832  O  O    . LEU A 1 52 ? 5.045   -11.456 -1.731  1.00   23.63 ? 51   LEU A O    1 
ATOM   833  C  CB   . LEU A 1 52 ? 2.575   -10.872 -0.540  1.00   11.15 ? 51   LEU A CB   1 
ATOM   834  C  CG   . LEU A 1 52 ? 1.353   -10.328 0.243   1.00   13.30 ? 51   LEU A CG   1 
ATOM   835  C  CD1  . LEU A 1 52 ? 0.058   -10.373 -0.653  1.00   15.03 ? 51   LEU A CD1  1 
ATOM   836  C  CD2  . LEU A 1 52 ? 1.125   -11.111 1.591   1.00   16.20 ? 51   LEU A CD2  1 
ATOM   837  D  D    . LEU A 1 52 ? 3.977   -8.820  0.068   1.00   10.17 ? 51   LEU A D    1 
ATOM   838  D  DA   . LEU A 1 52 ? 3.790   -11.399 1.129   1.00   10.90 ? 51   LEU A DA   1 
ATOM   839  D  DB2  . LEU A 1 52 ? 2.699   -10.324 -1.368  1.00   11.90 ? 51   LEU A DB2  1 
ATOM   840  D  DB3  . LEU A 1 52 ? 2.349   -11.846 -0.779  1.00   13.55 ? 51   LEU A DB3  1 
ATOM   841  D  DG   . LEU A 1 52 ? 1.572   -9.371  0.501   1.00   14.86 ? 51   LEU A DG   1 
ATOM   842  D  DD11 . LEU A 1 52 ? -0.120  -11.296 -0.905  1.00   17.30 ? 51   LEU A DD11 1 
ATOM   843  D  DD12 . LEU A 1 52 ? -0.707  -10.030 -0.119  1.00   15.71 ? 51   LEU A DD12 1 
ATOM   844  D  DD13 . LEU A 1 52 ? 0.190   -9.862  -1.451  1.00   16.74 ? 51   LEU A DD13 1 
ATOM   845  D  DD21 . LEU A 1 52 ? 1.082   -12.045 1.344   1.00   15.88 ? 51   LEU A DD21 1 
ATOM   846  D  DD22 . LEU A 1 52 ? 1.860   -10.971 2.206   1.00   16.70 ? 51   LEU A DD22 1 
ATOM   847  D  DD23 . LEU A 1 52 ? 0.292   -10.842 2.030   1.00   15.97 ? 51   LEU A DD23 1 
ATOM   848  N  N    . GLU A 1 53 ? 5.834   -12.154 0.268   1.00   16.39 ? 52   GLU A N    1 
ATOM   849  C  CA   . GLU A 1 53 ? 7.031   -12.839 -0.197  1.00   28.00 ? 52   GLU A CA   1 
ATOM   850  C  C    . GLU A 1 53 ? 7.468   -13.636 1.041   1.00   33.23 ? 52   GLU A C    1 
ATOM   851  O  O    . GLU A 1 53 ? 7.113   -13.265 2.174   1.00   28.95 ? 52   GLU A O    1 
ATOM   852  C  CB   . GLU A 1 53 ? 8.105   -11.836 -0.570  1.00   37.54 ? 52   GLU A CB   1 
ATOM   853  C  CG   . GLU A 1 53 ? 8.886   -11.356 0.661   1.00   44.98 ? 52   GLU A CG   1 
ATOM   854  C  CD   . GLU A 1 53 ? 10.119  -10.567 0.285   1.00   54.74 ? 52   GLU A CD   1 
ATOM   855  O  OE1  . GLU A 1 53 ? 10.381  -10.449 -0.935  1.00   31.70 ? 52   GLU A OE1  1 
ATOM   856  O  OE2  . GLU A 1 53 ? 10.821  -10.086 1.205   1.00   44.06 ? 52   GLU A OE2  1 
ATOM   857  D  D    . GLU A 1 53 ? 5.714   -12.274 1.118   0.38   15.48 ? 52   GLU A D    1 
ATOM   858  D  DA   . GLU A 1 53 ? 6.855   -13.429 -0.965  1.00   31.79 ? 52   GLU A DA   1 
ATOM   859  D  DB2  . GLU A 1 53 ? 8.732   -12.261 -1.187  1.00   58.12 ? 52   GLU A DB2  1 
ATOM   860  D  DB3  . GLU A 1 53 ? 7.682   -11.070 -1.011  1.00   42.82 ? 52   GLU A DB3  1 
ATOM   861  D  DG2  . GLU A 1 53 ? 8.305   -10.817 1.229   1.00   25.22 ? 52   GLU A DG2  1 
ATOM   862  D  DG3  . GLU A 1 53 ? 9.198   -12.125 1.173   1.00   47.24 ? 52   GLU A DG3  1 
ATOM   863  N  N    . ASP A 1 54 ? 8.201   -14.728 0.842   1.00   34.59 ? 53   ASP A N    1 
ATOM   864  C  CA   . ASP A 1 54 ? 8.771   -15.461 1.987   1.00   43.60 ? 53   ASP A CA   1 
ATOM   865  C  C    . ASP A 1 54 ? 9.770   -14.603 2.793   1.00   51.55 ? 53   ASP A C    1 
ATOM   866  O  O    . ASP A 1 54 ? 10.515  -13.769 2.263   1.00   40.00 ? 53   ASP A O    1 
ATOM   867  C  CB   . ASP A 1 54 ? 9.425   -16.804 1.564   1.00   46.57 ? 53   ASP A CB   1 
ATOM   868  C  CG   . ASP A 1 54 ? 10.422  -17.312 2.588   1.00   51.02 ? 53   ASP A CG   1 
ATOM   869  O  OD1  . ASP A 1 54 ? 9.993   -17.904 3.603   1.00   51.17 ? 53   ASP A OD1  1 
ATOM   870  O  OD2  . ASP A 1 54 ? 11.635  -17.117 2.374   1.00   35.67 ? 53   ASP A OD2  1 
ATOM   871  O  OXT  . ASP A 1 54 ? 9.857   -14.728 4.019   1.00   54.73 ? 53   ASP A OXT  1 
ATOM   872  D  D    . ASP A 1 54 ? 8.346   -15.070 0.060   1.00   39.49 ? 53   ASP A D    1 
ATOM   873  D  DA   . ASP A 1 54 ? 8.027   -15.679 2.593   1.00   46.44 ? 53   ASP A DA   1 
ATOM   874  D  DB2  . ASP A 1 54 ? 8.736   -17.483 1.493   1.00   57.27 ? 53   ASP A DB2  1 
ATOM   875  D  DB3  . ASP A 1 54 ? 9.892   -16.727 0.713   1.00   50.71 ? 53   ASP A DB3  1 
HETATM 876  FE FE   . FE  B 2 .  ? -6.655  -1.784  5.410   1.00   7.87  ? 1054 FE  A FE   1 
HETATM 877  D  D    . D8U C 3 .  ? 5.807   -10.387 -1.651  0.62   17.10 ? 1055 D8U A D    1 
HETATM 878  D  D    . D8U D 3 .  ? 9.015   3.503   -7.836  1.00   29.92 ? 1056 D8U A D    1 
HETATM 879  D  D    . D8U E 3 .  ? -0.553  -4.532  12.311  1.00   29.12 ? 1057 D8U A D    1 
HETATM 880  D  D    . D8U F 3 .  ? 1.649   -6.244  -11.122 1.00   30.32 ? 1058 D8U A D    1 
HETATM 881  O  O    . D3O G 4 .  ? 5.008   -9.625  -3.668  1.00   32.82 ? 1059 D3O A O    1 
HETATM 882  D  D1   . D3O G 4 .  ? 5.905   -9.504  -3.668  1.00   26.12 ? 1059 D3O A D1   1 
HETATM 883  D  D2   . D3O G 4 .  ? 4.713   -9.969  -4.453  1.00   24.03 ? 1059 D3O A D2   1 
HETATM 884  D  D3   . D3O G 4 .  ? 4.775   -10.160 -2.985  1.00   25.79 ? 1059 D3O A D3   1 
HETATM 885  O  O    . D3O H 4 .  ? 4.852   6.139   -11.926 1.00   14.19 ? 1060 D3O A O    1 
HETATM 886  D  D1   . D3O H 4 .  ? 4.610   5.267   -11.798 1.00   11.18 ? 1060 D3O A D1   1 
HETATM 887  D  D2   . D3O H 4 .  ? 5.728   6.213   -11.782 1.00   16.03 ? 1060 D3O A D2   1 
HETATM 888  D  D3   . D3O H 4 .  ? 4.425   6.686   -11.360 0.37   11.73 ? 1060 D3O A D3   1 
HETATM 889  O  O    . D3O I 4 .  ? 2.778   5.003   12.145  1.00   23.24 ? 1061 D3O A O    1 
HETATM 890  D  D1   . D3O I 4 .  ? 3.533   5.210   12.570  1.00   23.74 ? 1061 D3O A D1   1 
HETATM 891  D  D2   . D3O I 4 .  ? 2.317   5.749   11.916  1.00   24.32 ? 1061 D3O A D2   1 
HETATM 892  D  D3   . D3O I 4 .  ? 2.286   4.468   12.669  1.00   18.28 ? 1061 D3O A D3   1 
HETATM 893  O  O    . D3O J 4 .  ? -3.791  1.694   -11.291 1.00   31.90 ? 1062 D3O A O    1 
HETATM 894  D  D1   . D3O J 4 .  ? -3.558  1.216   -12.015 1.00   29.93 ? 1062 D3O A D1   1 
HETATM 895  D  D2   . D3O J 4 .  ? -3.052  1.918   -10.844 1.00   25.47 ? 1062 D3O A D2   1 
HETATM 896  D  D3   . D3O J 4 .  ? -4.333  1.217   -10.761 0.32   21.20 ? 1062 D3O A D3   1 
HETATM 897  O  O    . DOD K 5 .  ? 8.877   -3.005  -2.129  0.74   20.32 ? 2001 DOD A O    1 
HETATM 898  D  D1   . DOD K 5 .  ? 9.277   -2.201  -1.717  0.91   24.25 ? 2001 DOD A D1   1 
HETATM 899  D  D2   . DOD K 5 .  ? 8.261   -2.702  -2.827  1.00   20.04 ? 2001 DOD A D2   1 
HETATM 900  O  O    . DOD K 5 .  ? 1.316   5.673   7.270   1.00   13.55 ? 2002 DOD A O    1 
HETATM 901  D  D1   . DOD K 5 .  ? 1.681   6.548   7.445   0.79   24.22 ? 2002 DOD A D1   1 
HETATM 902  D  D2   . DOD K 5 .  ? 0.677   5.797   6.508   1.00   14.76 ? 2002 DOD A D2   1 
HETATM 903  O  O    . DOD K 5 .  ? 2.751   -3.204  13.582  1.00   21.26 ? 2003 DOD A O    1 
HETATM 904  D  D1   . DOD K 5 .  ? 3.337   -3.311  12.803  0.60   16.33 ? 2003 DOD A D1   1 
HETATM 905  D  D2   . DOD K 5 .  ? 2.084   -2.543  13.313  1.00   15.86 ? 2003 DOD A D2   1 
HETATM 906  O  O    . DOD K 5 .  ? 1.759   3.130   13.356  1.00   14.11 ? 2005 DOD A O    1 
HETATM 907  D  D1   . DOD K 5 .  ? 1.078   3.014   14.044  1.00   11.48 ? 2005 DOD A D1   1 
HETATM 908  D  D2   . DOD K 5 .  ? 1.761   2.302   12.840  1.00   13.27 ? 2005 DOD A D2   1 
HETATM 909  O  O    . DOD K 5 .  ? -4.699  5.793   0.299   0.68   11.35 ? 2006 DOD A O    1 
HETATM 910  D  D1   . DOD K 5 .  ? -4.307  5.266   1.010   0.93   13.97 ? 2006 DOD A D1   1 
HETATM 911  D  D2   . DOD K 5 .  ? -4.337  5.475   -0.577  0.64   9.22  ? 2006 DOD A D2   1 
HETATM 912  O  O    . DOD K 5 .  ? -8.472  5.791   4.079   1.00   23.87 ? 2007 DOD A O    1 
HETATM 913  D  D2   . DOD K 5 .  ? -7.965  4.969   3.892   0.98   18.55 ? 2007 DOD A D2   1 
HETATM 914  O  O    . DOD K 5 .  ? -6.741  4.092   -6.675  1.00   15.88 ? 2009 DOD A O    1 
HETATM 915  D  D1   . DOD K 5 .  ? -6.286  4.368   -5.836  1.00   22.13 ? 2009 DOD A D1   1 
HETATM 916  O  O    . DOD K 5 .  ? 3.864   8.194   -6.750  1.00   19.86 ? 2010 DOD A O    1 
HETATM 917  D  D1   . DOD K 5 .  ? 4.233   7.368   -7.125  0.79   15.63 ? 2010 DOD A D1   1 
HETATM 918  D  D2   . DOD K 5 .  ? 4.386   8.389   -5.949  1.00   32.77 ? 2010 DOD A D2   1 
HETATM 919  O  O    . DOD K 5 .  ? 7.455   -7.574  5.334   1.00   22.42 ? 2011 DOD A O    1 
HETATM 920  D  D1   . DOD K 5 .  ? 7.036   -7.938  6.157   1.00   29.06 ? 2011 DOD A D1   1 
HETATM 921  D  D2   . DOD K 5 .  ? 7.150   -6.641  5.269   1.00   18.89 ? 2011 DOD A D2   1 
HETATM 922  O  O    . DOD K 5 .  ? -5.841  1.493   -4.626  0.83   19.32 ? 2012 DOD A O    1 
HETATM 923  D  D1   . DOD K 5 .  ? -6.736  1.073   -4.624  1.00   22.64 ? 2012 DOD A D1   1 
HETATM 924  D  D2   . DOD K 5 .  ? -5.881  2.328   -4.104  0.59   15.87 ? 2012 DOD A D2   1 
HETATM 925  O  O    . DOD K 5 .  ? -0.656  7.519   9.009   0.85   18.00 ? 2013 DOD A O    1 
HETATM 926  D  D1   . DOD K 5 .  ? 0.030   6.893   8.687   0.67   29.96 ? 2013 DOD A D1   1 
HETATM 927  D  D2   . DOD K 5 .  ? -0.219  8.398   9.084   0.61   23.96 ? 2013 DOD A D2   1 
HETATM 928  O  O    . DOD K 5 .  ? -2.821  -1.113  -5.133  1.00   12.66 ? 2014 DOD A O    1 
HETATM 929  D  D1   . DOD K 5 .  ? -2.386  -0.332  -5.493  0.91   12.19 ? 2014 DOD A D1   1 
HETATM 930  D  D2   . DOD K 5 .  ? -3.259  -0.779  -4.305  1.00   13.36 ? 2014 DOD A D2   1 
HETATM 931  O  O    . DOD K 5 .  ? -1.858  9.614   7.841   0.75   23.50 ? 2015 DOD A O    1 
HETATM 932  D  D2   . DOD K 5 .  ? -2.174  10.024  7.008   0.36   22.25 ? 2015 DOD A D2   1 
HETATM 933  O  O    . DOD K 5 .  ? -2.265  -4.530  -11.808 0.38   31.58 ? 2016 DOD A O    1 
HETATM 934  D  D1   . DOD K 5 .  ? -1.890  -4.861  -10.961 1.00   27.00 ? 2016 DOD A D1   1 
HETATM 935  D  D2   . DOD K 5 .  ? -2.423  -3.563  -11.709 0.42   14.58 ? 2016 DOD A D2   1 
HETATM 936  O  O    . DOD K 5 .  ? 2.477   -6.545  -8.691  0.77   30.48 ? 2017 DOD A O    1 
HETATM 937  D  D1   . DOD K 5 .  ? 3.006   -7.246  -8.249  0.96   25.12 ? 2017 DOD A D1   1 
HETATM 938  D  D2   . DOD K 5 .  ? 2.523   -5.750  -8.113  0.73   24.30 ? 2017 DOD A D2   1 
HETATM 939  O  O    . DOD K 5 .  ? -5.266  -9.218  5.866   0.87   19.89 ? 2018 DOD A O    1 
HETATM 940  D  D1   . DOD K 5 .  ? -4.852  -8.347  5.729   0.31   9.45  ? 2018 DOD A D1   1 
HETATM 941  D  D2   . DOD K 5 .  ? -5.788  -9.129  6.693   0.34   13.10 ? 2018 DOD A D2   1 
HETATM 942  O  O    . DOD K 5 .  ? -5.047  0.905   -7.415  1.00   22.10 ? 2021 DOD A O    1 
HETATM 943  D  D1   . DOD K 5 .  ? -5.732  0.722   -6.733  1.00   36.48 ? 2021 DOD A D1   1 
HETATM 944  D  D2   . DOD K 5 .  ? -4.217  1.034   -6.904  0.57   13.32 ? 2021 DOD A D2   1 
HETATM 945  O  O    . DOD K 5 .  ? -4.234  13.124  -6.637  1.00   18.52 ? 2022 DOD A O    1 
HETATM 946  D  D1   . DOD K 5 .  ? -4.325  12.864  -7.580  1.00   20.34 ? 2022 DOD A D1   1 
HETATM 947  D  D2   . DOD K 5 .  ? -3.575  13.863  -6.586  0.53   13.82 ? 2022 DOD A D2   1 
HETATM 948  O  O    . DOD K 5 .  ? 3.658   -4.808  9.842   1.00   26.41 ? 2023 DOD A O    1 
HETATM 949  D  D1   . DOD K 5 .  ? 3.493   -5.026  8.900   0.93   22.50 ? 2023 DOD A D1   1 
HETATM 950  D  D2   . DOD K 5 .  ? 2.880   -4.291  10.144  0.50   13.88 ? 2023 DOD A D2   1 
HETATM 951  O  O    . DOD K 5 .  ? 3.655   3.964   9.481   1.00   14.75 ? 2024 DOD A O    1 
HETATM 952  D  D1   . DOD K 5 .  ? 4.292   4.707   9.422   0.0000 16.57 ? 2024 DOD A D1   1 
HETATM 953  D  D2   . DOD K 5 .  ? 3.132   4.103   10.307  1.00   17.02 ? 2024 DOD A D2   1 
HETATM 954  O  O    . DOD K 5 .  ? -3.388  7.924   1.699   0.49   13.82 ? 2026 DOD A O    1 
HETATM 955  D  D1   . DOD K 5 .  ? -3.676  7.147   1.154   0.66   20.79 ? 2026 DOD A D1   1 
HETATM 956  D  D2   . DOD K 5 .  ? -3.335  8.707   1.109   0.87   26.01 ? 2026 DOD A D2   1 
HETATM 957  O  O    . DOD K 5 .  ? -6.744  7.249   0.987   0.79   25.84 ? 2027 DOD A O    1 
HETATM 958  D  D1   . DOD K 5 .  ? -7.409  7.182   1.714   1.00   22.99 ? 2027 DOD A D1   1 
HETATM 959  D  D2   . DOD K 5 .  ? -6.124  6.483   1.081   0.53   14.98 ? 2027 DOD A D2   1 
HETATM 960  O  O    . DOD K 5 .  ? -4.203  -4.347  -8.432  0.68   29.74 ? 2028 DOD A O    1 
HETATM 961  D  D1   . DOD K 5 .  ? -3.360  -4.755  -8.750  1.00   32.83 ? 2028 DOD A D1   1 
HETATM 962  D  D2   . DOD K 5 .  ? -4.671  -3.966  -9.214  1.00   38.53 ? 2028 DOD A D2   1 
HETATM 963  O  O    . DOD K 5 .  ? 3.861   10.069  -4.512  1.00   28.91 ? 2029 DOD A O    1 
HETATM 964  D  D2   . DOD K 5 .  ? 3.279   10.822  -4.768  1.00   35.69 ? 2029 DOD A D2   1 
HETATM 965  O  O    . DOD K 5 .  ? -2.197  9.293   -1.248  0.37   21.68 ? 2030 DOD A O    1 
HETATM 966  D  D1   . DOD K 5 .  ? -2.099  9.701   -0.361  1.00   33.46 ? 2030 DOD A D1   1 
HETATM 967  D  D2   . DOD K 5 .  ? -1.454  9.616   -1.811  0.38   16.25 ? 2030 DOD A D2   1 
HETATM 968  O  O    . DOD K 5 .  ? 6.875   10.046  9.969   1.00   28.86 ? 2031 DOD A O    1 
HETATM 969  O  O    . DOD K 5 .  ? 1.161   -5.591  12.812  1.00   26.50 ? 2032 DOD A O    1 
HETATM 970  O  O    . DOD K 5 .  ? 4.682   9.942   -9.566  1.00   22.97 ? 2033 DOD A O    1 
HETATM 971  D  D1   . DOD K 5 .  ? 4.112   10.640  -9.964  0.90   22.74 ? 2033 DOD A D1   1 
HETATM 972  D  D2   . DOD K 5 .  ? 4.318   9.092   -9.887  1.00   25.81 ? 2033 DOD A D2   1 
HETATM 973  O  O    . DOD K 5 .  ? -9.377  2.904   -6.681  1.00   38.14 ? 2034 DOD A O    1 
HETATM 974  D  D2   . DOD K 5 .  ? -9.840  3.651   -6.238  1.00   31.96 ? 2034 DOD A D2   1 
HETATM 975  O  O    . DOD K 5 .  ? 6.821   -5.010  7.438   0.70   18.55 ? 2035 DOD A O    1 
HETATM 976  D  D2   . DOD K 5 .  ? 6.438   -4.288  6.890   0.92   30.75 ? 2035 DOD A D2   1 
HETATM 977  O  O    . DOD K 5 .  ? -5.928  6.786   9.483   0.76   22.94 ? 2037 DOD A O    1 
HETATM 978  D  D1   . DOD K 5 .  ? -6.717  7.210   9.076   1.00   26.01 ? 2037 DOD A D1   1 
HETATM 979  D  D2   . DOD K 5 .  ? -5.793  5.940   8.999   0.55   13.97 ? 2037 DOD A D2   1 
HETATM 980  O  O    . DOD K 5 .  ? 6.919   11.556  4.010   0.56   25.77 ? 2038 DOD A O    1 
HETATM 981  D  D1   . DOD K 5 .  ? 6.580   11.892  3.147   0.75   21.06 ? 2038 DOD A D1   1 
HETATM 982  D  D2   . DOD K 5 .  ? 7.698   10.995  3.812   0.77   25.03 ? 2038 DOD A D2   1 
HETATM 983  O  O    A DOD K 5 .  ? 2.532   -11.492 9.784   0.61   22.51 ? 2039 DOD A O    1 
HETATM 984  O  O    B DOD K 5 .  ? 3.427   -12.097 9.367   0.39   12.94 ? 2039 DOD A O    1 
HETATM 985  O  O    . DOD K 5 .  ? 7.327   -15.953 -1.730  0.99   28.98 ? 2040 DOD A O    1 
HETATM 986  D  D1   . DOD K 5 .  ? 7.234   -16.013 -2.712  0.43   21.38 ? 2040 DOD A D1   1 
HETATM 987  D  D2   . DOD K 5 .  ? 7.788   -16.774 -1.446  0.76   33.31 ? 2040 DOD A D2   1 
HETATM 988  O  O    . DOD K 5 .  ? 8.590   -9.231  -4.395  1.00   44.23 ? 2041 DOD A O    1 
HETATM 989  D  D1   . DOD K 5 .  ? 8.412   -9.773  -3.594  1.00   26.28 ? 2041 DOD A D1   1 
HETATM 990  D  D2   . DOD K 5 .  ? 9.463   -8.786  -4.272  1.00   33.62 ? 2041 DOD A D2   1 
HETATM 991  O  O    . DOD K 5 .  ? -0.717  -1.045  -13.205 0.71   15.36 ? 2042 DOD A O    1 
HETATM 992  D  D1   . DOD K 5 .  ? -1.023  -1.979  -13.248 1.00   34.09 ? 2042 DOD A D1   1 
HETATM 993  D  D2   . DOD K 5 .  ? -1.409  -0.511  -13.664 0.95   20.82 ? 2042 DOD A D2   1 
HETATM 994  O  O    . DOD K 5 .  ? -9.782  10.997  -7.033  0.64   30.41 ? 2043 DOD A O    1 
HETATM 995  D  D1   . DOD K 5 .  ? -9.212  11.433  -7.709  1.00   34.33 ? 2043 DOD A D1   1 
HETATM 996  D  D2   . DOD K 5 .  ? -9.488  11.319  -6.148  0.68   30.32 ? 2043 DOD A D2   1 
HETATM 997  O  O    . DOD K 5 .  ? 6.460   6.435   -8.780  1.00   28.11 ? 2044 DOD A O    1 
HETATM 998  D  D1   . DOD K 5 .  ? 5.729   6.088   -8.216  0.34   10.98 ? 2044 DOD A D1   1 
HETATM 999  D  D2   . DOD K 5 .  ? 7.197   6.637   -8.160  1.00   30.52 ? 2044 DOD A D2   1 
HETATM 1000 O  O    . DOD K 5 .  ? 0.405   10.827  10.243  1.00   26.82 ? 2046 DOD A O    1 
HETATM 1001 O  O    . DOD K 5 .  ? -12.266 22.657  0.929   1.00   26.43 ? 2047 DOD A O    1 
HETATM 1002 D  D2   . DOD K 5 .  ? -12.029 23.614  1.000   1.00   31.53 ? 2047 DOD A D2   1 
HETATM 1003 O  O    . DOD K 5 .  ? -6.450  -0.838  -10.277 0.75   26.88 ? 2048 DOD A O    1 
HETATM 1004 D  D1   . DOD K 5 .  ? -5.941  -0.711  -11.112 0.33   18.22 ? 2048 DOD A D1   1 
HETATM 1005 D  D2   . DOD K 5 .  ? -6.092  -0.190  -9.626  1.00   34.21 ? 2048 DOD A D2   1 
HETATM 1006 O  O    . DOD K 5 .  ? -14.588 3.327   -7.739  1.00   33.77 ? 2049 DOD A O    1 
HETATM 1007 D  D1   . DOD K 5 .  ? -15.133 2.662   -7.267  0.95   29.62 ? 2049 DOD A D1   1 
HETATM 1008 D  D2   . DOD K 5 .  ? -14.946 3.369   -8.651  1.00   36.82 ? 2049 DOD A D2   1 
HETATM 1009 O  O    . DOD K 5 .  ? -4.871  -6.239  -6.040  1.00   32.97 ? 2050 DOD A O    1 
HETATM 1010 D  D1   . DOD K 5 .  ? -4.466  -7.067  -5.702  1.00   28.44 ? 2050 DOD A D1   1 
HETATM 1011 D  D2   . DOD K 5 .  ? -5.745  -6.491  -6.414  1.00   34.88 ? 2050 DOD A D2   1 
HETATM 1012 O  O    . DOD K 5 .  ? -4.723  -2.589  -6.816  0.74   25.67 ? 2051 DOD A O    1 
HETATM 1013 D  D1   . DOD K 5 .  ? -4.004  -2.217  -6.243  0.93   26.28 ? 2051 DOD A D1   1 
HETATM 1014 D  D2   . DOD K 5 .  ? -5.537  -2.039  -6.681  1.00   30.69 ? 2051 DOD A D2   1 
HETATM 1015 O  O    . DOD K 5 .  ? -3.646  3.805   -13.306 0.54   14.66 ? 2052 DOD A O    1 
HETATM 1016 D  D1   . DOD K 5 .  ? -3.145  3.976   -14.140 0.85   28.15 ? 2052 DOD A D1   1 
HETATM 1017 D  D2   . DOD K 5 .  ? -4.551  4.165   -13.445 0.70   25.46 ? 2052 DOD A D2   1 
HETATM 1018 O  O    . DOD K 5 .  ? 4.702   6.010   7.920   1.00   23.52 ? 2053 DOD A O    1 
HETATM 1019 O  O    . DOD K 5 .  ? 5.715   -4.434  -13.226 0.78   19.24 ? 2054 DOD A O    1 
HETATM 1020 D  D1   . DOD K 5 .  ? 6.080   -4.062  -14.064 0.42   15.45 ? 2054 DOD A D1   1 
HETATM 1021 O  O    . DOD K 5 .  ? -9.777  8.763   -10.521 1.00   25.01 ? 2055 DOD A O    1 
HETATM 1022 D  D2   . DOD K 5 .  ? -10.396 9.530   -10.494 1.00   33.74 ? 2055 DOD A D2   1 
HETATM 1023 O  O    . DOD K 5 .  ? -6.748  9.169   -10.312 1.00   27.32 ? 2056 DOD A O    1 
HETATM 1024 O  O    . DOD K 5 .  ? -7.346  -10.800 5.341   1.00   32.80 ? 2057 DOD A O    1 
HETATM 1025 D  D1   . DOD K 5 .  ? -7.035  -11.712 5.551   0.64   25.92 ? 2057 DOD A D1   1 
HETATM 1026 D  D2   . DOD K 5 .  ? -6.563  -10.214 5.415   0.54   23.48 ? 2057 DOD A D2   1 
HETATM 1027 O  O    . DOD K 5 .  ? -0.620  10.047  0.650   0.63   22.30 ? 2058 DOD A O    1 
HETATM 1028 D  D1   . DOD K 5 .  ? -0.048  10.502  -0.012  0.76   22.76 ? 2058 DOD A D1   1 
HETATM 1029 D  D2   . DOD K 5 .  ? -0.350  10.384  1.537   0.60   21.72 ? 2058 DOD A D2   1 
HETATM 1030 O  O    . DOD K 5 .  ? 2.420   9.321   9.480   1.00   29.78 ? 2059 DOD A O    1 
HETATM 1031 O  O    . DOD K 5 .  ? 8.791   1.820   -10.688 1.00   29.74 ? 2060 DOD A O    1 
HETATM 1032 O  O    . DOD K 5 .  ? 7.220   -10.839 4.694   1.00   44.15 ? 2062 DOD A O    1 
HETATM 1033 D  D1   . DOD K 5 .  ? 6.571   -10.692 3.970   1.00   27.73 ? 2062 DOD A D1   1 
HETATM 1034 O  O    . DOD K 5 .  ? -10.984 4.580   6.705   0.78   33.47 ? 2064 DOD A O    1 
HETATM 1035 D  D1   . DOD K 5 .  ? -11.397 3.972   6.050   0.97   27.91 ? 2064 DOD A D1   1 
HETATM 1036 D  D2   . DOD K 5 .  ? -10.321 5.115   6.216   0.59   25.77 ? 2064 DOD A D2   1 
HETATM 1037 O  O    . DOD K 5 .  ? -8.002  7.614   6.687   1.00   22.49 ? 2065 DOD A O    1 
HETATM 1038 O  O    . DOD K 5 .  ? 3.582   -5.408  -14.659 0.52   27.00 ? 2067 DOD A O    1 
HETATM 1039 D  D1   . DOD K 5 .  ? 3.383   -4.681  -15.292 0.45   17.16 ? 2067 DOD A D1   1 
HETATM 1040 O  O    . DOD K 5 .  ? 5.669   -10.414 11.517  1.00   24.03 ? 2068 DOD A O    1 
HETATM 1041 O  O    . DOD K 5 .  ? -9.615  -9.200  7.484   1.00   32.39 ? 2069 DOD A O    1 
HETATM 1042 D  D2   . DOD K 5 .  ? -10.159 -8.381  7.446   1.00   39.98 ? 2069 DOD A D2   1 
HETATM 1043 O  O    . DOD K 5 .  ? -2.526  -6.135  12.581  0.57   28.06 ? 2070 DOD A O    1 
HETATM 1044 D  D1   . DOD K 5 .  ? -3.203  -6.847  12.617  0.62   27.59 ? 2070 DOD A D1   1 
HETATM 1045 D  D2   . DOD K 5 .  ? -1.750  -6.445  13.094  0.74   26.47 ? 2070 DOD A D2   1 
HETATM 1046 O  O    . DOD K 5 .  ? 10.814  -2.847  3.325   0.48   15.43 ? 2071 DOD A O    1 
HETATM 1047 D  D1   . DOD K 5 .  ? 10.452  -2.708  2.422   0.27   11.54 ? 2071 DOD A D1   1 
HETATM 1048 O  O    . DOD K 5 .  ? -9.537  6.351   0.067   1.00   30.58 ? 2072 DOD A O    1 
HETATM 1049 O  O    . DOD K 5 .  ? 1.604   -12.162 -8.462  0.91   33.60 ? 2073 DOD A O    1 
HETATM 1050 D  D2   . DOD K 5 .  ? 0.651   -12.172 -8.714  1.00   30.17 ? 2073 DOD A D2   1 
HETATM 1051 O  O    . DOD K 5 .  ? -12.129 -5.771  4.504   0.57   15.68 ? 2074 DOD A O    1 
HETATM 1052 D  D1   . DOD K 5 .  ? -11.272 -6.247  4.396   0.31   10.17 ? 2074 DOD A D1   1 
HETATM 1053 D  D2   . DOD K 5 .  ? -12.592 -6.206  5.256   0.76   31.30 ? 2074 DOD A D2   1 
HETATM 1054 O  O    A DOD K 5 .  ? 8.960   -12.470 8.130   0.39   20.65 ? 2075 DOD A O    1 
HETATM 1055 O  O    B DOD K 5 .  ? 7.935   -12.214 7.527   0.61   29.12 ? 2075 DOD A O    1 
HETATM 1056 O  O    . DOD K 5 .  ? 4.591   -24.730 6.094   1.00   45.48 ? 2076 DOD A O    1 
HETATM 1057 D  D1   . DOD K 5 .  ? 5.096   -23.915 6.317   1.00   36.93 ? 2076 DOD A D1   1 
HETATM 1058 D  D2   . DOD K 5 .  ? 4.483   -25.237 6.930   1.00   39.77 ? 2076 DOD A D2   1 
HETATM 1059 O  O    . DOD K 5 .  ? 11.231  -4.539  0.533   0.43   23.61 ? 2077 DOD A O    1 
HETATM 1060 D  D1   . DOD K 5 .  ? 11.107  -3.589  0.297   0.57   17.69 ? 2077 DOD A D1   1 
HETATM 1061 D  D2   . DOD K 5 .  ? 11.051  -4.636  1.498   0.53   15.12 ? 2077 DOD A D2   1 
HETATM 1062 O  O    . DOD K 5 .  ? 14.597  -0.672  -0.124  0.48   12.85 ? 2078 DOD A O    1 
HETATM 1063 O  O    . DOD K 5 .  ? -5.716  9.587   4.009   0.95   26.54 ? 2079 DOD A O    1 
HETATM 1064 O  O    . DOD K 5 .  ? -3.326  7.492   10.299  0.38   22.97 ? 2080 DOD A O    1 
HETATM 1065 D  D1   . DOD K 5 .  ? -3.398  6.515   10.185  0.91   27.88 ? 2080 DOD A D1   1 
HETATM 1066 D  D2   . DOD K 5 .  ? -4.223  7.835   10.525  0.64   21.87 ? 2080 DOD A D2   1 
HETATM 1067 O  O    . DOD K 5 .  ? 5.881   13.024  0.414   1.00   24.82 ? 2081 DOD A O    1 
HETATM 1068 O  O    A DOD K 5 .  ? 0.816   9.397   13.145  0.60   18.80 ? 2082 DOD A O    1 
HETATM 1069 O  O    B DOD K 5 .  ? 0.247   10.491  12.347  0.40   16.98 ? 2082 DOD A O    1 
HETATM 1070 O  O    . DOD K 5 .  ? 5.144   8.996   -3.677  1.00   30.49 ? 2083 DOD A O    1 
HETATM 1071 D  D1   . DOD K 5 .  ? 5.864   8.333   -3.765  1.00   39.47 ? 2083 DOD A D1   1 
HETATM 1072 O  O    . DOD K 5 .  ? 6.101   -14.125 -2.939  0.97   37.03 ? 2084 DOD A O    1 
HETATM 1073 D  D1   . DOD K 5 .  ? 6.336   -14.564 -2.094  0.81   25.48 ? 2084 DOD A D1   1 
HETATM 1074 D  D2   . DOD K 5 .  ? 6.394   -13.191 -2.860  0.58   27.61 ? 2084 DOD A D2   1 
HETATM 1075 O  O    . DOD K 5 .  ? 8.763   4.006   -10.281 1.00   28.60 ? 2085 DOD A O    1 
HETATM 1076 O  O    . DOD K 5 .  ? 9.127   -6.058  5.031   1.00   29.19 ? 2086 DOD A O    1 
HETATM 1077 O  O    . DOD K 5 .  ? 6.531   7.230   10.562  1.00   29.58 ? 2088 DOD A O    1 
HETATM 1078 O  O    . DOD K 5 .  ? 5.204   17.525  12.437  1.00   28.59 ? 2089 DOD A O    1 
HETATM 1079 O  O    . DOD K 5 .  ? -5.397  -4.341  -4.779  1.00   20.42 ? 2090 DOD A O    1 
HETATM 1080 D  D1   . DOD K 5 .  ? -4.688  -4.037  -4.162  0.58   13.80 ? 2090 DOD A D1   1 
HETATM 1081 D  D2   . DOD K 5 .  ? -5.854  -3.519  -5.086  0.79   24.80 ? 2090 DOD A D2   1 
HETATM 1082 O  O    . DOD K 5 .  ? 1.024   13.605  14.419  1.00   30.28 ? 2091 DOD A O    1 
HETATM 1083 O  O    . DOD K 5 .  ? 14.165  1.446   1.887   0.76   22.30 ? 2093 DOD A O    1 
HETATM 1084 O  O    . DOD K 5 .  ? 4.633   12.237  8.373   1.00   37.45 ? 2094 DOD A O    1 
HETATM 1085 O  O    . DOD K 5 .  ? 9.874   -5.945  -6.669  1.00   29.94 ? 2095 DOD A O    1 
HETATM 1086 O  O    . DOD K 5 .  ? -5.737  10.078  10.530  0.57   24.73 ? 2096 DOD A O    1 
HETATM 1087 D  D1   . DOD K 5 .  ? -5.875  9.412   9.825   0.48   21.71 ? 2096 DOD A D1   1 
HETATM 1088 D  D2   . DOD K 5 .  ? -5.983  10.944  10.142  0.51   32.40 ? 2096 DOD A D2   1 
HETATM 1089 O  O    . DOD K 5 .  ? 8.418   7.288   -6.270  1.00   27.21 ? 2097 DOD A O    1 
HETATM 1090 O  O    . DOD K 5 .  ? 6.178   9.093   -6.102  1.00   28.89 ? 2098 DOD A O    1 
HETATM 1091 O  O    . DOD K 5 .  ? 8.079   6.685   2.285   1.00   30.59 ? 2099 DOD A O    1 
HETATM 1092 D  D1   . DOD K 5 .  ? 7.931   7.574   2.672   1.00   36.60 ? 2099 DOD A D1   1 
HETATM 1093 O  O    . DOD K 5 .  ? 11.949  -4.289  7.086   0.57   21.24 ? 2100 DOD A O    1 
HETATM 1094 D  D2   . DOD K 5 .  ? 11.505  -5.108  7.404   0.86   36.78 ? 2100 DOD A D2   1 
HETATM 1095 O  O    . DOD K 5 .  ? 3.770   -7.540  -14.571 1.00   33.16 ? 2101 DOD A O    1 
HETATM 1096 O  O    . DOD K 5 .  ? 5.657   -10.647 -6.205  0.49   33.26 ? 2102 DOD A O    1 
HETATM 1097 D  D1   . DOD K 5 .  ? 4.798   -10.341 -6.575  1.00   43.35 ? 2102 DOD A D1   1 
HETATM 1098 D  D2   . DOD K 5 .  ? 6.377   -10.160 -6.669  1.00   37.06 ? 2102 DOD A D2   1 
HETATM 1099 O  O    . DOD K 5 .  ? 1.734   10.956  -3.650  0.35   20.81 ? 2103 DOD A O    1 
HETATM 1100 D  D1   . DOD K 5 .  ? 1.287   10.726  -4.492  0.27   11.33 ? 2103 DOD A D1   1 
HETATM 1101 D  D2   . DOD K 5 .  ? 1.441   11.867  -3.428  0.66   21.82 ? 2103 DOD A D2   1 
HETATM 1102 O  O    . DOD K 5 .  ? -0.251  10.887  -2.038  1.00   25.38 ? 2104 DOD A O    1 
HETATM 1103 O  O    . DOD K 5 .  ? -2.661  -4.276  14.871  1.00   36.22 ? 2105 DOD A O    1 
HETATM 1104 D  D1   . DOD K 5 .  ? -2.579  -3.854  13.983  1.00   28.61 ? 2105 DOD A D1   1 
HETATM 1105 O  O    . DOD K 5 .  ? 3.640   -9.817  9.731   1.00   37.26 ? 2106 DOD A O    1 
HETATM 1106 O  O    . DOD K 5 .  ? 6.548   -14.361 -4.811  1.00   26.42 ? 2107 DOD A O    1 
HETATM 1107 O  O    . DOD K 5 .  ? -7.266  11.157  -8.197  1.00   25.85 ? 2108 DOD A O    1 
HETATM 1108 O  O    . DOD K 5 .  ? -6.965  2.313   -9.231  1.00   34.36 ? 2109 DOD A O    1 
HETATM 1109 O  O    . DOD K 5 .  ? 4.116   -7.652  -11.867 1.00   27.94 ? 2110 DOD A O    1 
HETATM 1110 O  O    A DOD K 5 .  ? 8.207   -9.492  10.185  0.69   20.35 ? 2111 DOD A O    1 
HETATM 1111 O  O    B DOD K 5 .  ? 6.757   -8.901  10.561  0.31   13.99 ? 2111 DOD A O    1 
HETATM 1112 O  O    . DOD K 5 .  ? -1.276  -11.061 11.863  1.00   32.32 ? 2112 DOD A O    1 
HETATM 1113 O  O    . DOD K 5 .  ? 6.029   -25.318 9.008   1.00   33.52 ? 2113 DOD A O    1 
HETATM 1114 O  O    . DOD K 5 .  ? 13.629  3.442   2.059   0.44   15.39 ? 2114 DOD A O    1 
HETATM 1115 O  O    . DOD K 5 .  ? 11.372  7.113   0.585   1.00   31.25 ? 2115 DOD A O    1 
HETATM 1116 O  O    . DOD K 5 .  ? 10.465  -6.534  -4.597  0.90   28.30 ? 2116 DOD A O    1 
HETATM 1117 O  O    . DOD K 5 .  ? 11.379  -7.359  6.353   0.79   35.57 ? 2117 DOD A O    1 
HETATM 1118 O  O    . DOD K 5 .  ? 1.024   12.030  2.125   1.00   23.53 ? 2119 DOD A O    1 
HETATM 1119 O  O    . DOD K 5 .  ? 3.046   13.882  1.832   1.00   39.58 ? 2120 DOD A O    1 
HETATM 1120 O  O    . DOD K 5 .  ? 4.860   9.752   10.222  1.00   40.61 ? 2122 DOD A O    1 
HETATM 1121 O  O    . DOD K 5 .  ? -9.437  1.851   -3.123  1.00   29.98 ? 2123 DOD A O    1 
HETATM 1122 O  O    . DOD K 5 .  ? 4.908   -5.603  7.967   0.99   25.71 ? 2124 DOD A O    1 
HETATM 1123 O  O    . DOD K 5 .  ? 7.594   -2.417  6.174   0.77   32.58 ? 2125 DOD A O    1 
HETATM 1124 D  D1   . DOD K 5 .  ? 6.654   -2.311  6.462   0.89   25.43 ? 2125 DOD A D1   1 
HETATM 1125 D  D2   . DOD K 5 .  ? 7.882   -3.341  6.385   0.83   31.76 ? 2125 DOD A D2   1 
HETATM 1126 O  O    . DOD K 5 .  ? 8.912   -5.543  -12.076 0.99   28.46 ? 2126 DOD A O    1 
HETATM 1127 O  O    . DOD K 5 .  ? 12.128  -5.830  -13.552 1.00   33.82 ? 2127 DOD A O    1 
HETATM 1128 O  O    A DOD K 5 .  ? 14.302  7.183   -7.445  0.46   21.60 ? 2128 DOD A O    1 
HETATM 1129 O  O    B DOD K 5 .  ? 13.617  8.660   -8.165  0.33   13.51 ? 2128 DOD A O    1 
HETATM 1130 O  O    C DOD K 5 .  ? 11.974  9.162   -7.436  0.21   8.81  ? 2128 DOD A O    1 
HETATM 1131 O  O    . DOD K 5 .  ? 10.059  -8.114  5.034   1.00   30.98 ? 2130 DOD A O    1 
HETATM 1132 O  O    . DOD K 5 .  ? 9.319   -10.004 3.595   1.00   37.73 ? 2131 DOD A O    1 
HETATM 1133 O  O    . DOD K 5 .  ? 9.994   -6.751  8.273   1.00   24.66 ? 2132 DOD A O    1 
HETATM 1134 O  O    . DOD K 5 .  ? 13.573  -7.895  5.893   0.26   11.42 ? 2133 DOD A O    1 
HETATM 1135 O  O    . DOD K 5 .  ? 11.123  -8.562  -1.155  0.59   25.15 ? 2136 DOD A O    1 
HETATM 1136 O  O    . DOD K 5 .  ? -13.566 5.337   -5.703  1.00   25.02 ? 2138 DOD A O    1 
HETATM 1137 O  O    . DOD K 5 .  ? -11.207 8.490   -7.818  1.00   29.13 ? 2139 DOD A O    1 
HETATM 1138 O  O    . DOD K 5 .  ? -5.770  0.848   -18.568 1.00   32.78 ? 2140 DOD A O    1 
HETATM 1139 O  O    . DOD K 5 .  ? -7.939  2.024   -17.982 0.95   28.38 ? 2141 DOD A O    1 
HETATM 1140 O  O    . DOD K 5 .  ? 0.874   -5.958  15.383  1.00   38.56 ? 2143 DOD A O    1 
HETATM 1141 O  O    . DOD K 5 .  ? 6.492   -9.719  7.523   1.00   25.29 ? 2145 DOD A O    1 
HETATM 1142 O  O    . DOD K 5 .  ? 0.944   -10.524 11.031  1.00   31.01 ? 2146 DOD A O    1 
HETATM 1143 O  O    . DOD K 5 .  ? -2.796  -9.469  12.043  1.00   34.76 ? 2147 DOD A O    1 
HETATM 1144 O  O    . DOD K 5 .  ? 6.723   -18.226 16.394  0.40   12.27 ? 2148 DOD A O    1 
HETATM 1145 O  O    . DOD K 5 .  ? 3.757   -17.217 15.928  0.28   7.41  ? 2149 DOD A O    1 
HETATM 1146 O  O    . DOD K 5 .  ? 1.627   -16.507 12.856  0.94   34.14 ? 2152 DOD A O    1 
HETATM 1147 O  O    . DOD K 5 .  ? -14.391 4.753   6.651   1.00   35.76 ? 2153 DOD A O    1 
HETATM 1148 O  O    . DOD K 5 .  ? -8.416  9.341   1.702   0.47   18.37 ? 2154 DOD A O    1 
HETATM 1149 O  O    . DOD K 5 .  ? -9.354  11.539  1.959   0.23   12.05 ? 2155 DOD A O    1 
HETATM 1150 O  O    . DOD K 5 .  ? 7.130   15.676  1.079   1.00   33.24 ? 2157 DOD A O    1 
HETATM 1151 O  O    . DOD K 5 .  ? 4.470   16.294  0.970   1.00   30.58 ? 2158 DOD A O    1 
HETATM 1152 O  O    . DOD K 5 .  ? 5.912   -7.321  8.924   1.00   34.91 ? 2159 DOD A O    1 
HETATM 1153 O  O    . DOD K 5 .  ? 7.569   12.454  -8.254  1.00   32.49 ? 2160 DOD A O    1 
HETATM 1154 O  O    . DOD K 5 .  ? 2.764   11.604  8.487   1.00   33.26 ? 2161 DOD A O    1 
HETATM 1155 O  O    . DOD K 5 .  ? -0.270  -6.371  -10.497 1.00   34.25 ? 2162 DOD A O    1 
HETATM 1156 O  O    . DOD K 5 .  ? -8.673  0.630   -8.090  1.00   32.84 ? 2163 DOD A O    1 
HETATM 1157 O  O    A DOD K 5 .  ? 12.805  1.586   -2.482  0.71   22.63 ? 2164 DOD A O    1 
HETATM 1158 O  O    B DOD K 5 .  ? 13.307  2.649   -2.881  0.29   8.20  ? 2164 DOD A O    1 
HETATM 1159 O  O    . DOD K 5 .  ? 13.081  5.266   1.491   1.00   33.68 ? 2165 DOD A O    1 
HETATM 1160 O  O    . DOD K 5 .  ? -5.702  8.897   8.033   1.00   27.69 ? 2166 DOD A O    1 
HETATM 1161 O  O    . DOD K 5 .  ? -11.891 -7.328  7.178   1.00   37.33 ? 2167 DOD A O    1 
HETATM 1162 O  O    . DOD K 5 .  ? 14.288  -8.661  0.007   1.00   26.71 ? 2169 DOD A O    1 
HETATM 1163 O  O    . DOD K 5 .  ? -9.999  5.081   9.222   0.68   27.95 ? 2170 DOD A O    1 
HETATM 1164 D  D1   . DOD K 5 .  ? -9.425  5.801   9.573   0.40   14.85 ? 2170 DOD A D1   1 
HETATM 1165 D  D2   . DOD K 5 .  ? -10.048 4.394   9.921   0.74   24.93 ? 2170 DOD A D2   1 
HETATM 1166 O  O    . DOD K 5 .  ? 1.198   14.384  7.731   0.76   35.27 ? 2174 DOD A O    1 
HETATM 1167 O  O    . DOD K 5 .  ? -2.209  15.321  11.058  1.00   34.91 ? 2175 DOD A O    1 
HETATM 1168 O  O    . DOD K 5 .  ? 6.624   -12.287 -4.443  0.85   39.21 ? 2176 DOD A O    1 
HETATM 1169 D  D1   . DOD K 5 .  ? 6.027   -11.674 -3.959  0.67   24.06 ? 2176 DOD A D1   1 
HETATM 1170 D  D2   . DOD K 5 .  ? 6.078   -12.705 -5.150  0.54   25.10 ? 2176 DOD A D2   1 
# 
